data_8RGZ
#
_entry.id   8RGZ
#
_cell.length_a   1.00
_cell.length_b   1.00
_cell.length_c   1.00
_cell.angle_alpha   90.00
_cell.angle_beta   90.00
_cell.angle_gamma   90.00
#
_symmetry.space_group_name_H-M   'P 1'
#
loop_
_entity.id
_entity.type
_entity.pdbx_description
1 polymer 'Envelope glycoprotein B'
2 polymer 'HDIT101 Fab heavy chain'
3 polymer 'HDIT101 Fab light chain'
#
loop_
_entity_poly.entity_id
_entity_poly.type
_entity_poly.pdbx_seq_one_letter_code
_entity_poly.pdbx_strand_id
1 'polypeptide(L)'
;MRQGAPARGCRWFVVWALLGLTLGVLVASAAPSSPGTPGVAAATQAANGGPATPAPPAPGPAPTGDTKPKKNKKPKNPPP
PRPAGDNATVAAGHATLREHLRDIKAENTDANFYVCPPPTGATVVQFEQPRRCPTRPEGQNYTEGIAVVFKENIAPYKFK
ATMYYKDVTVSQVWFGHRYSQFMGIFEDRAPVPFEEVIDKINAKGVCRSTAKYVRNNLETTAFHRDDHETDMELKPANAA
TRTSRGWHTTDLKYNPSRVEAFHRYGTTVNCIVEEVDARSVYPYDEFVLATGDFVYMSPFYGYREGSHTEHTSYAADRFK
QVDGFYARDLTTKARATAPTTRNLLTTPKFTVAWDWVPKRPSVCTMTKWQEVDEMLRSEYGGSFRFSSDAISTTFTTNLT
EYPLSRVDLGDCIGKDARDAMDRIFARRYNATHIKVGQPQYYLANGGFLIAYQPLLSNTLAELYVREHLREQSRKPPNPT
PPPPGASANASVERIKTTSSIEFARLQFTYNHIQRHVNDMLGRVAIAWCELQNHELTLWNEARKLNPNAIASATVGRRVS
ARMLGDVMAVSTCVPVAADNVIVQNSMRISSRPGACYSRPLVSFRYEDQGPLVEGQLGENNELRLTRDAIEPCTVGHRRY
FTFGGGYVYFEEYAYSHQLSRADITTVSTFIDLNITMLEDHEFVPLEVYTRHEIKDSGLLDYTEVQRRNQLHDLRFADID
TVIHADANAAMFAGLGAFFEGMGDLGRAVGKVVMGIVGGVVSAVSGVSSFMSNPFGALAVGLLVLAGLAAAFFAFRYVMR
LQSNPMKALYPLTTKELKNPTNPDASGEGEEGGDFDEAKLAEAREMIRYMALVSAMEHTEHKAKKKGTSALLSAKVTDMV
MRKRRNTNYTQVPNKDGDADEDDLAA
;
A,B,C
2 'polypeptide(L)'
;TLKESGPALVKPTQTLTLTCTFSGFSLSTSGMSVGWIRQPPGKALEWLAHIWWNNDKYYKPALKSRLTISKDTSKNQVVL
TMTNMDPVDTATYYCARIYYGYRPYAMDYWGQGTLVTVSSASTKGPSVFPLAPSSKSTSGGTAALGCLVKDYFPEPVTVS
WNSGALTSGVHTFPAVLQSSGLYSLSSVVTVPSSSLGTQTYICNVNHKPSNTKVDKKVEPKSCDKTHTCPPCPAPELLGG
PSVFLFPPKPKDTLMISRTPEVTCVVVDVSHEDPEVKFNWYVDGVEVHNAKTKPREEQYNSTYRVVSVLTVLHQDWLNGK
EYKCKVSNKALPAPIEKTISKAKGQPREPQVYTLPPSRDELTKNQVSLTCLVKGFYPSDIAVEWESNGQPENNYKTTPPV
LDSDGSFFLYSKLTVDKSRWQQGNVFSCSVMHEALHNHYTQKSLSLSPGK
;
D,H,F
3 'polypeptide(L)'
;IVMTQTPLSLPVTPGEPASISCRSSQSIVHSNGNTYLEWYLQKPGQSPQLLIYKVSNRFSGVPDRFSGSGSGTDFTLKIS
RVEAEDVGVYYCFQGSHVPWSFGQGTKLEIKRTVAAPSVFIFPPSDEQLKSGTASVVCLLNNFYPREAKVQWKVDNALQS
GNSQESVTEQDSKDSTYSLSSTLTLSKADYEKHKVYACEVTHQGLSSPVTKSFNRGEC
;
E,L,G
#
# COMPACT_ATOMS: atom_id res chain seq x y z
N ALA A 111 8.03 15.72 -63.93
CA ALA A 111 7.88 16.50 -65.18
C ALA A 111 8.64 15.82 -66.32
N ASN A 112 8.47 14.50 -66.42
CA ASN A 112 9.20 13.69 -67.39
C ASN A 112 8.20 13.04 -68.34
N PHE A 113 8.45 13.19 -69.64
CA PHE A 113 7.60 12.59 -70.66
C PHE A 113 8.00 11.13 -70.89
N TYR A 114 7.16 10.40 -71.61
CA TYR A 114 7.43 9.01 -71.91
C TYR A 114 7.00 8.69 -73.33
N VAL A 115 7.78 7.86 -74.01
CA VAL A 115 7.43 7.34 -75.31
C VAL A 115 7.08 5.88 -75.13
N CYS A 116 5.85 5.51 -75.46
CA CYS A 116 5.36 4.16 -75.22
C CYS A 116 5.21 3.41 -76.55
N PRO A 117 6.03 2.38 -76.80
CA PRO A 117 5.86 1.57 -78.00
C PRO A 117 4.64 0.68 -77.88
N PRO A 118 4.07 0.22 -79.00
CA PRO A 118 2.96 -0.73 -78.95
C PRO A 118 3.34 -1.98 -78.17
N PRO A 119 2.45 -2.47 -77.29
CA PRO A 119 2.76 -3.65 -76.49
C PRO A 119 2.82 -4.91 -77.34
N THR A 120 3.59 -5.88 -76.83
CA THR A 120 3.73 -7.18 -77.47
C THR A 120 3.37 -8.29 -76.49
N GLY A 121 3.06 -9.46 -77.06
CA GLY A 121 2.60 -10.60 -76.29
C GLY A 121 3.72 -11.27 -75.48
N ALA A 122 4.95 -10.78 -75.60
CA ALA A 122 6.08 -11.39 -74.90
C ALA A 122 5.91 -11.25 -73.38
N THR A 123 5.45 -10.09 -72.94
CA THR A 123 5.33 -9.77 -71.52
C THR A 123 3.85 -9.67 -71.16
N VAL A 124 3.33 -10.71 -70.52
CA VAL A 124 1.92 -10.72 -70.14
C VAL A 124 1.74 -10.70 -68.63
N VAL A 125 0.97 -9.73 -68.13
CA VAL A 125 0.71 -9.66 -66.69
C VAL A 125 -0.77 -9.83 -66.41
N GLN A 126 -1.12 -10.22 -65.20
CA GLN A 126 -2.51 -10.47 -64.87
C GLN A 126 -2.91 -9.95 -63.49
N PHE A 127 -4.17 -9.57 -63.33
CA PHE A 127 -4.64 -9.12 -62.04
C PHE A 127 -4.74 -10.28 -61.06
N GLU A 128 -4.57 -9.93 -59.79
CA GLU A 128 -4.77 -10.88 -58.70
C GLU A 128 -6.24 -11.25 -58.53
N GLN A 129 -6.50 -12.50 -58.21
CA GLN A 129 -7.85 -12.92 -57.81
C GLN A 129 -8.08 -12.50 -56.37
N PRO A 130 -9.34 -12.22 -55.99
CA PRO A 130 -9.63 -11.78 -54.61
C PRO A 130 -9.20 -12.81 -53.59
N ARG A 131 -8.54 -12.34 -52.53
CA ARG A 131 -8.09 -13.17 -51.45
C ARG A 131 -9.27 -13.69 -50.64
N ARG A 132 -9.02 -14.78 -49.90
CA ARG A 132 -10.00 -15.25 -48.93
C ARG A 132 -9.98 -14.25 -47.77
N CYS A 133 -11.02 -13.42 -47.69
CA CYS A 133 -11.04 -12.36 -46.69
C CYS A 133 -11.10 -12.94 -45.28
N PRO A 134 -10.38 -12.34 -44.32
CA PRO A 134 -10.38 -12.85 -42.97
C PRO A 134 -11.79 -12.86 -42.40
N THR A 135 -11.98 -13.73 -41.40
CA THR A 135 -13.25 -13.83 -40.72
C THR A 135 -13.08 -13.34 -39.29
N ARG A 136 -14.20 -12.93 -38.69
CA ARG A 136 -14.18 -12.56 -37.29
C ARG A 136 -13.76 -13.78 -36.47
N PRO A 137 -13.07 -13.59 -35.33
CA PRO A 137 -12.71 -14.73 -34.48
C PRO A 137 -13.91 -15.59 -34.09
N GLU A 138 -13.64 -16.74 -33.48
CA GLU A 138 -14.71 -17.66 -33.07
C GLU A 138 -15.73 -16.96 -32.19
N GLY A 139 -15.27 -15.95 -31.43
CA GLY A 139 -16.11 -15.27 -30.45
C GLY A 139 -15.96 -15.98 -29.12
N GLN A 140 -15.50 -15.24 -28.12
CA GLN A 140 -15.27 -15.81 -26.81
C GLN A 140 -16.60 -16.34 -26.25
N ASN A 141 -16.56 -17.58 -25.76
CA ASN A 141 -17.73 -18.18 -25.13
C ASN A 141 -17.72 -17.81 -23.65
N TYR A 142 -18.59 -16.85 -23.30
CA TYR A 142 -18.63 -16.29 -21.96
C TYR A 142 -19.76 -16.93 -21.19
N THR A 143 -19.43 -17.44 -20.00
CA THR A 143 -20.40 -18.07 -19.14
C THR A 143 -20.73 -17.13 -18.00
N GLU A 144 -21.97 -16.67 -17.96
CA GLU A 144 -22.41 -15.78 -16.90
C GLU A 144 -22.42 -16.55 -15.59
N GLY A 145 -22.34 -15.82 -14.49
CA GLY A 145 -22.40 -16.46 -13.18
C GLY A 145 -22.34 -15.45 -12.06
N ILE A 146 -22.63 -15.92 -10.86
CA ILE A 146 -22.55 -15.12 -9.66
C ILE A 146 -21.31 -15.55 -8.90
N ALA A 147 -20.53 -14.61 -8.41
CA ALA A 147 -19.23 -14.93 -7.84
C ALA A 147 -19.04 -14.22 -6.52
N VAL A 148 -18.31 -14.89 -5.65
CA VAL A 148 -17.86 -14.34 -4.39
C VAL A 148 -16.36 -14.52 -4.34
N VAL A 149 -15.64 -13.39 -4.30
CA VAL A 149 -14.20 -13.41 -4.29
C VAL A 149 -13.75 -13.30 -2.86
N PHE A 150 -12.95 -14.27 -2.43
CA PHE A 150 -12.37 -14.30 -1.12
C PHE A 150 -10.89 -13.98 -1.20
N LYS A 151 -10.44 -13.18 -0.22
CA LYS A 151 -9.04 -12.89 -0.06
C LYS A 151 -8.53 -13.54 1.20
N GLU A 152 -7.20 -13.56 1.35
CA GLU A 152 -6.58 -14.05 2.57
C GLU A 152 -7.04 -13.23 3.77
N ASN A 153 -7.35 -13.92 4.86
CA ASN A 153 -7.86 -13.23 6.04
C ASN A 153 -6.74 -12.63 6.87
N ILE A 154 -6.29 -11.44 6.49
CA ILE A 154 -5.24 -10.77 7.26
C ILE A 154 -5.80 -10.31 8.60
N ALA A 155 -7.11 -10.13 8.67
CA ALA A 155 -7.74 -9.66 9.90
C ALA A 155 -7.77 -10.74 10.97
N PRO A 156 -7.46 -10.36 12.21
CA PRO A 156 -7.50 -11.33 13.30
C PRO A 156 -8.93 -11.71 13.67
N TYR A 157 -9.06 -12.93 14.18
CA TYR A 157 -10.29 -13.31 14.84
C TYR A 157 -10.42 -12.54 16.16
N LYS A 158 -11.58 -11.90 16.33
CA LYS A 158 -11.81 -11.03 17.46
C LYS A 158 -12.97 -11.59 18.28
N PHE A 159 -12.80 -11.55 19.60
CA PHE A 159 -13.84 -11.90 20.51
C PHE A 159 -13.77 -11.11 21.79
N LYS A 160 -14.87 -11.03 22.51
CA LYS A 160 -14.90 -10.29 23.76
C LYS A 160 -14.40 -11.19 24.88
N ALA A 161 -13.46 -10.68 25.67
CA ALA A 161 -13.04 -11.37 26.86
C ALA A 161 -13.23 -10.49 28.09
N THR A 162 -13.14 -11.08 29.24
CA THR A 162 -13.36 -10.38 30.48
C THR A 162 -12.20 -10.72 31.42
N MET A 163 -11.44 -9.69 31.77
CA MET A 163 -10.25 -9.85 32.53
C MET A 163 -10.58 -9.52 33.97
N TYR A 164 -10.50 -10.53 34.82
CA TYR A 164 -10.66 -10.41 36.25
C TYR A 164 -9.28 -10.44 36.85
N TYR A 165 -8.86 -9.35 37.50
CA TYR A 165 -7.63 -9.38 38.25
C TYR A 165 -7.75 -8.46 39.43
N LYS A 166 -6.71 -8.44 40.22
CA LYS A 166 -6.67 -7.61 41.39
C LYS A 166 -5.38 -6.81 41.38
N ASP A 167 -5.52 -5.47 41.26
CA ASP A 167 -4.40 -4.59 41.39
C ASP A 167 -3.97 -4.57 42.85
N VAL A 168 -2.88 -5.25 43.14
CA VAL A 168 -2.35 -5.28 44.48
C VAL A 168 -1.18 -4.31 44.55
N THR A 169 -1.39 -3.17 45.17
CA THR A 169 -0.38 -2.16 45.30
C THR A 169 0.03 -2.11 46.75
N VAL A 170 1.25 -2.54 47.04
CA VAL A 170 1.79 -2.37 48.34
C VAL A 170 2.79 -1.21 48.29
N SER A 171 2.57 -0.18 49.09
CA SER A 171 3.43 0.98 49.12
C SER A 171 4.14 1.09 50.46
N GLN A 172 5.44 1.38 50.40
CA GLN A 172 6.20 1.67 51.58
C GLN A 172 6.38 3.17 51.64
N VAL A 173 6.05 3.76 52.79
CA VAL A 173 6.12 5.19 52.98
C VAL A 173 7.02 5.49 54.14
N TRP A 174 7.87 6.50 53.97
CA TRP A 174 8.67 7.02 55.07
C TRP A 174 8.08 8.33 55.49
N PHE A 175 7.64 8.41 56.75
CA PHE A 175 7.11 9.61 57.32
C PHE A 175 8.21 10.32 58.09
N GLY A 176 8.69 11.42 57.52
CA GLY A 176 9.68 12.26 58.17
C GLY A 176 9.05 13.21 59.17
N HIS A 177 9.87 14.17 59.62
CA HIS A 177 9.39 15.17 60.55
C HIS A 177 8.31 16.05 59.91
N ARG A 178 8.59 16.53 58.69
CA ARG A 178 7.70 17.50 58.06
C ARG A 178 7.10 16.95 56.76
N TYR A 179 7.39 15.70 56.40
CA TYR A 179 6.99 15.22 55.09
C TYR A 179 6.90 13.70 55.05
N SER A 180 6.27 13.21 53.97
CA SER A 180 6.15 11.79 53.70
C SER A 180 6.75 11.51 52.34
N GLN A 181 7.48 10.42 52.24
CA GLN A 181 8.15 10.07 50.99
C GLN A 181 7.88 8.61 50.63
N PHE A 182 7.45 8.37 49.39
CA PHE A 182 7.34 6.98 48.97
C PHE A 182 8.71 6.37 48.75
N MET A 183 9.07 5.36 49.56
CA MET A 183 10.35 4.69 49.38
C MET A 183 10.19 3.41 48.53
N GLY A 184 9.03 3.21 47.92
CA GLY A 184 8.81 2.11 47.03
C GLY A 184 7.33 1.81 46.87
N ILE A 185 6.92 1.42 45.70
CA ILE A 185 5.54 1.06 45.40
C ILE A 185 5.58 -0.20 44.53
N PHE A 186 5.32 -1.34 45.17
CA PHE A 186 5.20 -2.59 44.44
C PHE A 186 3.81 -2.74 43.88
N GLU A 187 3.67 -2.71 42.60
CA GLU A 187 2.38 -2.85 41.95
C GLU A 187 2.38 -4.21 41.25
N ASP A 188 1.40 -5.05 41.60
CA ASP A 188 1.27 -6.37 41.05
C ASP A 188 -0.15 -6.58 40.57
N ARG A 189 -0.31 -7.51 39.62
CA ARG A 189 -1.64 -7.91 39.22
C ARG A 189 -1.83 -9.39 39.54
N ALA A 190 -2.80 -9.70 40.40
CA ALA A 190 -3.06 -11.05 40.85
C ALA A 190 -4.27 -11.60 40.15
N PRO A 191 -4.28 -12.91 39.83
CA PRO A 191 -5.46 -13.50 39.23
C PRO A 191 -6.60 -13.63 40.22
N VAL A 192 -7.83 -13.65 39.69
CA VAL A 192 -9.01 -13.90 40.49
C VAL A 192 -9.39 -15.36 40.34
N PRO A 193 -9.43 -16.16 41.44
CA PRO A 193 -9.70 -17.57 41.33
C PRO A 193 -11.08 -17.91 40.77
N PHE A 194 -11.23 -19.10 40.22
CA PHE A 194 -12.51 -19.50 39.64
C PHE A 194 -13.62 -19.52 40.70
N GLU A 195 -13.30 -19.97 41.90
CA GLU A 195 -14.28 -19.98 42.97
C GLU A 195 -14.72 -18.55 43.30
N GLU A 196 -13.92 -17.56 42.94
CA GLU A 196 -14.23 -16.17 43.17
C GLU A 196 -14.87 -15.49 41.94
N VAL A 197 -14.70 -16.05 40.76
CA VAL A 197 -15.32 -15.50 39.58
C VAL A 197 -16.74 -16.03 39.46
N ILE A 198 -16.93 -17.34 39.69
CA ILE A 198 -18.23 -17.94 39.47
C ILE A 198 -19.12 -17.68 40.69
N ASP A 199 -18.60 -17.94 41.88
CA ASP A 199 -19.42 -17.84 43.08
C ASP A 199 -19.64 -16.40 43.54
N LYS A 200 -18.62 -15.55 43.42
CA LYS A 200 -18.71 -14.19 43.95
C LYS A 200 -19.06 -13.16 42.87
N ILE A 201 -18.25 -13.02 41.83
CA ILE A 201 -18.42 -11.93 40.91
C ILE A 201 -19.63 -12.15 40.04
N ASN A 202 -19.79 -13.35 39.51
CA ASN A 202 -20.88 -13.60 38.58
C ASN A 202 -22.20 -13.79 39.33
N ALA A 203 -22.18 -14.40 40.51
CA ALA A 203 -23.41 -14.73 41.20
C ALA A 203 -23.88 -13.56 42.09
N LYS A 204 -23.02 -13.05 42.96
CA LYS A 204 -23.40 -12.02 43.90
C LYS A 204 -23.02 -10.61 43.46
N GLY A 205 -22.17 -10.49 42.44
CA GLY A 205 -21.73 -9.18 42.01
C GLY A 205 -20.72 -8.50 42.93
N VAL A 206 -20.09 -9.28 43.80
CA VAL A 206 -19.10 -8.76 44.71
C VAL A 206 -17.77 -9.42 44.40
N CYS A 207 -16.75 -9.03 45.14
CA CYS A 207 -15.42 -9.58 44.98
C CYS A 207 -14.75 -9.55 46.33
N ARG A 208 -13.94 -10.55 46.62
CA ARG A 208 -13.25 -10.59 47.90
C ARG A 208 -12.26 -9.44 47.98
N SER A 209 -12.01 -8.97 49.22
CA SER A 209 -11.03 -7.93 49.46
C SER A 209 -9.68 -8.53 49.83
N THR A 210 -9.46 -9.81 49.49
CA THR A 210 -8.14 -10.42 49.60
C THR A 210 -7.81 -11.12 48.30
N ALA A 211 -6.51 -11.10 47.96
CA ALA A 211 -6.01 -11.85 46.82
C ALA A 211 -5.04 -12.92 47.37
N LYS A 212 -5.31 -14.18 47.05
CA LYS A 212 -4.43 -15.28 47.37
C LYS A 212 -3.99 -15.89 46.05
N TYR A 213 -2.71 -15.70 45.73
CA TYR A 213 -2.22 -16.08 44.41
C TYR A 213 -0.77 -16.49 44.54
N VAL A 214 -0.34 -17.30 43.56
CA VAL A 214 1.04 -17.76 43.51
C VAL A 214 1.82 -16.81 42.60
N ARG A 215 2.88 -16.23 43.16
CA ARG A 215 3.74 -15.33 42.42
C ARG A 215 5.18 -15.69 42.80
N ASN A 216 6.02 -15.86 41.75
CA ASN A 216 7.39 -16.19 42.01
C ASN A 216 7.47 -17.37 42.98
N ASN A 217 6.64 -18.39 42.66
CA ASN A 217 6.71 -19.70 43.29
C ASN A 217 6.54 -19.53 44.77
N LEU A 218 5.57 -18.69 45.15
CA LEU A 218 5.22 -18.52 46.56
C LEU A 218 3.74 -18.16 46.61
N GLU A 219 3.05 -18.72 47.61
CA GLU A 219 1.63 -18.44 47.80
C GLU A 219 1.49 -17.19 48.64
N THR A 220 1.31 -16.05 47.96
CA THR A 220 1.21 -14.78 48.67
C THR A 220 -0.24 -14.33 48.80
N THR A 221 -0.54 -13.68 49.90
CA THR A 221 -1.89 -13.21 50.19
C THR A 221 -1.83 -11.72 50.52
N ALA A 222 -2.67 -10.95 49.83
CA ALA A 222 -2.78 -9.52 50.00
C ALA A 222 -4.14 -9.18 50.55
N PHE A 223 -4.16 -8.53 51.72
CA PHE A 223 -5.39 -8.09 52.34
C PHE A 223 -5.56 -6.60 52.14
N HIS A 224 -6.68 -6.22 51.50
CA HIS A 224 -6.95 -4.82 51.24
C HIS A 224 -7.03 -4.05 52.55
N ARG A 225 -6.40 -2.88 52.57
CA ARG A 225 -6.31 -2.00 53.74
C ARG A 225 -5.65 -2.68 54.92
N ASP A 226 -5.01 -3.84 54.72
CA ASP A 226 -4.44 -4.63 55.81
C ASP A 226 -5.49 -4.99 56.85
N ASP A 227 -6.74 -5.15 56.40
CA ASP A 227 -7.85 -5.47 57.27
C ASP A 227 -8.35 -6.88 56.96
N HIS A 228 -9.41 -7.29 57.65
CA HIS A 228 -9.91 -8.64 57.47
C HIS A 228 -10.60 -8.77 56.13
N GLU A 229 -10.75 -10.02 55.67
CA GLU A 229 -11.36 -10.31 54.39
C GLU A 229 -12.80 -9.81 54.39
N THR A 230 -13.17 -9.14 53.30
CA THR A 230 -14.48 -8.55 53.15
C THR A 230 -14.94 -8.70 51.70
N ASP A 231 -16.24 -8.88 51.52
CA ASP A 231 -16.81 -8.84 50.18
C ASP A 231 -17.15 -7.41 49.81
N MET A 232 -16.59 -6.94 48.69
CA MET A 232 -16.70 -5.56 48.26
C MET A 232 -17.46 -5.50 46.95
N GLU A 233 -18.42 -4.59 46.86
CA GLU A 233 -19.25 -4.43 45.69
C GLU A 233 -18.41 -3.90 44.53
N LEU A 234 -18.70 -4.39 43.35
CA LEU A 234 -18.08 -3.89 42.16
C LEU A 234 -18.89 -2.72 41.66
N LYS A 235 -18.27 -1.56 41.54
CA LYS A 235 -18.92 -0.38 40.99
C LYS A 235 -18.28 0.02 39.70
N PRO A 236 -19.01 0.65 38.78
CA PRO A 236 -18.45 1.01 37.48
C PRO A 236 -17.31 2.02 37.61
N ALA A 237 -16.31 1.86 36.74
CA ALA A 237 -15.15 2.73 36.77
C ALA A 237 -15.52 4.08 36.18
N ASN A 238 -14.65 5.05 36.45
CA ASN A 238 -14.83 6.40 35.95
C ASN A 238 -14.79 6.35 34.43
N ALA A 239 -15.72 7.07 33.80
CA ALA A 239 -15.88 6.95 32.36
C ALA A 239 -14.67 7.55 31.66
N ALA A 240 -14.24 6.90 30.59
CA ALA A 240 -13.12 7.41 29.81
C ALA A 240 -13.50 7.28 28.35
N THR A 241 -13.13 8.27 27.54
CA THR A 241 -13.49 8.23 26.13
C THR A 241 -13.03 6.94 25.49
N ARG A 242 -13.87 6.31 24.70
CA ARG A 242 -13.47 5.10 23.99
C ARG A 242 -12.84 4.04 24.88
N THR A 243 -13.48 3.71 25.98
CA THR A 243 -12.97 2.66 26.85
C THR A 243 -14.07 1.66 27.19
N SER A 244 -13.80 0.38 26.94
CA SER A 244 -14.79 -0.66 27.24
C SER A 244 -15.16 -0.65 28.70
N ARG A 245 -16.29 -1.26 29.04
CA ARG A 245 -16.77 -1.24 30.43
C ARG A 245 -15.73 -1.76 31.41
N GLY A 246 -15.80 -1.29 32.65
CA GLY A 246 -14.88 -1.74 33.66
C GLY A 246 -15.48 -1.48 35.04
N TRP A 247 -15.12 -2.33 36.00
CA TRP A 247 -15.61 -2.22 37.36
C TRP A 247 -14.46 -2.40 38.35
N HIS A 248 -14.53 -1.75 39.47
CA HIS A 248 -13.53 -1.89 40.50
C HIS A 248 -14.15 -1.73 41.88
N THR A 249 -13.52 -2.32 42.87
CA THR A 249 -14.03 -2.29 44.20
C THR A 249 -13.52 -1.07 44.98
N THR A 250 -12.22 -0.83 44.91
CA THR A 250 -11.62 0.28 45.62
C THR A 250 -11.35 1.45 44.66
N ASP A 251 -11.48 2.68 45.19
CA ASP A 251 -11.23 3.87 44.38
C ASP A 251 -10.03 4.68 44.87
N LEU A 252 -9.52 4.41 46.04
CA LEU A 252 -8.37 5.14 46.58
C LEU A 252 -7.33 4.11 47.00
N LYS A 253 -6.07 4.44 46.72
CA LYS A 253 -4.94 3.69 47.17
C LYS A 253 -4.82 3.90 48.68
N TYR A 254 -4.85 2.78 49.39
CA TYR A 254 -4.60 2.84 50.83
C TYR A 254 -3.12 2.94 51.06
N ASN A 255 -2.70 4.02 51.72
CA ASN A 255 -1.30 4.20 52.14
C ASN A 255 -1.31 4.24 53.64
N PRO A 256 -0.26 3.77 54.30
CA PRO A 256 -0.23 3.69 55.76
C PRO A 256 -0.44 5.03 56.44
N SER A 257 -1.08 4.97 57.60
CA SER A 257 -1.23 6.12 58.47
C SER A 257 0.13 6.62 58.93
N ARG A 258 0.20 7.92 59.22
CA ARG A 258 1.46 8.54 59.57
C ARG A 258 1.97 7.99 60.90
N VAL A 259 3.24 7.55 60.90
CA VAL A 259 3.97 7.28 62.11
C VAL A 259 5.35 7.92 61.96
N GLU A 260 5.79 8.66 62.97
CA GLU A 260 6.98 9.49 62.84
C GLU A 260 8.23 8.62 62.72
N ALA A 261 9.01 8.85 61.65
CA ALA A 261 10.30 8.24 61.43
C ALA A 261 10.21 6.72 61.38
N PHE A 262 9.17 6.22 60.71
CA PHE A 262 9.00 4.79 60.52
C PHE A 262 8.63 4.52 59.08
N HIS A 263 9.27 3.53 58.49
CA HIS A 263 8.86 2.99 57.21
C HIS A 263 7.64 2.10 57.42
N ARG A 264 6.57 2.36 56.69
CA ARG A 264 5.33 1.66 56.91
C ARG A 264 4.77 1.13 55.59
N TYR A 265 4.23 -0.09 55.65
CA TYR A 265 3.80 -0.78 54.45
C TYR A 265 2.29 -0.82 54.38
N GLY A 266 1.74 -0.52 53.22
CA GLY A 266 0.30 -0.48 53.13
C GLY A 266 -0.22 -1.05 51.82
N THR A 267 -1.19 -1.94 51.96
CA THR A 267 -1.66 -2.75 50.84
C THR A 267 -2.99 -2.26 50.32
N THR A 268 -3.16 -2.27 49.03
CA THR A 268 -4.40 -1.93 48.41
C THR A 268 -4.73 -2.99 47.38
N VAL A 269 -5.83 -3.69 47.60
CA VAL A 269 -6.30 -4.69 46.67
C VAL A 269 -7.52 -4.16 45.98
N ASN A 270 -7.37 -3.77 44.73
CA ASN A 270 -8.49 -3.29 43.98
C ASN A 270 -8.89 -4.39 43.02
N CYS A 271 -10.03 -5.00 43.25
CA CYS A 271 -10.55 -6.03 42.35
C CYS A 271 -11.11 -5.39 41.07
N ILE A 272 -10.45 -5.58 39.96
CA ILE A 272 -10.81 -4.95 38.73
C ILE A 272 -11.33 -5.98 37.72
N VAL A 273 -12.45 -5.67 37.12
CA VAL A 273 -13.07 -6.50 36.11
C VAL A 273 -13.25 -5.67 34.87
N GLU A 274 -12.65 -6.09 33.75
CA GLU A 274 -12.65 -5.27 32.56
C GLU A 274 -13.12 -6.08 31.39
N GLU A 275 -14.07 -5.57 30.64
CA GLU A 275 -14.40 -6.15 29.36
C GLU A 275 -13.41 -5.63 28.33
N VAL A 276 -12.75 -6.54 27.63
CA VAL A 276 -11.72 -6.18 26.66
C VAL A 276 -11.99 -6.93 25.38
N ASP A 277 -11.41 -6.40 24.31
CA ASP A 277 -11.36 -7.12 23.06
C ASP A 277 -10.19 -8.05 23.11
N ALA A 278 -10.31 -9.18 22.42
CA ALA A 278 -9.23 -10.14 22.37
C ALA A 278 -9.09 -10.58 20.95
N ARG A 279 -7.85 -10.77 20.49
CA ARG A 279 -7.65 -11.11 19.09
C ARG A 279 -6.70 -12.28 18.91
N SER A 280 -6.89 -13.03 17.83
CA SER A 280 -6.04 -14.19 17.58
C SER A 280 -5.75 -14.36 16.09
N VAL A 281 -4.51 -14.68 15.76
CA VAL A 281 -4.16 -14.91 14.38
C VAL A 281 -3.75 -16.37 14.19
N TYR A 282 -3.71 -16.79 12.93
CA TYR A 282 -3.42 -18.19 12.59
C TYR A 282 -2.04 -18.55 13.13
N PRO A 283 -1.83 -19.74 13.73
CA PRO A 283 -2.81 -20.83 13.78
C PRO A 283 -3.77 -20.80 14.96
N TYR A 284 -4.04 -19.61 15.48
CA TYR A 284 -4.98 -19.41 16.58
C TYR A 284 -4.55 -20.26 17.75
N ASP A 285 -3.25 -20.27 18.03
CA ASP A 285 -2.75 -21.04 19.18
C ASP A 285 -2.44 -20.12 20.34
N GLU A 286 -2.87 -18.86 20.24
CA GLU A 286 -2.67 -17.86 21.29
C GLU A 286 -3.52 -16.68 20.88
N PHE A 287 -3.84 -15.85 21.88
CA PHE A 287 -4.58 -14.64 21.63
C PHE A 287 -4.12 -13.57 22.60
N VAL A 288 -4.36 -12.32 22.20
CA VAL A 288 -3.97 -11.17 23.01
C VAL A 288 -5.23 -10.56 23.60
N LEU A 289 -5.01 -9.68 24.55
CA LEU A 289 -6.08 -8.90 25.13
C LEU A 289 -5.80 -7.42 24.85
N ALA A 290 -6.81 -6.61 25.02
CA ALA A 290 -6.69 -5.18 24.74
C ALA A 290 -5.60 -4.54 25.62
N THR A 291 -5.26 -5.15 26.74
CA THR A 291 -4.25 -4.60 27.61
C THR A 291 -2.84 -4.94 27.18
N GLY A 292 -2.71 -5.57 26.01
CA GLY A 292 -1.42 -6.00 25.49
C GLY A 292 -0.85 -7.22 26.23
N ASP A 293 -1.70 -7.94 26.99
CA ASP A 293 -1.28 -9.19 27.62
C ASP A 293 -1.51 -10.35 26.67
N PHE A 294 -0.52 -11.22 26.55
CA PHE A 294 -0.65 -12.38 25.68
C PHE A 294 -1.15 -13.54 26.50
N VAL A 295 -2.03 -14.33 25.87
CA VAL A 295 -2.55 -15.54 26.46
C VAL A 295 -2.14 -16.68 25.55
N TYR A 296 -1.36 -17.62 26.12
CA TYR A 296 -0.76 -18.69 25.35
C TYR A 296 -1.64 -19.93 25.40
N MET A 297 -2.87 -19.78 24.94
CA MET A 297 -3.83 -20.85 24.88
C MET A 297 -4.76 -20.53 23.74
N SER A 298 -5.09 -21.51 22.96
CA SER A 298 -5.93 -21.28 21.82
C SER A 298 -7.29 -20.78 22.30
N PRO A 299 -7.92 -19.85 21.56
CA PRO A 299 -9.22 -19.36 21.97
C PRO A 299 -10.26 -20.49 22.06
N PHE A 300 -10.04 -21.59 21.28
CA PHE A 300 -10.98 -22.65 21.11
C PHE A 300 -10.71 -23.85 22.01
N TYR A 301 -9.72 -23.75 22.87
CA TYR A 301 -9.48 -24.82 23.79
C TYR A 301 -10.69 -25.01 24.70
N GLY A 302 -11.15 -26.29 24.82
CA GLY A 302 -12.33 -26.62 25.59
C GLY A 302 -12.35 -28.08 26.00
N TYR A 303 -13.54 -28.68 26.03
CA TYR A 303 -13.69 -30.05 26.47
C TYR A 303 -14.36 -30.97 25.47
N ARG A 304 -15.07 -30.46 24.48
CA ARG A 304 -16.00 -31.25 23.69
C ARG A 304 -15.47 -31.49 22.29
N GLU A 305 -15.34 -32.77 21.92
CA GLU A 305 -15.19 -33.21 20.53
C GLU A 305 -13.98 -32.56 19.86
N GLY A 306 -12.80 -32.87 20.40
CA GLY A 306 -11.57 -32.42 19.79
C GLY A 306 -11.22 -30.98 20.04
N SER A 307 -11.99 -30.27 20.86
CA SER A 307 -11.66 -28.91 21.28
C SER A 307 -10.73 -28.90 22.48
N HIS A 308 -10.02 -30.01 22.72
CA HIS A 308 -9.06 -30.12 23.79
C HIS A 308 -7.65 -30.42 23.29
N THR A 309 -7.49 -30.72 22.01
CA THR A 309 -6.18 -30.89 21.40
C THR A 309 -5.57 -29.56 20.98
N GLU A 310 -6.31 -28.46 21.10
CA GLU A 310 -5.79 -27.15 20.76
C GLU A 310 -4.64 -26.78 21.68
N HIS A 311 -3.89 -25.87 21.26
CA HIS A 311 -2.70 -25.54 22.01
C HIS A 311 -3.02 -24.99 23.38
N THR A 312 -2.27 -25.38 24.37
CA THR A 312 -2.29 -24.75 25.67
C THR A 312 -0.86 -24.81 26.21
N SER A 313 -0.39 -23.67 26.69
CA SER A 313 0.95 -23.57 27.24
C SER A 313 0.90 -23.52 28.73
N TYR A 314 -0.31 -23.64 29.30
CA TYR A 314 -0.44 -23.65 30.75
C TYR A 314 -0.84 -25.05 31.20
N ALA A 315 -0.64 -25.31 32.49
CA ALA A 315 -1.06 -26.57 33.05
C ALA A 315 -2.58 -26.69 32.87
N ALA A 316 -3.07 -27.91 32.83
CA ALA A 316 -4.49 -28.12 32.64
C ALA A 316 -5.26 -27.62 33.87
N ASP A 317 -4.63 -27.45 35.03
CA ASP A 317 -5.34 -26.97 36.22
C ASP A 317 -5.61 -25.47 36.21
N ARG A 318 -5.04 -24.74 35.25
CA ARG A 318 -5.30 -23.30 35.12
C ARG A 318 -6.52 -23.03 34.26
N PHE A 319 -7.15 -24.01 33.68
CA PHE A 319 -8.26 -23.79 32.77
C PHE A 319 -9.51 -24.52 33.32
N LYS A 320 -10.67 -23.87 33.25
CA LYS A 320 -11.91 -24.39 33.73
C LYS A 320 -13.02 -23.88 32.85
N GLN A 321 -13.53 -24.74 32.00
CA GLN A 321 -14.66 -24.42 31.13
C GLN A 321 -15.97 -24.69 31.87
N VAL A 322 -16.59 -23.64 32.42
CA VAL A 322 -17.88 -23.74 33.09
C VAL A 322 -18.98 -23.85 32.08
N ASP A 323 -19.37 -25.08 31.74
CA ASP A 323 -20.43 -25.27 30.75
C ASP A 323 -21.78 -24.88 31.35
N GLY A 324 -22.65 -24.26 30.56
CA GLY A 324 -23.89 -23.74 31.10
C GLY A 324 -23.67 -22.58 32.11
N PHE A 325 -23.22 -21.45 31.60
CA PHE A 325 -22.86 -20.29 32.41
C PHE A 325 -23.93 -19.21 32.23
N TYR A 326 -24.42 -18.69 33.36
CA TYR A 326 -25.41 -17.63 33.36
C TYR A 326 -24.73 -16.31 33.72
N ALA A 327 -24.55 -15.48 32.70
CA ALA A 327 -23.90 -14.18 32.86
C ALA A 327 -24.80 -13.22 33.63
N ARG A 328 -24.29 -12.59 34.68
CA ARG A 328 -24.98 -11.52 35.37
C ARG A 328 -24.22 -10.22 35.19
N ASP A 329 -24.79 -9.32 34.36
CA ASP A 329 -24.16 -8.04 34.08
C ASP A 329 -23.95 -7.26 35.38
N LEU A 330 -22.77 -6.67 35.54
CA LEU A 330 -22.41 -5.99 36.76
C LEU A 330 -23.00 -4.58 36.85
N THR A 331 -23.62 -4.08 35.77
CA THR A 331 -24.30 -2.79 35.80
C THR A 331 -25.80 -2.99 36.00
N THR A 332 -26.42 -3.77 35.12
CA THR A 332 -27.85 -4.00 35.19
C THR A 332 -28.23 -4.94 36.33
N LYS A 333 -27.28 -5.69 36.87
CA LYS A 333 -27.52 -6.67 37.91
C LYS A 333 -28.57 -7.69 37.50
N ALA A 334 -28.56 -8.08 36.23
CA ALA A 334 -29.54 -8.98 35.65
C ALA A 334 -28.86 -10.20 35.07
N ARG A 335 -29.38 -11.39 35.42
CA ARG A 335 -28.80 -12.64 34.98
C ARG A 335 -29.34 -12.99 33.59
N ALA A 336 -28.43 -13.29 32.67
CA ALA A 336 -28.84 -13.60 31.31
C ALA A 336 -29.44 -15.01 31.30
N THR A 337 -30.52 -15.17 30.55
CA THR A 337 -31.29 -16.41 30.56
C THR A 337 -30.57 -17.50 29.76
N ALA A 338 -30.02 -17.16 28.60
CA ALA A 338 -29.44 -18.17 27.73
C ALA A 338 -28.07 -18.57 28.26
N PRO A 339 -27.83 -19.86 28.57
CA PRO A 339 -26.51 -20.29 29.02
C PRO A 339 -25.49 -20.30 27.88
N THR A 340 -24.23 -20.13 28.27
CA THR A 340 -23.12 -20.17 27.33
C THR A 340 -21.97 -20.96 27.95
N THR A 341 -21.06 -21.41 27.09
CA THR A 341 -19.91 -22.16 27.54
C THR A 341 -18.80 -21.16 27.84
N ARG A 342 -18.43 -21.10 29.12
CA ARG A 342 -17.47 -20.09 29.54
C ARG A 342 -16.11 -20.72 29.85
N ASN A 343 -15.06 -20.29 29.16
CA ASN A 343 -13.68 -20.64 29.44
C ASN A 343 -13.11 -19.67 30.45
N LEU A 344 -12.39 -20.18 31.39
CA LEU A 344 -11.73 -19.34 32.38
C LEU A 344 -10.31 -19.81 32.57
N LEU A 345 -9.36 -19.00 32.18
CA LEU A 345 -7.94 -19.28 32.33
C LEU A 345 -7.31 -18.34 33.32
N THR A 346 -6.64 -18.86 34.28
CA THR A 346 -6.03 -18.09 35.32
C THR A 346 -4.53 -18.04 35.08
N THR A 347 -4.08 -17.04 34.33
CA THR A 347 -2.69 -16.75 34.04
C THR A 347 -2.02 -16.22 35.30
N PRO A 348 -0.68 -16.21 35.35
CA PRO A 348 0.00 -15.74 36.57
C PRO A 348 -0.32 -14.30 36.97
N LYS A 349 -0.81 -13.51 36.02
CA LYS A 349 -1.03 -12.09 36.21
C LYS A 349 -2.49 -11.75 36.36
N PHE A 350 -3.41 -12.58 35.85
CA PHE A 350 -4.82 -12.24 35.83
C PHE A 350 -5.62 -13.50 35.53
N THR A 351 -6.92 -13.31 35.32
CA THR A 351 -7.85 -14.34 34.87
C THR A 351 -8.61 -13.82 33.65
N VAL A 352 -8.78 -14.64 32.67
CA VAL A 352 -9.56 -14.27 31.50
C VAL A 352 -10.70 -15.25 31.41
N ALA A 353 -11.88 -14.71 31.07
CA ALA A 353 -13.01 -15.51 30.73
C ALA A 353 -13.47 -15.12 29.36
N TRP A 354 -13.88 -16.14 28.61
CA TRP A 354 -14.50 -15.88 27.33
C TRP A 354 -15.43 -17.00 26.95
N ASP A 355 -16.46 -16.65 26.18
CA ASP A 355 -17.41 -17.63 25.72
C ASP A 355 -16.73 -18.59 24.75
N TRP A 356 -16.83 -19.88 25.03
CA TRP A 356 -16.25 -20.89 24.19
C TRP A 356 -17.02 -21.01 22.86
N VAL A 357 -16.28 -21.10 21.78
CA VAL A 357 -16.89 -21.36 20.50
C VAL A 357 -16.08 -22.45 19.79
N PRO A 358 -16.72 -23.29 18.96
CA PRO A 358 -15.96 -24.24 18.17
C PRO A 358 -15.05 -23.53 17.16
N LYS A 359 -13.89 -24.12 16.92
CA LYS A 359 -12.86 -23.49 16.10
C LYS A 359 -13.29 -23.50 14.66
N ARG A 360 -13.79 -24.61 14.16
CA ARG A 360 -14.01 -24.76 12.73
C ARG A 360 -14.99 -23.74 12.15
N PRO A 361 -16.19 -23.50 12.74
CA PRO A 361 -17.08 -22.49 12.16
C PRO A 361 -16.88 -21.07 12.67
N SER A 362 -15.85 -20.82 13.51
CA SER A 362 -15.59 -19.49 14.04
C SER A 362 -14.52 -18.74 13.24
N VAL A 363 -13.43 -19.43 12.87
CA VAL A 363 -12.31 -18.78 12.20
C VAL A 363 -12.18 -19.33 10.81
N CYS A 364 -11.49 -18.55 9.99
CA CYS A 364 -11.41 -18.88 8.58
C CYS A 364 -10.22 -18.17 7.98
N THR A 365 -9.48 -18.86 7.12
CA THR A 365 -8.30 -18.28 6.51
C THR A 365 -8.65 -17.40 5.33
N MET A 366 -9.89 -17.38 4.88
CA MET A 366 -10.27 -16.56 3.75
C MET A 366 -11.47 -15.71 4.13
N THR A 367 -11.49 -14.49 3.60
CA THR A 367 -12.48 -13.49 3.98
C THR A 367 -13.24 -13.07 2.74
N LYS A 368 -14.56 -13.05 2.86
CA LYS A 368 -15.38 -12.61 1.75
C LYS A 368 -15.03 -11.17 1.42
N TRP A 369 -14.46 -10.97 0.23
CA TRP A 369 -13.96 -9.67 -0.19
C TRP A 369 -14.93 -8.96 -1.13
N GLN A 370 -15.45 -9.66 -2.13
CA GLN A 370 -16.32 -9.01 -3.10
C GLN A 370 -17.45 -9.93 -3.50
N GLU A 371 -18.62 -9.34 -3.74
CA GLU A 371 -19.76 -10.06 -4.31
C GLU A 371 -20.02 -9.51 -5.70
N VAL A 372 -19.92 -10.38 -6.70
CA VAL A 372 -20.04 -9.96 -8.08
C VAL A 372 -21.30 -10.59 -8.64
N ASP A 373 -22.26 -9.74 -9.03
CA ASP A 373 -23.49 -10.20 -9.61
C ASP A 373 -23.23 -10.81 -10.99
N GLU A 374 -22.49 -10.08 -11.82
CA GLU A 374 -22.21 -10.51 -13.18
C GLU A 374 -20.71 -10.68 -13.34
N MET A 375 -20.21 -11.88 -13.01
CA MET A 375 -18.83 -12.21 -13.23
C MET A 375 -18.73 -13.19 -14.38
N LEU A 376 -18.42 -12.68 -15.58
CA LEU A 376 -18.34 -13.51 -16.76
C LEU A 376 -17.17 -14.47 -16.62
N ARG A 377 -17.34 -15.70 -17.10
CA ARG A 377 -16.30 -16.69 -17.08
C ARG A 377 -16.06 -17.17 -18.50
N SER A 378 -14.78 -17.31 -18.87
CA SER A 378 -14.44 -17.81 -20.18
C SER A 378 -13.21 -18.69 -20.06
N GLU A 379 -12.95 -19.46 -21.13
CA GLU A 379 -11.80 -20.33 -21.19
C GLU A 379 -10.89 -19.85 -22.31
N TYR A 380 -9.59 -19.82 -22.02
CA TYR A 380 -8.61 -19.38 -23.01
C TYR A 380 -7.23 -19.83 -22.55
N GLY A 381 -6.46 -20.36 -23.50
CA GLY A 381 -5.10 -20.77 -23.22
C GLY A 381 -4.99 -21.78 -22.07
N GLY A 382 -5.99 -22.66 -21.98
CA GLY A 382 -6.04 -23.64 -20.92
C GLY A 382 -6.11 -23.03 -19.53
N SER A 383 -6.82 -21.89 -19.42
CA SER A 383 -7.03 -21.25 -18.14
C SER A 383 -8.37 -20.53 -18.16
N PHE A 384 -8.91 -20.28 -16.96
CA PHE A 384 -10.21 -19.63 -16.82
C PHE A 384 -10.03 -18.15 -16.52
N ARG A 385 -10.67 -17.31 -17.34
CA ARG A 385 -10.67 -15.88 -17.11
C ARG A 385 -12.01 -15.51 -16.50
N PHE A 386 -11.97 -14.95 -15.28
CA PHE A 386 -13.15 -14.43 -14.63
C PHE A 386 -13.10 -12.90 -14.66
N SER A 387 -13.97 -12.29 -15.48
CA SER A 387 -13.97 -10.85 -15.68
C SER A 387 -15.22 -10.26 -15.04
N SER A 388 -15.04 -9.26 -14.18
CA SER A 388 -16.11 -8.53 -13.54
C SER A 388 -16.06 -7.09 -14.05
N ASP A 389 -17.08 -6.69 -14.79
CA ASP A 389 -17.14 -5.33 -15.31
C ASP A 389 -17.59 -4.37 -14.22
N ALA A 390 -18.22 -4.89 -13.17
CA ALA A 390 -18.71 -4.06 -12.08
C ALA A 390 -17.54 -3.43 -11.34
N ILE A 391 -16.56 -4.27 -10.96
CA ILE A 391 -15.38 -3.76 -10.28
C ILE A 391 -14.17 -3.66 -11.22
N SER A 392 -14.36 -4.02 -12.48
CA SER A 392 -13.34 -3.83 -13.50
C SER A 392 -12.12 -4.64 -13.13
N THR A 393 -12.29 -5.96 -13.00
CA THR A 393 -11.21 -6.82 -12.54
C THR A 393 -11.28 -8.16 -13.27
N THR A 394 -10.14 -8.61 -13.75
CA THR A 394 -10.04 -9.89 -14.42
C THR A 394 -9.04 -10.79 -13.69
N PHE A 395 -9.48 -11.97 -13.27
CA PHE A 395 -8.63 -12.97 -12.66
C PHE A 395 -8.41 -14.15 -13.62
N THR A 396 -7.24 -14.78 -13.50
CA THR A 396 -6.90 -15.93 -14.31
C THR A 396 -6.58 -17.10 -13.39
N THR A 397 -7.23 -18.25 -13.65
CA THR A 397 -7.12 -19.41 -12.77
C THR A 397 -6.75 -20.63 -13.61
N ASN A 398 -6.22 -21.66 -12.93
CA ASN A 398 -6.06 -22.96 -13.55
C ASN A 398 -7.41 -23.56 -13.91
N LEU A 399 -7.41 -24.42 -14.92
CA LEU A 399 -8.65 -24.97 -15.42
C LEU A 399 -9.36 -25.80 -14.35
N THR A 400 -8.59 -26.59 -13.59
CA THR A 400 -9.16 -27.49 -12.62
C THR A 400 -9.72 -26.72 -11.43
N GLU A 401 -10.74 -27.29 -10.80
CA GLU A 401 -11.30 -26.73 -9.59
C GLU A 401 -10.27 -26.79 -8.45
N TYR A 402 -10.41 -25.88 -7.50
CA TYR A 402 -9.57 -25.86 -6.34
C TYR A 402 -10.29 -26.61 -5.23
N PRO A 403 -9.72 -27.71 -4.71
CA PRO A 403 -10.37 -28.46 -3.63
C PRO A 403 -10.58 -27.62 -2.39
N LEU A 404 -11.84 -27.42 -1.99
CA LEU A 404 -12.12 -26.62 -0.82
C LEU A 404 -11.59 -27.27 0.45
N SER A 405 -11.41 -28.60 0.43
CA SER A 405 -10.86 -29.30 1.58
C SER A 405 -9.41 -28.89 1.85
N ARG A 406 -8.72 -28.40 0.81
CA ARG A 406 -7.32 -28.03 0.92
C ARG A 406 -7.14 -26.75 1.74
N VAL A 407 -8.18 -25.92 1.82
CA VAL A 407 -8.08 -24.65 2.54
C VAL A 407 -8.07 -24.92 4.03
N ASP A 408 -7.01 -24.48 4.69
CA ASP A 408 -6.92 -24.62 6.14
C ASP A 408 -8.01 -23.75 6.79
N LEU A 409 -8.76 -24.34 7.72
CA LEU A 409 -9.86 -23.66 8.40
C LEU A 409 -10.81 -23.04 7.38
N GLY A 410 -11.15 -23.81 6.36
CA GLY A 410 -11.87 -23.26 5.22
C GLY A 410 -13.34 -23.68 5.15
N ASP A 411 -14.01 -23.70 6.31
CA ASP A 411 -15.42 -24.02 6.33
C ASP A 411 -16.28 -22.79 6.09
N CYS A 412 -15.71 -21.59 6.20
CA CYS A 412 -16.49 -20.37 6.03
C CYS A 412 -16.79 -20.13 4.56
N ILE A 413 -15.91 -20.58 3.66
CA ILE A 413 -16.00 -20.22 2.25
C ILE A 413 -17.31 -20.77 1.70
N GLY A 414 -17.57 -22.05 1.94
CA GLY A 414 -18.79 -22.65 1.41
C GLY A 414 -20.05 -21.94 1.90
N LYS A 415 -20.12 -21.72 3.22
CA LYS A 415 -21.30 -21.12 3.81
C LYS A 415 -21.52 -19.70 3.29
N ASP A 416 -20.48 -18.86 3.35
CA ASP A 416 -20.59 -17.47 2.92
C ASP A 416 -20.91 -17.38 1.45
N ALA A 417 -20.24 -18.20 0.64
CA ALA A 417 -20.49 -18.20 -0.80
C ALA A 417 -21.94 -18.59 -1.09
N ARG A 418 -22.42 -19.66 -0.46
CA ARG A 418 -23.78 -20.11 -0.71
C ARG A 418 -24.78 -19.07 -0.27
N ASP A 419 -24.59 -18.48 0.91
CA ASP A 419 -25.52 -17.50 1.42
C ASP A 419 -25.60 -16.29 0.50
N ALA A 420 -24.44 -15.69 0.21
CA ALA A 420 -24.38 -14.50 -0.62
C ALA A 420 -24.90 -14.81 -2.03
N MET A 421 -24.61 -16.00 -2.52
CA MET A 421 -24.95 -16.35 -3.89
C MET A 421 -26.45 -16.60 -4.03
N ASP A 422 -27.06 -17.26 -3.06
CA ASP A 422 -28.51 -17.42 -3.04
C ASP A 422 -29.19 -16.06 -2.90
N ARG A 423 -28.63 -15.18 -2.06
CA ARG A 423 -29.19 -13.85 -1.90
C ARG A 423 -29.17 -13.10 -3.22
N ILE A 424 -28.05 -13.15 -3.93
CA ILE A 424 -27.91 -12.43 -5.18
C ILE A 424 -28.84 -13.02 -6.23
N PHE A 425 -28.94 -14.35 -6.27
CA PHE A 425 -29.81 -15.00 -7.24
C PHE A 425 -31.28 -14.61 -7.01
N ALA A 426 -31.68 -14.57 -5.73
CA ALA A 426 -33.03 -14.15 -5.38
C ALA A 426 -33.27 -12.69 -5.79
N ARG A 427 -32.28 -11.84 -5.52
CA ARG A 427 -32.43 -10.41 -5.77
C ARG A 427 -32.53 -10.11 -7.27
N ARG A 428 -31.68 -10.74 -8.11
CA ARG A 428 -31.53 -10.26 -9.46
C ARG A 428 -31.82 -11.30 -10.54
N TYR A 429 -31.45 -12.58 -10.33
CA TYR A 429 -31.53 -13.55 -11.41
C TYR A 429 -32.69 -14.53 -11.30
N ASN A 430 -33.53 -14.43 -10.27
CA ASN A 430 -34.56 -15.42 -10.03
C ASN A 430 -35.56 -15.49 -11.18
N ALA A 431 -35.85 -14.33 -11.79
CA ALA A 431 -36.88 -14.24 -12.81
C ALA A 431 -36.36 -14.50 -14.23
N THR A 432 -35.04 -14.66 -14.43
CA THR A 432 -34.50 -14.74 -15.78
C THR A 432 -33.49 -15.87 -15.96
N HIS A 433 -32.81 -16.30 -14.89
CA HIS A 433 -31.77 -17.31 -15.01
C HIS A 433 -32.03 -18.47 -14.06
N ILE A 434 -31.27 -19.54 -14.24
CA ILE A 434 -31.29 -20.71 -13.38
C ILE A 434 -29.86 -21.12 -13.09
N LYS A 435 -29.61 -21.62 -11.89
CA LYS A 435 -28.28 -22.06 -11.52
C LYS A 435 -27.91 -23.35 -12.25
N VAL A 436 -26.59 -23.54 -12.42
CA VAL A 436 -26.05 -24.72 -13.08
C VAL A 436 -25.11 -25.41 -12.12
N GLY A 437 -25.66 -26.40 -11.42
CA GLY A 437 -24.87 -27.20 -10.50
C GLY A 437 -24.51 -26.45 -9.23
N GLN A 438 -23.70 -27.16 -8.44
CA GLN A 438 -23.18 -26.73 -7.17
C GLN A 438 -22.11 -25.68 -7.39
N PRO A 439 -21.97 -24.70 -6.46
CA PRO A 439 -20.90 -23.72 -6.57
C PRO A 439 -19.52 -24.34 -6.71
N GLN A 440 -18.72 -23.80 -7.65
CA GLN A 440 -17.34 -24.21 -7.86
C GLN A 440 -16.38 -23.25 -7.17
N TYR A 441 -15.16 -23.71 -6.92
CA TYR A 441 -14.19 -22.90 -6.23
C TYR A 441 -12.85 -22.96 -6.96
N TYR A 442 -12.34 -21.81 -7.38
CA TYR A 442 -11.12 -21.72 -8.15
C TYR A 442 -10.12 -20.81 -7.47
N LEU A 443 -8.83 -21.05 -7.70
CA LEU A 443 -7.79 -20.19 -7.16
C LEU A 443 -7.18 -19.40 -8.29
N ALA A 444 -7.13 -18.08 -8.14
CA ALA A 444 -6.69 -17.17 -9.17
C ALA A 444 -5.35 -16.56 -8.75
N ASN A 445 -4.53 -16.25 -9.77
CA ASN A 445 -3.22 -15.68 -9.54
C ASN A 445 -3.33 -14.45 -8.64
N GLY A 446 -2.37 -14.32 -7.74
CA GLY A 446 -2.49 -13.32 -6.72
C GLY A 446 -3.09 -13.88 -5.44
N GLY A 447 -3.74 -15.05 -5.53
CA GLY A 447 -4.23 -15.74 -4.36
C GLY A 447 -5.67 -15.36 -4.04
N PHE A 448 -6.52 -15.34 -5.09
CA PHE A 448 -7.92 -15.00 -4.85
C PHE A 448 -8.78 -16.23 -5.06
N LEU A 449 -9.62 -16.56 -4.05
CA LEU A 449 -10.47 -17.72 -4.16
C LEU A 449 -11.83 -17.28 -4.68
N ILE A 450 -12.12 -17.65 -5.91
CA ILE A 450 -13.37 -17.26 -6.56
C ILE A 450 -14.35 -18.42 -6.42
N ALA A 451 -15.43 -18.19 -5.69
CA ALA A 451 -16.55 -19.11 -5.64
C ALA A 451 -17.52 -18.69 -6.71
N TYR A 452 -17.84 -19.60 -7.60
CA TYR A 452 -18.51 -19.27 -8.83
C TYR A 452 -19.72 -20.18 -9.00
N GLN A 453 -20.88 -19.58 -9.24
CA GLN A 453 -22.09 -20.31 -9.55
C GLN A 453 -22.48 -19.95 -10.96
N PRO A 454 -22.32 -20.89 -11.91
CA PRO A 454 -22.72 -20.61 -13.28
C PRO A 454 -24.22 -20.40 -13.37
N LEU A 455 -24.63 -19.65 -14.40
CA LEU A 455 -26.04 -19.42 -14.62
C LEU A 455 -26.37 -19.67 -16.09
N LEU A 456 -27.64 -20.00 -16.35
CA LEU A 456 -28.15 -20.06 -17.71
C LEU A 456 -29.48 -19.33 -17.77
N SER A 457 -29.66 -18.48 -18.76
CA SER A 457 -30.93 -17.87 -19.02
C SER A 457 -31.95 -18.92 -19.44
N ASN A 458 -33.24 -18.59 -19.32
CA ASN A 458 -34.30 -19.50 -19.69
C ASN A 458 -34.21 -19.91 -21.17
N THR A 459 -33.58 -19.04 -21.99
CA THR A 459 -33.38 -19.32 -23.40
C THR A 459 -32.59 -20.63 -23.61
N VAL A 492 -3.58 -29.42 2.98
CA VAL A 492 -4.00 -28.37 3.97
C VAL A 492 -2.97 -27.25 3.95
N GLU A 493 -3.27 -26.19 3.20
CA GLU A 493 -2.35 -25.08 3.06
C GLU A 493 -3.11 -23.76 3.16
N ARG A 494 -2.38 -22.72 3.55
CA ARG A 494 -2.94 -21.39 3.72
C ARG A 494 -2.61 -20.52 2.51
N ILE A 495 -3.63 -19.95 1.89
CA ILE A 495 -3.47 -19.21 0.65
C ILE A 495 -3.02 -17.78 0.96
N LYS A 496 -1.95 -17.35 0.28
CA LYS A 496 -1.44 -16.00 0.43
C LYS A 496 -1.95 -15.14 -0.73
N THR A 497 -2.59 -14.02 -0.36
CA THR A 497 -3.20 -13.13 -1.33
C THR A 497 -2.34 -11.88 -1.50
N THR A 498 -2.13 -11.47 -2.75
CA THR A 498 -1.37 -10.27 -3.05
C THR A 498 -2.09 -9.04 -2.53
N SER A 499 -1.31 -8.04 -2.11
CA SER A 499 -1.85 -6.82 -1.51
C SER A 499 -2.30 -5.81 -2.57
N SER A 500 -2.03 -6.08 -3.85
CA SER A 500 -2.36 -5.15 -4.92
C SER A 500 -3.24 -5.85 -5.93
N ILE A 501 -4.46 -5.35 -6.10
CA ILE A 501 -5.33 -5.84 -7.16
C ILE A 501 -5.00 -5.21 -8.51
N GLU A 502 -4.04 -4.27 -8.55
CA GLU A 502 -3.89 -3.43 -9.71
C GLU A 502 -3.43 -4.23 -10.90
N PHE A 503 -2.81 -5.39 -10.66
CA PHE A 503 -2.45 -6.26 -11.78
C PHE A 503 -3.71 -6.77 -12.47
N ALA A 504 -4.71 -7.16 -11.70
CA ALA A 504 -5.95 -7.67 -12.26
C ALA A 504 -6.71 -6.57 -12.97
N ARG A 505 -6.78 -5.40 -12.35
CA ARG A 505 -7.48 -4.27 -12.96
C ARG A 505 -6.82 -3.90 -14.26
N LEU A 506 -5.49 -3.82 -14.27
CA LEU A 506 -4.78 -3.53 -15.50
C LEU A 506 -5.12 -4.61 -16.52
N GLN A 507 -5.16 -5.85 -16.06
CA GLN A 507 -5.53 -6.93 -16.94
C GLN A 507 -6.89 -6.68 -17.55
N PHE A 508 -7.84 -6.27 -16.73
CA PHE A 508 -9.17 -5.99 -17.25
C PHE A 508 -9.13 -4.84 -18.24
N THR A 509 -8.42 -3.77 -17.91
CA THR A 509 -8.33 -2.62 -18.80
C THR A 509 -7.72 -3.02 -20.14
N TYR A 510 -6.60 -3.74 -20.10
CA TYR A 510 -5.91 -4.14 -21.30
C TYR A 510 -6.81 -5.07 -22.09
N ASN A 511 -7.49 -6.00 -21.41
CA ASN A 511 -8.32 -6.96 -22.12
C ASN A 511 -9.47 -6.24 -22.79
N HIS A 512 -10.10 -5.28 -22.12
CA HIS A 512 -11.22 -4.56 -22.70
C HIS A 512 -10.76 -3.75 -23.89
N ILE A 513 -9.68 -3.00 -23.75
CA ILE A 513 -9.17 -2.18 -24.84
C ILE A 513 -8.71 -3.08 -25.97
N GLN A 514 -8.05 -4.18 -25.65
CA GLN A 514 -7.54 -5.13 -26.65
C GLN A 514 -8.70 -5.75 -27.41
N ARG A 515 -9.73 -6.19 -26.70
CA ARG A 515 -10.87 -6.80 -27.34
C ARG A 515 -11.50 -5.78 -28.25
N HIS A 516 -11.69 -4.56 -27.79
CA HIS A 516 -12.34 -3.54 -28.61
C HIS A 516 -11.52 -3.21 -29.84
N VAL A 517 -10.23 -2.95 -29.66
CA VAL A 517 -9.37 -2.57 -30.79
C VAL A 517 -9.23 -3.75 -31.73
N ASN A 518 -9.12 -4.97 -31.23
CA ASN A 518 -8.99 -6.13 -32.08
C ASN A 518 -10.26 -6.32 -32.87
N ASP A 519 -11.41 -6.19 -32.21
CA ASP A 519 -12.68 -6.32 -32.91
C ASP A 519 -12.80 -5.30 -34.03
N MET A 520 -12.67 -4.02 -33.69
CA MET A 520 -12.84 -2.98 -34.70
C MET A 520 -11.79 -3.07 -35.80
N LEU A 521 -10.53 -3.18 -35.41
CA LEU A 521 -9.46 -3.31 -36.39
C LEU A 521 -9.73 -4.51 -37.29
N GLY A 522 -10.07 -5.63 -36.68
CA GLY A 522 -10.39 -6.82 -37.45
C GLY A 522 -11.47 -6.50 -38.46
N ARG A 523 -12.52 -5.82 -38.02
CA ARG A 523 -13.59 -5.45 -38.93
C ARG A 523 -13.03 -4.56 -40.01
N VAL A 524 -12.17 -3.63 -39.64
CA VAL A 524 -11.53 -2.78 -40.63
C VAL A 524 -10.81 -3.65 -41.64
N ALA A 525 -9.97 -4.56 -41.15
CA ALA A 525 -9.24 -5.42 -42.04
C ALA A 525 -10.19 -6.23 -42.93
N ILE A 526 -11.28 -6.72 -42.35
CA ILE A 526 -12.26 -7.50 -43.09
C ILE A 526 -12.92 -6.62 -44.15
N ALA A 527 -13.35 -5.43 -43.74
CA ALA A 527 -13.96 -4.48 -44.66
C ALA A 527 -12.95 -4.02 -45.69
N TRP A 528 -11.66 -3.98 -45.35
CA TRP A 528 -10.63 -3.60 -46.29
C TRP A 528 -10.50 -4.64 -47.37
N CYS A 529 -10.41 -5.90 -46.95
CA CYS A 529 -10.29 -6.98 -47.91
C CYS A 529 -11.51 -7.02 -48.81
N GLU A 530 -12.71 -6.92 -48.23
CA GLU A 530 -13.92 -6.92 -49.04
C GLU A 530 -13.96 -5.69 -49.93
N LEU A 531 -13.39 -4.58 -49.46
CA LEU A 531 -13.36 -3.37 -50.27
C LEU A 531 -12.55 -3.61 -51.53
N GLN A 532 -11.33 -4.13 -51.41
CA GLN A 532 -10.56 -4.41 -52.60
C GLN A 532 -11.20 -5.53 -53.44
N ASN A 533 -11.88 -6.47 -52.80
CA ASN A 533 -12.56 -7.51 -53.55
C ASN A 533 -13.63 -6.91 -54.44
N HIS A 534 -14.34 -5.90 -53.96
CA HIS A 534 -15.30 -5.21 -54.81
C HIS A 534 -14.60 -4.29 -55.80
N GLU A 535 -13.48 -3.71 -55.37
CA GLU A 535 -12.76 -2.74 -56.20
C GLU A 535 -12.23 -3.42 -57.45
N LEU A 536 -11.93 -4.72 -57.35
CA LEU A 536 -11.45 -5.45 -58.50
C LEU A 536 -12.49 -5.43 -59.60
N THR A 537 -13.77 -5.38 -59.24
CA THR A 537 -14.83 -5.33 -60.25
C THR A 537 -14.74 -4.04 -61.07
N LEU A 538 -14.43 -2.93 -60.41
CA LEU A 538 -14.22 -1.66 -61.08
C LEU A 538 -12.93 -1.72 -61.90
N TRP A 539 -11.89 -2.32 -61.32
CA TRP A 539 -10.60 -2.42 -61.98
C TRP A 539 -10.68 -3.25 -63.27
N ASN A 540 -11.51 -4.28 -63.34
CA ASN A 540 -11.63 -5.10 -64.53
C ASN A 540 -12.18 -4.31 -65.72
N GLU A 541 -12.99 -3.27 -65.46
CA GLU A 541 -13.53 -2.46 -66.54
C GLU A 541 -12.66 -1.24 -66.82
N ALA A 542 -12.03 -0.70 -65.77
CA ALA A 542 -11.12 0.42 -65.95
C ALA A 542 -9.94 0.01 -66.83
N ARG A 543 -9.45 -1.23 -66.67
CA ARG A 543 -8.36 -1.70 -67.51
C ARG A 543 -8.81 -1.72 -68.97
N LYS A 544 -10.09 -1.93 -69.22
CA LYS A 544 -10.59 -1.87 -70.59
C LYS A 544 -10.73 -0.42 -71.07
N LEU A 545 -11.06 0.50 -70.15
CA LEU A 545 -11.26 1.88 -70.53
C LEU A 545 -9.97 2.51 -71.07
N ASN A 546 -8.90 2.43 -70.28
CA ASN A 546 -7.62 3.02 -70.65
C ASN A 546 -6.50 2.19 -70.04
N PRO A 547 -6.10 1.09 -70.73
CA PRO A 547 -5.18 0.14 -70.13
C PRO A 547 -3.83 0.70 -69.69
N ASN A 548 -3.36 1.77 -70.34
CA ASN A 548 -2.04 2.33 -70.04
C ASN A 548 -1.97 2.82 -68.60
N ALA A 549 -2.95 3.66 -68.22
CA ALA A 549 -2.96 4.24 -66.89
C ALA A 549 -3.14 3.16 -65.82
N ILE A 550 -4.03 2.20 -66.11
CA ILE A 550 -4.31 1.12 -65.18
C ILE A 550 -3.06 0.28 -64.94
N ALA A 551 -2.36 -0.07 -66.03
CA ALA A 551 -1.17 -0.89 -65.92
C ALA A 551 -0.08 -0.12 -65.18
N SER A 552 0.09 1.16 -65.51
CA SER A 552 1.13 1.94 -64.88
C SER A 552 1.10 1.75 -63.37
N ALA A 553 -0.05 2.04 -62.76
CA ALA A 553 -0.17 1.90 -61.32
C ALA A 553 -0.19 0.45 -60.87
N THR A 554 -1.02 -0.37 -61.50
CA THR A 554 -1.15 -1.76 -61.08
C THR A 554 0.20 -2.46 -61.06
N VAL A 555 1.17 -1.92 -61.79
CA VAL A 555 2.49 -2.54 -61.84
C VAL A 555 3.48 -1.74 -60.98
N GLY A 556 3.46 -0.41 -61.11
CA GLY A 556 4.34 0.44 -60.34
C GLY A 556 5.35 1.23 -61.17
N ARG A 557 5.35 1.03 -62.50
CA ARG A 557 6.21 1.80 -63.38
C ARG A 557 5.38 2.22 -64.59
N ARG A 558 5.76 3.35 -65.20
CA ARG A 558 5.04 3.83 -66.38
C ARG A 558 5.20 2.83 -67.51
N VAL A 559 4.13 2.09 -67.82
CA VAL A 559 4.13 1.11 -68.89
C VAL A 559 2.89 1.31 -69.74
N SER A 560 2.98 0.83 -70.97
CA SER A 560 1.87 0.84 -71.90
C SER A 560 1.29 -0.57 -71.98
N ALA A 561 -0.03 -0.67 -71.94
CA ALA A 561 -0.67 -1.98 -71.97
C ALA A 561 -1.60 -2.14 -73.15
N ARG A 562 -1.85 -3.38 -73.55
CA ARG A 562 -2.73 -3.64 -74.69
C ARG A 562 -3.68 -4.77 -74.37
N MET A 563 -4.96 -4.59 -74.69
CA MET A 563 -5.94 -5.64 -74.45
C MET A 563 -5.82 -6.73 -75.50
N LEU A 564 -5.49 -7.94 -75.07
CA LEU A 564 -5.35 -9.06 -75.99
C LEU A 564 -6.37 -10.13 -75.63
N GLY A 565 -7.61 -9.70 -75.41
CA GLY A 565 -8.68 -10.57 -74.96
C GLY A 565 -9.04 -10.30 -73.50
N ASP A 566 -8.68 -11.24 -72.62
CA ASP A 566 -8.98 -11.12 -71.20
C ASP A 566 -7.72 -10.78 -70.40
N VAL A 567 -6.62 -10.46 -71.10
CA VAL A 567 -5.39 -10.06 -70.42
C VAL A 567 -4.84 -8.82 -71.11
N MET A 568 -3.88 -8.16 -70.46
CA MET A 568 -3.21 -7.00 -71.01
C MET A 568 -1.74 -7.32 -71.29
N ALA A 569 -1.33 -7.09 -72.53
CA ALA A 569 0.08 -7.12 -72.87
C ALA A 569 0.70 -5.78 -72.51
N VAL A 570 1.86 -5.83 -71.85
CA VAL A 570 2.51 -4.62 -71.34
C VAL A 570 3.91 -4.49 -71.94
N SER A 571 4.38 -3.24 -71.98
CA SER A 571 5.71 -2.90 -72.45
C SER A 571 6.13 -1.59 -71.79
N THR A 572 7.37 -1.55 -71.29
CA THR A 572 7.85 -0.37 -70.60
C THR A 572 8.07 0.77 -71.60
N CYS A 573 7.74 1.99 -71.16
CA CYS A 573 7.95 3.20 -71.95
C CYS A 573 9.33 3.80 -71.65
N VAL A 574 9.86 4.51 -72.65
CA VAL A 574 11.17 5.13 -72.57
C VAL A 574 11.01 6.54 -72.04
N PRO A 575 11.66 6.92 -70.92
CA PRO A 575 11.60 8.30 -70.44
C PRO A 575 12.28 9.28 -71.39
N VAL A 576 11.75 10.51 -71.40
CA VAL A 576 12.23 11.59 -72.25
C VAL A 576 12.12 12.89 -71.47
N ALA A 577 13.16 13.72 -71.55
CA ALA A 577 13.15 15.01 -70.85
C ALA A 577 12.14 15.95 -71.51
N ALA A 578 11.62 16.89 -70.72
CA ALA A 578 10.59 17.81 -71.20
C ALA A 578 11.14 18.78 -72.25
N ASP A 579 12.41 19.16 -72.09
CA ASP A 579 13.04 20.14 -72.96
C ASP A 579 13.17 19.64 -74.40
N ASN A 580 13.02 18.33 -74.63
CA ASN A 580 13.18 17.76 -75.95
C ASN A 580 11.83 17.64 -76.69
N VAL A 581 10.86 18.49 -76.34
CA VAL A 581 9.54 18.44 -76.93
C VAL A 581 9.17 19.84 -77.40
N ILE A 582 8.75 19.93 -78.67
CA ILE A 582 8.28 21.18 -79.27
C ILE A 582 6.85 20.96 -79.74
N VAL A 583 5.96 21.86 -79.35
CA VAL A 583 4.55 21.73 -79.65
C VAL A 583 4.23 22.53 -80.90
N GLN A 584 3.77 21.85 -81.95
CA GLN A 584 3.36 22.53 -83.16
C GLN A 584 2.05 23.27 -82.92
N ASN A 585 2.00 24.51 -83.41
CA ASN A 585 0.96 25.44 -83.02
C ASN A 585 -0.39 25.05 -83.64
N SER A 586 -0.37 24.65 -84.91
CA SER A 586 -1.59 24.38 -85.66
C SER A 586 -1.91 22.89 -85.64
N MET A 587 -3.19 22.57 -85.40
CA MET A 587 -3.67 21.20 -85.49
C MET A 587 -4.55 20.97 -86.72
N ARG A 588 -4.77 21.99 -87.55
CA ARG A 588 -5.50 21.77 -88.79
C ARG A 588 -4.61 21.01 -89.79
N ILE A 589 -5.26 20.21 -90.62
CA ILE A 589 -4.58 19.42 -91.64
C ILE A 589 -4.64 20.20 -92.94
N SER A 590 -3.48 20.63 -93.43
CA SER A 590 -3.39 21.43 -94.65
C SER A 590 -3.73 20.63 -95.90
N SER A 591 -3.78 19.28 -95.78
CA SER A 591 -4.01 18.41 -96.92
C SER A 591 -5.44 17.87 -96.97
N ARG A 592 -6.22 18.07 -95.90
CA ARG A 592 -7.60 17.58 -95.85
C ARG A 592 -8.49 18.59 -95.14
N PRO A 593 -9.25 19.41 -95.89
CA PRO A 593 -10.18 20.33 -95.26
C PRO A 593 -11.28 19.59 -94.48
N GLY A 594 -11.63 20.13 -93.32
CA GLY A 594 -12.72 19.59 -92.52
C GLY A 594 -12.30 18.54 -91.50
N ALA A 595 -11.09 17.95 -91.67
CA ALA A 595 -10.56 16.98 -90.72
C ALA A 595 -9.30 17.56 -90.09
N CYS A 596 -9.20 17.48 -88.76
CA CYS A 596 -8.11 18.09 -88.03
C CYS A 596 -7.88 17.36 -86.71
N TYR A 597 -6.69 17.55 -86.15
CA TYR A 597 -6.21 16.71 -85.06
C TYR A 597 -6.90 17.06 -83.75
N SER A 598 -7.34 16.03 -83.02
CA SER A 598 -8.02 16.22 -81.75
C SER A 598 -7.01 16.47 -80.62
N ARG A 599 -5.79 15.96 -80.78
CA ARG A 599 -4.78 16.02 -79.74
C ARG A 599 -3.52 16.66 -80.30
N PRO A 600 -2.82 17.49 -79.51
CA PRO A 600 -1.71 18.27 -80.05
C PRO A 600 -0.64 17.43 -80.72
N LEU A 601 -0.08 17.96 -81.81
CA LEU A 601 1.08 17.35 -82.46
C LEU A 601 2.36 17.89 -81.83
N VAL A 602 3.41 17.07 -81.85
CA VAL A 602 4.66 17.40 -81.21
C VAL A 602 5.82 16.89 -82.08
N SER A 603 6.99 17.51 -81.84
CA SER A 603 8.27 17.04 -82.35
C SER A 603 9.15 16.74 -81.14
N PHE A 604 9.69 15.53 -81.09
CA PHE A 604 10.43 15.07 -79.92
C PHE A 604 11.71 14.36 -80.38
N ARG A 605 12.72 14.39 -79.51
CA ARG A 605 13.96 13.68 -79.74
C ARG A 605 14.31 12.90 -78.48
N TYR A 606 14.72 11.65 -78.66
CA TYR A 606 15.03 10.79 -77.53
C TYR A 606 16.26 11.33 -76.78
N GLU A 607 17.26 11.78 -77.53
CA GLU A 607 18.49 12.33 -76.98
C GLU A 607 18.66 13.76 -77.49
N ASP A 608 19.48 14.53 -76.77
CA ASP A 608 19.70 15.94 -77.10
C ASP A 608 20.31 16.12 -78.48
N GLN A 609 21.01 15.09 -78.98
CA GLN A 609 21.62 15.14 -80.30
C GLN A 609 20.93 14.22 -81.31
N GLY A 610 19.87 13.52 -80.90
CA GLY A 610 19.17 12.59 -81.77
C GLY A 610 18.34 13.30 -82.84
N PRO A 611 17.91 12.56 -83.88
CA PRO A 611 17.07 13.14 -84.91
C PRO A 611 15.71 13.57 -84.38
N LEU A 612 15.11 14.55 -85.07
CA LEU A 612 13.80 15.05 -84.68
C LEU A 612 12.71 14.13 -85.25
N VAL A 613 11.84 13.66 -84.35
CA VAL A 613 10.80 12.70 -84.71
C VAL A 613 9.43 13.35 -84.48
N GLU A 614 8.58 13.24 -85.51
CA GLU A 614 7.23 13.79 -85.44
C GLU A 614 6.29 12.80 -84.77
N GLY A 615 5.26 13.34 -84.10
CA GLY A 615 4.25 12.52 -83.48
C GLY A 615 3.18 13.41 -82.88
N GLN A 616 2.39 12.84 -81.97
CA GLN A 616 1.41 13.61 -81.22
C GLN A 616 1.50 13.30 -79.73
N LEU A 617 1.20 14.32 -78.93
CA LEU A 617 1.18 14.19 -77.48
C LEU A 617 0.08 13.23 -77.08
N GLY A 618 0.26 12.57 -75.94
CA GLY A 618 -0.74 11.68 -75.40
C GLY A 618 -1.26 12.16 -74.04
N GLU A 619 -1.95 11.26 -73.35
CA GLU A 619 -2.56 11.56 -72.07
C GLU A 619 -1.57 11.26 -70.95
N ASN A 620 -1.49 12.20 -70.01
CA ASN A 620 -0.57 12.13 -68.87
C ASN A 620 0.88 11.93 -69.34
N ASN A 621 1.34 12.82 -70.24
CA ASN A 621 2.73 12.91 -70.65
C ASN A 621 3.21 11.60 -71.27
N GLU A 622 2.52 11.18 -72.33
CA GLU A 622 2.98 10.06 -73.12
C GLU A 622 3.04 10.46 -74.58
N LEU A 623 3.89 9.78 -75.35
CA LEU A 623 4.18 10.19 -76.72
C LEU A 623 3.66 9.11 -77.68
N ARG A 624 2.83 9.54 -78.64
CA ARG A 624 2.30 8.64 -79.65
C ARG A 624 3.00 8.91 -80.97
N LEU A 625 3.42 7.84 -81.66
CA LEU A 625 4.17 7.98 -82.89
C LEU A 625 3.24 8.28 -84.07
N THR A 626 2.02 7.72 -84.05
CA THR A 626 1.11 7.83 -85.17
C THR A 626 0.13 8.97 -84.93
N ARG A 627 0.11 9.92 -85.88
CA ARG A 627 -0.80 11.06 -85.80
C ARG A 627 -2.13 10.72 -86.48
N ASP A 628 -2.87 9.81 -85.85
CA ASP A 628 -4.14 9.35 -86.36
C ASP A 628 -5.32 9.81 -85.51
N ALA A 629 -5.08 10.64 -84.49
CA ALA A 629 -6.15 11.20 -83.68
C ALA A 629 -6.76 12.39 -84.42
N ILE A 630 -7.69 12.09 -85.33
CA ILE A 630 -8.29 13.08 -86.19
C ILE A 630 -9.81 13.08 -85.98
N GLU A 631 -10.38 14.28 -85.98
CA GLU A 631 -11.81 14.46 -85.82
C GLU A 631 -12.25 15.57 -86.77
N PRO A 632 -13.55 15.61 -87.14
CA PRO A 632 -14.06 16.75 -87.88
C PRO A 632 -13.94 18.04 -87.06
N CYS A 633 -13.53 19.12 -87.72
CA CYS A 633 -13.33 20.39 -87.04
C CYS A 633 -14.67 20.99 -86.64
N THR A 634 -14.71 21.62 -85.45
CA THR A 634 -15.94 22.13 -84.88
C THR A 634 -15.72 23.56 -84.41
N VAL A 635 -16.80 24.34 -84.42
CA VAL A 635 -16.75 25.71 -83.94
C VAL A 635 -16.70 25.73 -82.41
N GLY A 636 -15.96 26.70 -81.88
CA GLY A 636 -15.81 26.84 -80.43
C GLY A 636 -14.89 25.78 -79.86
N HIS A 637 -13.66 25.71 -80.40
CA HIS A 637 -12.70 24.72 -79.94
C HIS A 637 -11.76 25.33 -78.92
N ARG A 638 -11.93 24.93 -77.66
CA ARG A 638 -11.13 25.43 -76.55
C ARG A 638 -10.67 24.23 -75.73
N ARG A 639 -9.36 24.03 -75.61
CA ARG A 639 -8.87 22.79 -75.03
C ARG A 639 -7.65 23.04 -74.15
N TYR A 640 -7.50 22.21 -73.10
CA TYR A 640 -6.29 22.15 -72.31
C TYR A 640 -5.69 20.75 -72.46
N PHE A 641 -4.36 20.67 -72.44
CA PHE A 641 -3.66 19.41 -72.51
C PHE A 641 -2.46 19.44 -71.59
N THR A 642 -2.24 18.36 -70.84
CA THR A 642 -1.15 18.33 -69.88
C THR A 642 0.18 18.39 -70.64
N PHE A 643 1.15 19.07 -70.03
CA PHE A 643 2.45 19.30 -70.64
C PHE A 643 3.44 19.60 -69.53
N GLY A 644 4.45 18.75 -69.39
CA GLY A 644 5.47 18.91 -68.37
C GLY A 644 4.85 18.90 -66.98
N GLY A 645 5.04 20.00 -66.23
CA GLY A 645 4.44 20.13 -64.92
C GLY A 645 3.19 21.02 -64.90
N GLY A 646 2.67 21.39 -66.07
CA GLY A 646 1.49 22.24 -66.13
C GLY A 646 0.62 21.85 -67.31
N TYR A 647 -0.05 22.86 -67.87
CA TYR A 647 -0.98 22.59 -69.00
C TYR A 647 -0.78 23.60 -70.12
N VAL A 648 -1.13 23.20 -71.34
CA VAL A 648 -1.02 24.04 -72.54
C VAL A 648 -2.43 24.20 -73.09
N TYR A 649 -2.80 25.43 -73.42
CA TYR A 649 -4.14 25.79 -73.84
C TYR A 649 -4.14 26.15 -75.32
N PHE A 650 -5.11 25.57 -76.04
CA PHE A 650 -5.32 25.79 -77.46
C PHE A 650 -6.71 26.37 -77.71
N GLU A 651 -6.79 27.25 -78.72
CA GLU A 651 -8.05 27.79 -79.20
C GLU A 651 -8.17 27.56 -80.70
N GLU A 652 -9.33 27.09 -81.15
CA GLU A 652 -9.68 26.96 -82.55
C GLU A 652 -8.62 26.18 -83.33
N TYR A 653 -8.20 25.04 -82.75
CA TYR A 653 -7.22 24.16 -83.37
C TYR A 653 -5.89 24.87 -83.59
N ALA A 654 -5.59 25.85 -82.73
CA ALA A 654 -4.35 26.60 -82.77
C ALA A 654 -3.86 26.81 -81.34
N TYR A 655 -2.54 26.80 -81.15
CA TYR A 655 -1.93 27.03 -79.85
C TYR A 655 -2.31 28.41 -79.35
N SER A 656 -2.58 28.49 -78.04
CA SER A 656 -2.87 29.76 -77.39
C SER A 656 -1.76 30.16 -76.42
N HIS A 657 -1.51 29.34 -75.39
CA HIS A 657 -0.48 29.68 -74.40
C HIS A 657 -0.33 28.58 -73.36
N GLN A 658 0.77 28.64 -72.61
CA GLN A 658 1.05 27.69 -71.55
C GLN A 658 0.53 28.22 -70.22
N LEU A 659 0.12 27.30 -69.34
CA LEU A 659 -0.45 27.71 -68.05
C LEU A 659 0.11 26.90 -66.89
N SER A 660 0.47 27.57 -65.81
CA SER A 660 0.95 26.86 -64.63
C SER A 660 -0.18 26.09 -63.99
N ARG A 661 0.14 24.99 -63.32
CA ARG A 661 -0.87 24.20 -62.66
C ARG A 661 -1.63 25.04 -61.64
N ALA A 662 -0.90 25.73 -60.77
CA ALA A 662 -1.57 26.51 -59.73
C ALA A 662 -2.59 27.49 -60.31
N ASP A 663 -2.49 27.78 -61.62
CA ASP A 663 -3.41 28.71 -62.25
C ASP A 663 -4.81 28.12 -62.41
N ILE A 664 -4.95 26.80 -62.25
CA ILE A 664 -6.23 26.13 -62.39
C ILE A 664 -6.65 25.59 -61.03
N THR A 665 -7.89 25.92 -60.65
CA THR A 665 -8.45 25.41 -59.40
C THR A 665 -8.55 23.88 -59.49
N THR A 666 -8.19 23.23 -58.39
CA THR A 666 -8.15 21.78 -58.34
C THR A 666 -9.22 21.29 -57.39
N VAL A 667 -10.02 20.32 -57.86
CA VAL A 667 -11.05 19.68 -57.05
C VAL A 667 -10.48 18.38 -56.50
N SER A 668 -10.81 18.08 -55.23
CA SER A 668 -10.18 16.99 -54.51
C SER A 668 -11.00 15.71 -54.65
N THR A 669 -10.38 14.67 -55.21
CA THR A 669 -11.00 13.37 -55.36
C THR A 669 -10.66 12.44 -54.20
N PHE A 670 -9.92 12.95 -53.23
CA PHE A 670 -9.48 12.14 -52.10
C PHE A 670 -10.38 12.41 -50.92
N ILE A 671 -10.68 11.34 -50.17
CA ILE A 671 -11.42 11.47 -48.93
C ILE A 671 -10.42 11.73 -47.83
N ASP A 672 -10.62 12.81 -47.09
CA ASP A 672 -9.65 13.18 -46.06
C ASP A 672 -9.83 12.37 -44.79
N LEU A 673 -8.97 11.38 -44.57
CA LEU A 673 -9.02 10.61 -43.34
C LEU A 673 -7.87 11.08 -42.45
N ASN A 674 -8.19 11.84 -41.41
CA ASN A 674 -7.14 12.37 -40.55
C ASN A 674 -6.92 11.49 -39.34
N ILE A 675 -5.79 10.80 -39.30
CA ILE A 675 -5.49 9.95 -38.16
C ILE A 675 -4.24 10.53 -37.51
N THR A 676 -4.33 10.83 -36.22
CA THR A 676 -3.22 11.34 -35.42
C THR A 676 -2.81 10.30 -34.40
N MET A 677 -1.51 10.21 -34.14
CA MET A 677 -1.02 9.24 -33.18
C MET A 677 -1.33 9.72 -31.77
N LEU A 678 -1.35 8.80 -30.83
CA LEU A 678 -1.65 9.14 -29.46
C LEU A 678 -0.39 9.71 -28.82
N GLU A 679 -0.52 10.88 -28.21
CA GLU A 679 0.65 11.54 -27.62
C GLU A 679 1.43 10.67 -26.67
N ASP A 680 2.75 10.70 -26.79
CA ASP A 680 3.58 9.97 -25.84
C ASP A 680 3.27 10.55 -24.49
N HIS A 681 2.77 9.73 -23.59
CA HIS A 681 2.34 10.25 -22.30
C HIS A 681 3.19 9.59 -21.20
N GLU A 682 3.69 10.39 -20.28
CA GLU A 682 4.54 9.92 -19.23
C GLU A 682 3.79 9.93 -17.91
N PHE A 683 3.75 8.77 -17.24
CA PHE A 683 3.06 8.63 -15.99
C PHE A 683 4.08 8.85 -14.88
N VAL A 684 3.84 9.90 -14.08
CA VAL A 684 4.73 10.20 -12.97
C VAL A 684 4.43 9.27 -11.80
N PRO A 685 5.38 8.99 -10.92
CA PRO A 685 5.06 8.31 -9.67
C PRO A 685 4.13 9.15 -8.83
N LEU A 686 2.90 8.66 -8.65
CA LEU A 686 1.87 9.35 -7.90
C LEU A 686 1.36 8.41 -6.83
N GLU A 687 1.37 8.89 -5.60
CA GLU A 687 0.90 8.09 -4.49
C GLU A 687 0.05 8.99 -3.59
N VAL A 688 -1.13 8.51 -3.21
CA VAL A 688 -1.97 9.27 -2.30
C VAL A 688 -1.25 9.46 -0.97
N TYR A 689 -0.76 8.35 -0.42
CA TYR A 689 0.05 8.41 0.78
C TYR A 689 1.29 7.56 0.56
N THR A 690 2.45 8.14 0.86
CA THR A 690 3.69 7.40 0.71
C THR A 690 3.85 6.45 1.88
N ARG A 691 4.76 5.49 1.76
CA ARG A 691 5.00 4.57 2.84
C ARG A 691 5.40 5.36 4.07
N HIS A 692 5.96 6.54 3.86
CA HIS A 692 6.36 7.38 4.98
C HIS A 692 5.13 8.01 5.63
N GLU A 693 4.38 8.80 4.87
CA GLU A 693 3.17 9.39 5.40
C GLU A 693 2.40 8.34 6.19
N ILE A 694 2.31 7.12 5.66
CA ILE A 694 1.55 6.07 6.34
C ILE A 694 2.21 5.68 7.65
N LYS A 695 3.52 5.59 7.67
CA LYS A 695 4.21 5.26 8.90
C LYS A 695 4.04 6.40 9.92
N ASP A 696 4.07 7.64 9.44
CA ASP A 696 3.87 8.79 10.32
C ASP A 696 2.41 8.90 10.80
N SER A 697 1.46 8.32 10.06
CA SER A 697 0.05 8.37 10.42
C SER A 697 -0.20 7.73 11.78
N GLY A 698 0.62 6.74 12.13
CA GLY A 698 0.54 6.16 13.46
C GLY A 698 0.77 7.23 14.52
N LEU A 699 -0.08 7.25 15.54
CA LEU A 699 0.09 8.26 16.58
C LEU A 699 1.40 8.04 17.36
N LEU A 700 1.74 6.78 17.63
CA LEU A 700 3.02 6.43 18.22
C LEU A 700 3.68 5.39 17.31
N ASP A 701 5.02 5.44 17.28
CA ASP A 701 5.84 4.37 16.74
C ASP A 701 6.56 3.74 17.93
N TYR A 702 6.40 2.44 18.09
CA TYR A 702 7.05 1.73 19.19
C TYR A 702 8.55 1.81 19.04
N THR A 703 9.04 1.70 17.79
CA THR A 703 10.47 1.74 17.54
C THR A 703 11.06 3.04 18.05
N GLU A 704 10.49 4.17 17.59
CA GLU A 704 10.96 5.48 17.99
C GLU A 704 10.84 5.69 19.51
N VAL A 705 9.76 5.25 20.10
CA VAL A 705 9.53 5.46 21.50
C VAL A 705 10.56 4.73 22.31
N GLN A 706 10.86 3.49 21.93
CA GLN A 706 11.87 2.73 22.65
C GLN A 706 13.26 3.27 22.36
N ARG A 707 13.50 3.70 21.13
CA ARG A 707 14.82 4.21 20.77
C ARG A 707 15.17 5.42 21.61
N ARG A 708 14.17 6.24 21.93
CA ARG A 708 14.40 7.42 22.74
C ARG A 708 14.39 7.10 24.22
N ASN A 709 13.56 6.15 24.63
CA ASN A 709 13.43 5.87 26.05
C ASN A 709 14.65 5.12 26.57
N GLN A 710 15.29 4.30 25.72
CA GLN A 710 16.44 3.54 26.17
C GLN A 710 17.72 4.39 26.18
N LEU A 711 17.64 5.56 25.50
CA LEU A 711 18.72 6.54 25.56
C LEU A 711 18.64 7.36 26.86
N HIS A 712 17.67 7.13 27.73
CA HIS A 712 17.47 8.00 28.85
C HIS A 712 18.68 7.98 29.77
N ASP A 713 19.24 6.80 30.07
CA ASP A 713 20.40 6.75 30.94
C ASP A 713 21.65 7.27 30.25
N LEU A 714 21.78 7.06 28.96
CA LEU A 714 22.91 7.62 28.21
C LEU A 714 22.87 9.14 28.17
N ARG A 715 21.67 9.74 28.06
CA ARG A 715 21.53 11.19 27.97
C ARG A 715 21.55 11.85 29.35
N PHE A 716 20.60 11.51 30.22
CA PHE A 716 20.43 12.24 31.45
C PHE A 716 21.05 11.50 32.63
N ALA A 717 22.09 10.73 32.37
CA ALA A 717 22.85 10.10 33.42
C ALA A 717 24.20 9.70 32.84
N ASP A 718 25.08 9.29 33.76
CA ASP A 718 26.36 8.72 33.39
C ASP A 718 26.31 7.24 33.64
N ILE A 719 26.38 6.45 32.56
CA ILE A 719 26.35 5.00 32.61
C ILE A 719 27.56 4.41 33.33
N ASP A 720 28.75 5.00 33.10
CA ASP A 720 30.00 4.33 33.35
C ASP A 720 30.45 4.53 34.80
N THR A 721 30.23 5.73 35.34
CA THR A 721 30.90 6.09 36.58
C THR A 721 30.48 5.15 37.68
N VAL A 722 31.46 4.73 38.49
CA VAL A 722 31.19 3.99 39.71
C VAL A 722 31.74 4.75 40.90
N ILE A 723 30.89 4.95 41.90
CA ILE A 723 31.30 5.61 43.13
C ILE A 723 31.35 4.56 44.23
N HIS A 724 32.52 4.44 44.89
CA HIS A 724 32.72 3.45 45.93
C HIS A 724 33.48 4.09 47.08
N ALA A 725 33.01 3.83 48.30
CA ALA A 725 33.53 4.48 49.50
C ALA A 725 33.14 3.66 50.74
N THR B 1 -13.36 -50.68 31.10
CA THR B 1 -14.35 -51.12 32.07
C THR B 1 -14.28 -50.29 33.34
N LEU B 2 -15.44 -49.98 33.91
CA LEU B 2 -15.48 -49.21 35.15
C LEU B 2 -16.14 -50.04 36.23
N LYS B 3 -15.56 -50.01 37.43
CA LYS B 3 -16.12 -50.77 38.53
C LYS B 3 -16.19 -49.90 39.78
N GLU B 4 -17.38 -49.80 40.37
CA GLU B 4 -17.55 -48.93 41.53
C GLU B 4 -17.50 -49.73 42.82
N SER B 5 -16.66 -49.30 43.76
CA SER B 5 -16.54 -50.00 45.03
C SER B 5 -16.86 -49.09 46.20
N GLY B 6 -17.80 -49.51 47.04
CA GLY B 6 -18.19 -48.72 48.19
C GLY B 6 -18.95 -49.52 49.23
N PRO B 7 -18.85 -49.12 50.50
CA PRO B 7 -19.56 -49.81 51.57
C PRO B 7 -21.04 -50.01 51.24
N ALA B 8 -21.55 -51.22 51.38
CA ALA B 8 -22.94 -51.47 51.06
C ALA B 8 -23.86 -51.09 52.22
N LEU B 9 -23.30 -50.73 53.38
CA LEU B 9 -24.11 -50.35 54.54
C LEU B 9 -23.42 -49.21 55.28
N VAL B 10 -24.05 -48.03 55.24
CA VAL B 10 -23.53 -46.86 55.94
C VAL B 10 -24.60 -46.33 56.88
N LYS B 11 -24.18 -45.92 58.08
CA LYS B 11 -25.12 -45.33 59.02
C LYS B 11 -25.57 -43.96 58.52
N PRO B 12 -26.73 -43.47 58.95
CA PRO B 12 -27.11 -42.09 58.65
C PRO B 12 -26.11 -41.10 59.21
N THR B 13 -25.91 -40.00 58.48
CA THR B 13 -24.94 -38.96 58.80
C THR B 13 -23.54 -39.57 58.88
N GLN B 14 -23.12 -40.17 57.76
CA GLN B 14 -21.78 -40.72 57.61
C GLN B 14 -21.23 -40.30 56.25
N THR B 15 -19.93 -40.06 56.22
CA THR B 15 -19.23 -39.72 54.98
C THR B 15 -18.96 -41.00 54.19
N LEU B 16 -19.79 -41.24 53.17
CA LEU B 16 -19.62 -42.41 52.33
C LEU B 16 -18.60 -42.11 51.24
N THR B 17 -17.50 -42.86 51.25
CA THR B 17 -16.48 -42.75 50.22
C THR B 17 -16.59 -43.96 49.30
N LEU B 18 -16.59 -43.71 47.99
CA LEU B 18 -16.62 -44.78 47.02
C LEU B 18 -15.33 -44.73 46.21
N THR B 19 -15.22 -45.64 45.22
CA THR B 19 -14.05 -45.71 44.39
C THR B 19 -14.42 -46.41 43.10
N CYS B 20 -13.97 -45.86 41.98
CA CYS B 20 -14.26 -46.40 40.67
C CYS B 20 -12.95 -46.77 39.99
N THR B 21 -12.73 -48.07 39.77
CA THR B 21 -11.51 -48.55 39.15
C THR B 21 -11.71 -48.60 37.62
N PHE B 22 -10.69 -48.15 36.89
CA PHE B 22 -10.80 -48.01 35.45
C PHE B 22 -10.07 -49.13 34.75
N SER B 23 -10.30 -49.19 33.44
CA SER B 23 -9.71 -50.14 32.53
C SER B 23 -10.03 -49.69 31.13
N GLY B 24 -8.99 -49.61 30.28
CA GLY B 24 -9.18 -49.24 28.88
C GLY B 24 -9.05 -47.74 28.64
N PHE B 25 -8.94 -46.96 29.71
CA PHE B 25 -8.70 -45.53 29.63
C PHE B 25 -8.08 -45.11 30.95
N SER B 26 -7.16 -44.13 30.84
CA SER B 26 -6.55 -43.47 31.96
C SER B 26 -7.10 -42.05 32.03
N LEU B 27 -7.44 -41.60 33.24
CA LEU B 27 -8.08 -40.32 33.37
C LEU B 27 -7.02 -39.24 33.41
N SER B 28 -6.14 -39.25 32.39
CA SER B 28 -5.13 -38.22 32.22
C SER B 28 -4.97 -37.81 30.77
N THR B 29 -5.77 -38.35 29.85
CA THR B 29 -5.70 -37.89 28.47
C THR B 29 -6.47 -36.58 28.31
N SER B 30 -6.54 -36.06 27.09
CA SER B 30 -7.02 -34.72 26.83
C SER B 30 -8.54 -34.63 26.75
N GLY B 31 -9.27 -35.75 26.78
CA GLY B 31 -10.71 -35.64 26.59
C GLY B 31 -11.54 -36.60 27.43
N MET B 32 -11.03 -37.01 28.60
CA MET B 32 -11.68 -38.06 29.35
C MET B 32 -12.26 -37.51 30.64
N SER B 33 -13.46 -38.00 30.98
CA SER B 33 -14.14 -37.61 32.20
C SER B 33 -14.86 -38.82 32.77
N VAL B 34 -15.08 -38.78 34.07
CA VAL B 34 -15.75 -39.85 34.78
C VAL B 34 -16.83 -39.26 35.68
N GLY B 35 -18.03 -39.86 35.61
CA GLY B 35 -19.17 -39.34 36.32
C GLY B 35 -19.78 -40.35 37.27
N TRP B 36 -20.39 -39.84 38.34
CA TRP B 36 -21.11 -40.64 39.30
C TRP B 36 -22.60 -40.32 39.19
N ILE B 37 -23.42 -41.37 39.09
CA ILE B 37 -24.86 -41.27 38.88
C ILE B 37 -25.59 -42.23 39.80
N ARG B 38 -26.51 -41.73 40.64
CA ARG B 38 -27.21 -42.58 41.58
C ARG B 38 -28.64 -42.80 41.10
N GLN B 39 -29.22 -43.90 41.59
CA GLN B 39 -30.60 -44.24 41.29
C GLN B 39 -31.22 -44.89 42.51
N PRO B 40 -32.15 -44.21 43.21
CA PRO B 40 -32.86 -44.85 44.31
C PRO B 40 -33.60 -46.07 43.83
N PRO B 41 -33.74 -47.12 44.66
CA PRO B 41 -34.36 -48.36 44.18
C PRO B 41 -35.80 -48.14 43.72
N GLY B 42 -36.03 -48.42 42.42
CA GLY B 42 -37.34 -48.26 41.81
C GLY B 42 -37.68 -46.83 41.38
N LYS B 43 -36.74 -45.90 41.53
CA LYS B 43 -36.93 -44.52 41.13
C LYS B 43 -36.09 -44.23 39.88
N ALA B 44 -36.12 -42.95 39.47
CA ALA B 44 -35.41 -42.52 38.27
C ALA B 44 -33.95 -42.27 38.60
N LEU B 45 -33.14 -42.31 37.54
CA LEU B 45 -31.72 -42.02 37.64
C LEU B 45 -31.52 -40.57 38.07
N GLU B 46 -30.47 -40.34 38.86
CA GLU B 46 -30.13 -38.99 39.27
C GLU B 46 -28.64 -38.81 39.08
N TRP B 47 -28.24 -37.88 38.20
CA TRP B 47 -26.83 -37.52 38.06
C TRP B 47 -26.32 -36.87 39.33
N LEU B 48 -25.16 -37.31 39.80
CA LEU B 48 -24.56 -36.78 41.01
C LEU B 48 -23.41 -35.82 40.72
N ALA B 49 -22.39 -36.28 40.00
CA ALA B 49 -21.21 -35.45 39.79
C ALA B 49 -20.45 -35.95 38.58
N HIS B 50 -19.47 -35.17 38.12
CA HIS B 50 -18.52 -35.66 37.16
C HIS B 50 -17.26 -34.82 37.16
N ILE B 51 -16.12 -35.47 36.98
CA ILE B 51 -14.81 -34.86 37.01
C ILE B 51 -14.11 -35.10 35.68
N TRP B 52 -13.49 -34.03 35.15
CA TRP B 52 -12.73 -34.12 33.92
C TRP B 52 -11.27 -34.47 34.26
N TRP B 53 -10.45 -34.58 33.22
CA TRP B 53 -9.07 -34.98 33.40
C TRP B 53 -8.24 -33.92 34.11
N ASN B 54 -8.73 -32.68 34.13
CA ASN B 54 -8.00 -31.56 34.69
C ASN B 54 -8.64 -31.08 35.99
N ASN B 55 -9.22 -32.00 36.77
CA ASN B 55 -9.84 -31.67 38.06
C ASN B 55 -10.94 -30.62 37.89
N ASP B 56 -11.69 -30.67 36.78
CA ASP B 56 -12.77 -29.74 36.55
C ASP B 56 -14.06 -30.39 37.05
N LYS B 57 -14.31 -30.23 38.36
CA LYS B 57 -15.36 -30.96 39.05
C LYS B 57 -16.70 -30.24 38.88
N TYR B 58 -17.75 -31.00 38.61
CA TYR B 58 -19.12 -30.51 38.64
C TYR B 58 -19.94 -31.39 39.59
N TYR B 59 -20.81 -30.73 40.34
CA TYR B 59 -21.67 -31.41 41.27
C TYR B 59 -23.12 -31.07 40.96
N LYS B 60 -24.02 -31.81 41.62
CA LYS B 60 -25.43 -31.50 41.58
C LYS B 60 -25.68 -30.30 42.49
N PRO B 61 -26.34 -29.23 42.00
CA PRO B 61 -26.52 -28.04 42.82
C PRO B 61 -27.20 -28.32 44.15
N ALA B 62 -28.18 -29.24 44.14
CA ALA B 62 -28.85 -29.66 45.35
C ALA B 62 -27.85 -30.28 46.33
N LEU B 63 -26.97 -31.14 45.79
CA LEU B 63 -26.04 -31.90 46.60
C LEU B 63 -24.63 -31.35 46.52
N LYS B 64 -24.43 -30.13 46.01
CA LYS B 64 -23.10 -29.59 45.82
C LYS B 64 -22.38 -29.42 47.16
N SER B 65 -23.12 -28.95 48.18
CA SER B 65 -22.54 -28.73 49.49
C SER B 65 -22.18 -30.03 50.21
N ARG B 66 -22.67 -31.17 49.68
CA ARG B 66 -22.50 -32.46 50.35
C ARG B 66 -21.64 -33.42 49.53
N LEU B 67 -21.46 -33.20 48.23
CA LEU B 67 -20.69 -34.08 47.38
C LEU B 67 -19.26 -33.55 47.23
N THR B 68 -18.33 -34.49 47.11
CA THR B 68 -16.96 -34.22 46.73
C THR B 68 -16.52 -35.32 45.77
N ILE B 69 -15.77 -34.96 44.74
CA ILE B 69 -15.20 -35.91 43.82
C ILE B 69 -13.70 -35.66 43.70
N SER B 70 -12.91 -36.73 43.67
CA SER B 70 -11.48 -36.64 43.50
C SER B 70 -11.02 -37.65 42.46
N LYS B 71 -9.91 -37.36 41.78
CA LYS B 71 -9.35 -38.24 40.78
C LYS B 71 -7.89 -38.51 41.14
N ASP B 72 -7.51 -39.79 41.13
CA ASP B 72 -6.14 -40.21 41.40
C ASP B 72 -5.71 -41.15 40.28
N THR B 73 -4.91 -40.61 39.35
CA THR B 73 -4.48 -41.38 38.20
C THR B 73 -3.36 -42.37 38.54
N SER B 74 -2.67 -42.17 39.67
CA SER B 74 -1.65 -43.11 40.10
C SER B 74 -2.25 -44.50 40.36
N LYS B 75 -3.42 -44.53 41.00
CA LYS B 75 -4.18 -45.76 41.16
C LYS B 75 -5.26 -45.90 40.09
N ASN B 76 -5.40 -44.91 39.20
CA ASN B 76 -6.36 -44.98 38.11
C ASN B 76 -7.78 -45.11 38.65
N GLN B 77 -8.16 -44.23 39.57
CA GLN B 77 -9.45 -44.31 40.23
C GLN B 77 -10.07 -42.93 40.40
N VAL B 78 -11.39 -42.92 40.60
CA VAL B 78 -12.13 -41.74 40.99
C VAL B 78 -12.88 -42.04 42.28
N VAL B 79 -12.73 -41.16 43.27
CA VAL B 79 -13.35 -41.31 44.56
C VAL B 79 -14.50 -40.33 44.68
N LEU B 80 -15.68 -40.84 45.05
CA LEU B 80 -16.81 -39.98 45.35
C LEU B 80 -17.10 -40.03 46.86
N THR B 81 -17.16 -38.86 47.47
CA THR B 81 -17.43 -38.73 48.89
C THR B 81 -18.72 -37.95 49.10
N MET B 82 -19.54 -38.37 50.06
CA MET B 82 -20.83 -37.75 50.31
C MET B 82 -21.03 -37.68 51.80
N THR B 83 -21.23 -36.47 52.33
CA THR B 83 -21.24 -36.26 53.77
C THR B 83 -22.68 -36.13 54.28
N ASN B 84 -22.86 -36.43 55.57
CA ASN B 84 -24.15 -36.34 56.25
C ASN B 84 -25.22 -37.09 55.46
N MET B 85 -25.02 -38.40 55.33
CA MET B 85 -25.95 -39.23 54.56
C MET B 85 -27.31 -39.26 55.26
N ASP B 86 -28.35 -39.33 54.42
CA ASP B 86 -29.74 -39.41 54.85
C ASP B 86 -30.34 -40.66 54.23
N PRO B 87 -31.27 -41.34 54.93
CA PRO B 87 -31.83 -42.58 54.41
C PRO B 87 -32.47 -42.49 53.02
N VAL B 88 -32.76 -41.28 52.54
CA VAL B 88 -33.22 -41.11 51.16
C VAL B 88 -32.09 -41.39 50.17
N ASP B 89 -30.83 -41.34 50.63
CA ASP B 89 -29.68 -41.51 49.76
C ASP B 89 -29.37 -42.97 49.49
N THR B 90 -30.09 -43.91 50.10
CA THR B 90 -29.97 -45.31 49.75
C THR B 90 -30.29 -45.49 48.27
N ALA B 91 -29.30 -45.93 47.50
CA ALA B 91 -29.46 -46.01 46.06
C ALA B 91 -28.40 -46.92 45.46
N THR B 92 -28.57 -47.23 44.18
CA THR B 92 -27.53 -47.87 43.39
C THR B 92 -26.71 -46.79 42.69
N TYR B 93 -25.40 -46.78 42.95
CA TYR B 93 -24.49 -45.79 42.40
C TYR B 93 -23.74 -46.43 41.23
N TYR B 94 -23.80 -45.77 40.09
CA TYR B 94 -23.07 -46.19 38.92
C TYR B 94 -21.95 -45.20 38.63
N CYS B 95 -20.82 -45.75 38.20
CA CYS B 95 -19.71 -44.97 37.70
C CYS B 95 -19.72 -45.10 36.18
N ALA B 96 -19.73 -43.97 35.48
CA ALA B 96 -19.81 -43.98 34.04
C ALA B 96 -18.63 -43.23 33.45
N ARG B 97 -18.25 -43.61 32.25
CA ARG B 97 -17.27 -42.89 31.48
C ARG B 97 -18.02 -41.92 30.58
N ILE B 98 -17.77 -40.62 30.82
CA ILE B 98 -18.38 -39.56 30.05
C ILE B 98 -17.45 -39.22 28.88
N TYR B 99 -17.95 -39.42 27.67
CA TYR B 99 -17.10 -39.39 26.52
C TYR B 99 -17.36 -38.15 25.66
N TYR B 100 -17.90 -37.07 26.25
CA TYR B 100 -18.09 -35.82 25.54
C TYR B 100 -16.79 -35.30 24.97
N GLY B 101 -15.66 -35.69 25.61
CA GLY B 101 -14.35 -35.20 25.20
C GLY B 101 -14.09 -35.56 23.74
N TYR B 102 -14.48 -36.78 23.34
CA TYR B 102 -14.19 -37.27 22.02
C TYR B 102 -15.43 -37.46 21.15
N ARG B 103 -16.51 -37.99 21.75
CA ARG B 103 -17.70 -38.25 20.99
C ARG B 103 -18.88 -37.52 21.59
N PRO B 104 -19.92 -37.22 20.79
CA PRO B 104 -21.03 -36.40 21.26
C PRO B 104 -22.01 -37.08 22.20
N TYR B 105 -21.65 -38.23 22.71
CA TYR B 105 -22.50 -38.97 23.63
C TYR B 105 -21.73 -39.30 24.90
N ALA B 106 -22.37 -39.07 26.03
CA ALA B 106 -21.76 -39.38 27.32
C ALA B 106 -22.21 -40.78 27.83
N MET B 107 -21.54 -41.24 28.87
CA MET B 107 -22.01 -42.34 29.68
C MET B 107 -22.18 -43.60 28.84
N ASP B 108 -21.10 -43.94 28.13
CA ASP B 108 -21.09 -45.07 27.21
C ASP B 108 -20.83 -46.37 27.97
N TYR B 109 -19.90 -46.33 28.93
CA TYR B 109 -19.52 -47.54 29.62
C TYR B 109 -19.78 -47.36 31.09
N TRP B 110 -20.88 -47.94 31.57
CA TRP B 110 -21.25 -47.88 32.97
C TRP B 110 -20.71 -49.10 33.69
N GLY B 111 -20.42 -48.90 34.98
CA GLY B 111 -20.14 -50.02 35.84
C GLY B 111 -21.42 -50.75 36.23
N GLN B 112 -21.25 -51.94 36.82
CA GLN B 112 -22.40 -52.71 37.28
C GLN B 112 -23.17 -51.97 38.38
N GLY B 113 -22.47 -51.11 39.10
CA GLY B 113 -23.12 -50.31 40.13
C GLY B 113 -23.05 -50.99 41.47
N THR B 114 -22.98 -50.18 42.52
CA THR B 114 -22.94 -50.68 43.88
C THR B 114 -24.17 -50.15 44.60
N LEU B 115 -24.88 -51.04 45.30
CA LEU B 115 -26.05 -50.63 46.05
C LEU B 115 -25.64 -50.29 47.47
N VAL B 116 -25.97 -49.06 47.88
CA VAL B 116 -25.66 -48.59 49.22
C VAL B 116 -26.96 -48.29 49.94
N THR B 117 -27.09 -48.89 51.13
CA THR B 117 -28.26 -48.70 51.95
C THR B 117 -27.85 -47.92 53.19
N VAL B 118 -28.57 -46.82 53.46
CA VAL B 118 -28.35 -46.00 54.63
C VAL B 118 -29.28 -46.46 55.73
N SER B 119 -28.72 -47.13 56.74
CA SER B 119 -29.50 -47.63 57.86
C SER B 119 -28.59 -47.78 59.07
N SER B 120 -29.21 -47.77 60.26
CA SER B 120 -28.49 -47.93 61.51
C SER B 120 -28.40 -49.40 61.94
N ILE C 1 -32.13 -27.07 34.34
CA ILE C 1 -33.00 -27.72 33.36
C ILE C 1 -33.73 -28.89 33.97
N VAL C 2 -35.05 -28.96 33.78
CA VAL C 2 -35.83 -30.08 34.29
C VAL C 2 -36.35 -30.92 33.14
N MET C 3 -35.98 -32.19 33.13
CA MET C 3 -36.41 -33.06 32.04
C MET C 3 -37.65 -33.84 32.44
N THR C 4 -38.76 -33.60 31.75
CA THR C 4 -40.01 -34.28 32.08
C THR C 4 -40.29 -35.35 31.04
N GLN C 5 -40.31 -36.60 31.46
CA GLN C 5 -40.51 -37.70 30.52
C GLN C 5 -41.89 -38.30 30.69
N THR C 6 -42.61 -38.45 29.59
CA THR C 6 -43.97 -38.99 29.64
C THR C 6 -44.16 -40.11 28.63
N PRO C 7 -45.19 -40.96 28.85
CA PRO C 7 -45.86 -41.16 30.13
C PRO C 7 -45.05 -42.07 31.03
N LEU C 8 -45.25 -41.98 32.34
CA LEU C 8 -44.41 -42.78 33.24
C LEU C 8 -44.53 -44.29 32.96
N SER C 9 -45.66 -44.72 32.38
CA SER C 9 -45.84 -46.11 32.00
C SER C 9 -46.42 -46.16 30.60
N LEU C 10 -45.79 -46.96 29.72
CA LEU C 10 -46.23 -47.06 28.33
C LEU C 10 -46.39 -48.52 27.94
N PRO C 11 -47.53 -49.15 28.28
CA PRO C 11 -47.79 -50.51 27.83
C PRO C 11 -48.27 -50.54 26.39
N VAL C 12 -47.63 -51.41 25.59
CA VAL C 12 -47.96 -51.57 24.18
C VAL C 12 -47.86 -53.04 23.82
N THR C 13 -48.73 -53.49 22.92
CA THR C 13 -48.59 -54.81 22.35
C THR C 13 -47.37 -54.83 21.44
N PRO C 14 -46.68 -55.97 21.26
CA PRO C 14 -45.55 -56.01 20.34
C PRO C 14 -46.04 -55.95 18.89
N GLY C 15 -45.41 -55.09 18.09
CA GLY C 15 -45.74 -54.99 16.67
C GLY C 15 -46.01 -53.57 16.20
N GLU C 16 -46.65 -52.75 17.05
CA GLU C 16 -46.93 -51.38 16.68
C GLU C 16 -45.91 -50.45 17.33
N PRO C 17 -45.72 -49.24 16.77
CA PRO C 17 -44.76 -48.30 17.35
C PRO C 17 -45.26 -47.72 18.67
N ALA C 18 -44.30 -47.25 19.46
CA ALA C 18 -44.57 -46.57 20.72
C ALA C 18 -43.76 -45.28 20.76
N SER C 19 -44.32 -44.27 21.43
CA SER C 19 -43.71 -42.95 21.51
C SER C 19 -43.54 -42.54 22.97
N ILE C 20 -42.33 -42.06 23.29
CA ILE C 20 -42.02 -41.50 24.59
C ILE C 20 -41.64 -40.04 24.40
N SER C 21 -42.24 -39.15 25.20
CA SER C 21 -41.99 -37.73 25.10
C SER C 21 -41.19 -37.24 26.31
N CYS C 22 -40.22 -36.37 26.05
CA CYS C 22 -39.43 -35.80 27.12
C CYS C 22 -39.35 -34.30 26.91
N ARG C 23 -39.63 -33.52 27.95
CA ARG C 23 -39.64 -32.06 27.82
C ARG C 23 -38.64 -31.40 28.75
N SER C 24 -38.09 -30.27 28.34
CA SER C 24 -37.11 -29.57 29.16
C SER C 24 -37.55 -28.17 29.54
N SER C 25 -37.28 -27.77 30.77
CA SER C 25 -37.66 -26.44 31.22
C SER C 25 -37.19 -25.36 30.26
N GLN C 26 -35.96 -25.47 29.76
CA GLN C 26 -35.39 -24.48 28.84
C GLN C 26 -34.84 -25.22 27.63
N SER C 27 -34.43 -24.48 26.61
CA SER C 27 -33.89 -25.10 25.41
C SER C 27 -32.58 -25.84 25.73
N ILE C 28 -32.44 -27.02 25.15
CA ILE C 28 -31.27 -27.88 25.34
C ILE C 28 -30.25 -27.64 24.22
N VAL C 29 -30.53 -26.72 23.30
CA VAL C 29 -29.52 -26.38 22.31
C VAL C 29 -28.34 -25.76 23.03
N HIS C 30 -27.15 -26.25 22.68
CA HIS C 30 -25.91 -25.81 23.28
C HIS C 30 -25.29 -24.72 22.42
N SER C 31 -24.37 -23.97 23.03
CA SER C 31 -23.61 -22.94 22.34
C SER C 31 -22.87 -23.51 21.13
N ASN C 32 -22.51 -24.80 21.20
CA ASN C 32 -21.89 -25.51 20.10
C ASN C 32 -22.80 -25.51 18.86
N GLY C 33 -24.12 -25.43 19.09
CA GLY C 33 -25.09 -25.62 18.03
C GLY C 33 -25.61 -27.06 17.92
N ASN C 34 -25.29 -27.91 18.91
CA ASN C 34 -25.75 -29.29 18.92
C ASN C 34 -26.58 -29.54 20.17
N THR C 35 -27.66 -30.31 20.03
CA THR C 35 -28.49 -30.64 21.19
C THR C 35 -27.98 -31.95 21.81
N TYR C 36 -27.57 -31.89 23.05
CA TYR C 36 -27.02 -33.04 23.74
C TYR C 36 -28.09 -33.71 24.60
N LEU C 37 -28.98 -34.43 23.89
CA LEU C 37 -29.97 -35.27 24.57
C LEU C 37 -29.64 -36.74 24.30
N GLU C 38 -29.58 -37.53 25.37
CA GLU C 38 -29.26 -38.94 25.24
C GLU C 38 -30.38 -39.76 25.87
N TRP C 39 -30.88 -40.75 25.14
CA TRP C 39 -31.83 -41.70 25.69
C TRP C 39 -31.11 -42.94 26.19
N TYR C 40 -31.58 -43.45 27.31
CA TYR C 40 -30.99 -44.62 27.92
C TYR C 40 -32.10 -45.63 28.18
N LEU C 41 -31.72 -46.91 28.17
CA LEU C 41 -32.63 -47.99 28.52
C LEU C 41 -32.02 -48.82 29.61
N GLN C 42 -32.52 -48.65 30.83
CA GLN C 42 -32.08 -49.48 31.93
C GLN C 42 -33.00 -50.71 32.00
N LYS C 43 -32.40 -51.89 31.76
CA LYS C 43 -33.12 -53.14 31.82
C LYS C 43 -32.98 -53.71 33.23
N PRO C 44 -33.95 -54.53 33.68
CA PRO C 44 -33.89 -55.07 35.03
C PRO C 44 -32.58 -55.77 35.34
N GLY C 45 -31.96 -55.36 36.46
CA GLY C 45 -30.70 -55.94 36.94
C GLY C 45 -29.56 -55.75 35.95
N GLN C 46 -29.55 -54.59 35.30
CA GLN C 46 -28.45 -54.21 34.42
C GLN C 46 -28.18 -52.72 34.57
N SER C 47 -26.95 -52.31 34.26
CA SER C 47 -26.61 -50.90 34.15
C SER C 47 -27.23 -50.34 32.87
N PRO C 48 -27.67 -49.06 32.89
CA PRO C 48 -28.26 -48.47 31.69
C PRO C 48 -27.29 -48.36 30.54
N GLN C 49 -27.83 -48.46 29.33
CA GLN C 49 -27.03 -48.39 28.13
C GLN C 49 -27.61 -47.33 27.21
N LEU C 50 -26.73 -46.61 26.52
CA LEU C 50 -27.16 -45.49 25.72
C LEU C 50 -27.86 -46.01 24.47
N LEU C 51 -29.04 -45.45 24.18
CA LEU C 51 -29.83 -45.86 23.02
C LEU C 51 -29.73 -44.83 21.91
N ILE C 52 -30.11 -43.59 22.23
CA ILE C 52 -30.13 -42.52 21.25
C ILE C 52 -29.29 -41.38 21.79
N TYR C 53 -28.42 -40.83 20.92
CA TYR C 53 -27.61 -39.68 21.28
C TYR C 53 -27.78 -38.60 20.23
N LYS C 54 -27.62 -37.34 20.67
CA LYS C 54 -27.77 -36.17 19.83
C LYS C 54 -29.11 -36.19 19.11
N VAL C 55 -30.15 -36.47 19.90
CA VAL C 55 -31.53 -36.39 19.49
C VAL C 55 -31.88 -37.48 18.47
N SER C 56 -31.24 -37.46 17.30
CA SER C 56 -31.65 -38.29 16.18
C SER C 56 -30.49 -39.14 15.65
N ASN C 57 -29.67 -39.66 16.54
CA ASN C 57 -28.60 -40.59 16.16
C ASN C 57 -28.70 -41.83 17.02
N ARG C 58 -28.35 -42.98 16.42
CA ARG C 58 -28.41 -44.24 17.12
C ARG C 58 -27.00 -44.68 17.50
N PHE C 59 -26.83 -45.07 18.77
CA PHE C 59 -25.57 -45.60 19.25
C PHE C 59 -25.26 -46.92 18.56
N SER C 60 -23.97 -47.23 18.41
CA SER C 60 -23.58 -48.49 17.78
C SER C 60 -24.01 -49.65 18.66
N GLY C 61 -24.69 -50.63 18.06
CA GLY C 61 -25.28 -51.73 18.81
C GLY C 61 -26.74 -51.49 19.18
N VAL C 62 -27.36 -50.46 18.61
CA VAL C 62 -28.77 -50.16 18.83
C VAL C 62 -29.52 -50.48 17.54
N PRO C 63 -30.59 -51.28 17.61
CA PRO C 63 -31.29 -51.67 16.39
C PRO C 63 -32.06 -50.51 15.75
N ASP C 64 -32.36 -50.66 14.47
CA ASP C 64 -32.99 -49.62 13.67
C ASP C 64 -34.41 -49.35 14.16
N ARG C 65 -34.93 -50.25 15.02
CA ARG C 65 -36.27 -50.09 15.54
C ARG C 65 -36.44 -48.73 16.23
N PHE C 66 -35.36 -48.25 16.88
CA PHE C 66 -35.42 -47.01 17.64
C PHE C 66 -35.09 -45.84 16.72
N SER C 67 -35.78 -44.71 16.97
CA SER C 67 -35.53 -43.49 16.23
C SER C 67 -35.80 -42.32 17.16
N GLY C 68 -35.08 -41.22 16.94
CA GLY C 68 -35.27 -40.04 17.75
C GLY C 68 -35.75 -38.87 16.90
N SER C 69 -36.46 -37.96 17.56
CA SER C 69 -36.93 -36.76 16.89
C SER C 69 -37.15 -35.67 17.93
N GLY C 70 -37.39 -34.47 17.41
CA GLY C 70 -37.75 -33.34 18.25
C GLY C 70 -36.70 -32.23 18.18
N SER C 71 -37.00 -31.15 18.89
CA SER C 71 -36.13 -29.99 18.92
C SER C 71 -36.59 -29.08 20.06
N GLY C 72 -35.79 -28.03 20.28
CA GLY C 72 -36.14 -27.02 21.28
C GLY C 72 -36.20 -27.63 22.67
N THR C 73 -37.42 -27.79 23.21
CA THR C 73 -37.62 -28.39 24.51
C THR C 73 -38.44 -29.68 24.46
N ASP C 74 -38.82 -30.14 23.26
CA ASP C 74 -39.69 -31.29 23.13
C ASP C 74 -39.01 -32.34 22.27
N PHE C 75 -38.84 -33.55 22.81
CA PHE C 75 -38.16 -34.63 22.11
C PHE C 75 -38.94 -35.92 22.27
N THR C 76 -38.77 -36.81 21.29
CA THR C 76 -39.60 -38.01 21.20
C THR C 76 -38.75 -39.18 20.75
N LEU C 77 -38.82 -40.26 21.54
CA LEU C 77 -38.27 -41.54 21.17
C LEU C 77 -39.38 -42.40 20.58
N LYS C 78 -39.09 -43.02 19.42
CA LYS C 78 -40.09 -43.81 18.72
C LYS C 78 -39.54 -45.19 18.45
N ILE C 79 -40.31 -46.22 18.81
CA ILE C 79 -39.96 -47.59 18.50
C ILE C 79 -40.99 -48.11 17.49
N SER C 80 -40.55 -48.30 16.25
CA SER C 80 -41.46 -48.67 15.16
C SER C 80 -42.07 -50.06 15.39
N ARG C 81 -41.24 -51.00 15.87
CA ARG C 81 -41.67 -52.37 16.11
C ARG C 81 -41.19 -52.80 17.49
N VAL C 82 -42.05 -52.61 18.49
CA VAL C 82 -41.71 -52.97 19.86
C VAL C 82 -41.57 -54.47 20.00
N GLU C 83 -40.51 -54.91 20.66
CA GLU C 83 -40.23 -56.31 20.88
C GLU C 83 -40.14 -56.60 22.37
N ALA C 84 -39.95 -57.87 22.72
CA ALA C 84 -39.89 -58.29 24.12
C ALA C 84 -38.65 -57.74 24.81
N GLU C 85 -37.55 -57.60 24.06
CA GLU C 85 -36.30 -57.11 24.63
C GLU C 85 -36.39 -55.64 25.04
N ASP C 86 -37.42 -54.93 24.58
CA ASP C 86 -37.55 -53.51 24.88
C ASP C 86 -38.01 -53.26 26.32
N VAL C 87 -38.34 -54.31 27.05
CA VAL C 87 -38.79 -54.13 28.42
C VAL C 87 -37.68 -53.48 29.22
N GLY C 88 -38.07 -52.46 29.98
CA GLY C 88 -37.14 -51.71 30.80
C GLY C 88 -37.61 -50.27 30.93
N VAL C 89 -36.80 -49.47 31.61
CA VAL C 89 -37.13 -48.08 31.84
C VAL C 89 -36.31 -47.19 30.90
N TYR C 90 -37.00 -46.29 30.21
CA TYR C 90 -36.37 -45.37 29.29
C TYR C 90 -36.18 -44.02 29.99
N TYR C 91 -35.00 -43.44 29.82
CA TYR C 91 -34.57 -42.22 30.49
C TYR C 91 -34.11 -41.21 29.44
N CYS C 92 -34.47 -39.95 29.60
CA CYS C 92 -33.96 -38.89 28.76
C CYS C 92 -33.04 -38.02 29.61
N PHE C 93 -31.82 -37.78 29.10
CA PHE C 93 -30.77 -37.10 29.84
C PHE C 93 -30.24 -35.94 29.01
N GLN C 94 -30.04 -34.80 29.67
CA GLN C 94 -29.51 -33.61 29.01
C GLN C 94 -28.08 -33.41 29.49
N GLY C 95 -27.18 -33.19 28.51
CA GLY C 95 -25.78 -33.02 28.84
C GLY C 95 -25.25 -31.67 28.39
N SER C 96 -26.06 -30.93 27.64
CA SER C 96 -25.60 -29.69 27.05
C SER C 96 -25.23 -28.68 28.14
N HIS C 97 -26.11 -28.48 29.11
CA HIS C 97 -25.91 -27.44 30.11
C HIS C 97 -25.79 -28.06 31.49
N VAL C 98 -24.71 -27.69 32.19
CA VAL C 98 -24.52 -28.09 33.56
C VAL C 98 -25.48 -27.28 34.43
N PRO C 99 -26.18 -27.90 35.40
CA PRO C 99 -26.05 -29.33 35.77
C PRO C 99 -26.90 -30.26 34.90
N TRP C 100 -26.46 -31.51 34.85
CA TRP C 100 -27.13 -32.54 34.08
C TRP C 100 -28.20 -33.22 34.90
N SER C 101 -29.19 -33.78 34.21
CA SER C 101 -30.25 -34.51 34.89
C SER C 101 -30.88 -35.49 33.92
N PHE C 102 -31.55 -36.49 34.49
CA PHE C 102 -32.35 -37.43 33.71
C PHE C 102 -33.84 -37.10 33.87
N GLY C 103 -34.62 -37.64 32.95
CA GLY C 103 -36.06 -37.60 33.02
C GLY C 103 -36.60 -38.50 34.13
N GLN C 104 -37.92 -38.44 34.31
CA GLN C 104 -38.56 -39.19 35.38
C GLN C 104 -38.52 -40.69 35.08
N GLY C 105 -38.40 -41.06 33.80
CA GLY C 105 -38.34 -42.47 33.45
C GLY C 105 -39.67 -43.05 33.04
N THR C 106 -39.68 -43.79 31.94
CA THR C 106 -40.89 -44.41 31.42
C THR C 106 -40.65 -45.90 31.32
N LYS C 107 -41.34 -46.67 32.16
CA LYS C 107 -41.18 -48.12 32.16
C LYS C 107 -42.12 -48.70 31.13
N LEU C 108 -41.57 -49.46 30.17
CA LEU C 108 -42.33 -49.95 29.04
C LEU C 108 -42.81 -51.38 29.33
N GLU C 109 -44.10 -51.62 29.10
CA GLU C 109 -44.70 -52.93 29.26
C GLU C 109 -44.97 -53.54 27.90
N ILE C 110 -45.15 -54.86 27.89
CA ILE C 110 -45.61 -55.57 26.71
C ILE C 110 -47.01 -56.10 27.00
N LYS C 111 -47.95 -55.78 26.10
CA LYS C 111 -49.32 -56.24 26.22
C LYS C 111 -49.48 -57.54 25.43
N ALA D 111 -35.02 15.46 -54.12
CA ALA D 111 -36.25 15.40 -54.96
C ALA D 111 -36.39 16.70 -55.76
N ASN D 112 -35.27 17.17 -56.31
CA ASN D 112 -35.25 18.38 -57.11
C ASN D 112 -34.53 18.08 -58.43
N PHE D 113 -35.16 18.48 -59.53
CA PHE D 113 -34.55 18.33 -60.85
C PHE D 113 -33.53 19.43 -61.08
N TYR D 114 -32.71 19.24 -62.12
CA TYR D 114 -31.71 20.22 -62.46
C TYR D 114 -31.68 20.42 -63.97
N VAL D 115 -31.50 21.68 -64.39
CA VAL D 115 -31.25 22.02 -65.76
C VAL D 115 -29.79 22.42 -65.86
N CYS D 116 -29.03 21.70 -66.69
CA CYS D 116 -27.60 21.94 -66.79
C CYS D 116 -27.29 22.54 -68.17
N PRO D 117 -26.92 23.83 -68.22
CA PRO D 117 -26.50 24.42 -69.49
C PRO D 117 -25.14 23.90 -69.88
N PRO D 118 -24.78 23.93 -71.18
CA PRO D 118 -23.45 23.53 -71.60
C PRO D 118 -22.38 24.35 -70.87
N PRO D 119 -21.51 23.69 -70.10
CA PRO D 119 -20.49 24.41 -69.34
C PRO D 119 -19.47 25.09 -70.25
N THR D 120 -18.89 26.17 -69.74
CA THR D 120 -17.89 26.95 -70.47
C THR D 120 -16.58 26.92 -69.71
N GLY D 121 -15.51 27.29 -70.39
CA GLY D 121 -14.17 27.26 -69.82
C GLY D 121 -13.92 28.33 -68.76
N ALA D 122 -14.99 29.02 -68.32
CA ALA D 122 -14.84 30.07 -67.31
C ALA D 122 -14.32 29.49 -65.99
N THR D 123 -14.89 28.34 -65.60
CA THR D 123 -14.48 27.65 -64.39
C THR D 123 -13.84 26.33 -64.79
N VAL D 124 -12.51 26.29 -64.81
CA VAL D 124 -11.76 25.11 -65.18
C VAL D 124 -11.20 24.46 -63.93
N VAL D 125 -11.42 23.15 -63.81
CA VAL D 125 -11.00 22.40 -62.63
C VAL D 125 -10.25 21.15 -63.07
N GLN D 126 -9.34 20.70 -62.20
CA GLN D 126 -8.60 19.47 -62.39
C GLN D 126 -8.51 18.72 -61.06
N PHE D 127 -8.35 17.40 -61.18
CA PHE D 127 -8.23 16.51 -60.04
C PHE D 127 -6.86 16.70 -59.39
N GLU D 128 -6.84 16.53 -58.06
CA GLU D 128 -5.60 16.64 -57.32
C GLU D 128 -4.70 15.43 -57.62
N GLN D 129 -3.41 15.69 -57.70
CA GLN D 129 -2.43 14.63 -57.89
C GLN D 129 -2.15 13.94 -56.57
N PRO D 130 -1.59 12.71 -56.58
CA PRO D 130 -1.39 11.96 -55.35
C PRO D 130 -0.54 12.70 -54.34
N ARG D 131 -0.87 12.52 -53.06
CA ARG D 131 -0.09 13.08 -51.99
C ARG D 131 1.08 12.19 -51.61
N ARG D 132 2.18 12.82 -51.19
CA ARG D 132 3.32 12.08 -50.66
C ARG D 132 3.16 12.01 -49.15
N CYS D 133 2.16 11.25 -48.69
CA CYS D 133 1.85 11.25 -47.28
C CYS D 133 2.91 10.48 -46.52
N PRO D 134 3.09 10.76 -45.21
CA PRO D 134 4.09 10.08 -44.42
C PRO D 134 3.94 8.56 -44.50
N THR D 135 5.11 7.91 -44.38
CA THR D 135 5.20 6.47 -44.41
C THR D 135 5.48 5.98 -43.01
N ARG D 136 5.74 4.68 -42.91
CA ARG D 136 5.94 4.03 -41.64
C ARG D 136 7.12 4.69 -40.92
N PRO D 137 7.06 4.83 -39.59
CA PRO D 137 8.14 5.51 -38.87
C PRO D 137 9.49 4.83 -39.06
N GLU D 138 10.56 5.47 -38.56
CA GLU D 138 11.90 4.95 -38.73
C GLU D 138 12.00 3.54 -38.14
N GLY D 139 11.24 3.28 -37.08
CA GLY D 139 11.36 2.05 -36.34
C GLY D 139 12.24 2.26 -35.12
N GLN D 140 11.60 2.28 -33.95
CA GLN D 140 12.29 2.48 -32.69
C GLN D 140 13.30 1.37 -32.47
N ASN D 141 14.52 1.76 -32.08
CA ASN D 141 15.63 0.84 -31.92
C ASN D 141 15.62 0.30 -30.49
N TYR D 142 15.24 -0.97 -30.36
CA TYR D 142 15.25 -1.68 -29.10
C TYR D 142 16.53 -2.47 -28.98
N THR D 143 17.21 -2.34 -27.85
CA THR D 143 18.45 -3.03 -27.59
C THR D 143 18.19 -4.17 -26.62
N GLU D 144 18.36 -5.39 -27.09
CA GLU D 144 18.22 -6.56 -26.23
C GLU D 144 19.26 -6.51 -25.12
N GLY D 145 18.84 -6.95 -23.94
CA GLY D 145 19.75 -6.95 -22.80
C GLY D 145 19.19 -7.74 -21.63
N ILE D 146 20.04 -7.98 -20.65
CA ILE D 146 19.67 -8.65 -19.42
C ILE D 146 19.79 -7.61 -18.31
N ALA D 147 18.79 -7.52 -17.46
CA ALA D 147 18.79 -6.47 -16.45
C ALA D 147 18.42 -6.97 -15.08
N VAL D 148 18.92 -6.27 -14.09
CA VAL D 148 18.61 -6.49 -12.69
C VAL D 148 18.11 -5.17 -12.13
N VAL D 149 16.88 -5.17 -11.62
CA VAL D 149 16.26 -3.97 -11.13
C VAL D 149 16.35 -3.99 -9.63
N PHE D 150 16.93 -2.93 -9.07
CA PHE D 150 17.14 -2.79 -7.65
C PHE D 150 16.25 -1.71 -7.09
N LYS D 151 15.73 -1.98 -5.90
CA LYS D 151 14.92 -1.03 -5.16
C LYS D 151 15.59 -0.68 -3.86
N GLU D 152 15.10 0.36 -3.19
CA GLU D 152 15.63 0.77 -1.92
C GLU D 152 15.51 -0.36 -0.90
N ASN D 153 16.58 -0.60 -0.16
CA ASN D 153 16.62 -1.64 0.84
C ASN D 153 15.94 -1.11 2.09
N ILE D 154 14.62 -1.29 2.14
CA ILE D 154 13.86 -0.94 3.34
C ILE D 154 13.98 -2.04 4.38
N ALA D 155 14.35 -3.25 3.96
CA ALA D 155 14.49 -4.35 4.90
C ALA D 155 15.72 -4.12 5.76
N PRO D 156 15.60 -4.24 7.07
CA PRO D 156 16.74 -4.04 7.95
C PRO D 156 17.80 -5.12 7.74
N TYR D 157 19.04 -4.75 8.03
CA TYR D 157 20.10 -5.72 8.12
C TYR D 157 19.86 -6.60 9.34
N LYS D 158 19.73 -7.90 9.09
CA LYS D 158 19.40 -8.86 10.12
C LYS D 158 20.59 -9.76 10.36
N PHE D 159 20.88 -10.00 11.63
CA PHE D 159 21.88 -10.96 12.01
C PHE D 159 21.56 -11.66 13.30
N LYS D 160 22.34 -12.66 13.63
CA LYS D 160 22.10 -13.41 14.85
C LYS D 160 22.96 -12.83 15.95
N ALA D 161 22.33 -12.42 17.05
CA ALA D 161 23.08 -12.04 18.20
C ALA D 161 22.73 -12.96 19.36
N THR D 162 23.50 -12.88 20.42
CA THR D 162 23.30 -13.72 21.56
C THR D 162 23.39 -12.87 22.82
N MET D 163 22.32 -12.86 23.61
CA MET D 163 22.26 -12.06 24.82
C MET D 163 22.61 -12.91 26.02
N TYR D 164 23.65 -12.53 26.70
CA TYR D 164 24.05 -13.10 27.97
C TYR D 164 23.67 -12.12 29.04
N TYR D 165 22.72 -12.49 29.91
CA TYR D 165 22.38 -11.63 31.01
C TYR D 165 21.87 -12.44 32.18
N LYS D 166 22.05 -11.91 33.37
CA LYS D 166 21.58 -12.56 34.55
C LYS D 166 20.37 -11.85 35.12
N ASP D 167 19.22 -12.55 35.13
CA ASP D 167 18.01 -12.03 35.73
C ASP D 167 18.17 -12.11 37.24
N VAL D 168 18.34 -10.95 37.87
CA VAL D 168 18.50 -10.87 39.29
C VAL D 168 17.20 -10.41 39.89
N THR D 169 16.52 -11.28 40.62
CA THR D 169 15.26 -10.97 41.26
C THR D 169 15.45 -11.03 42.74
N VAL D 170 15.36 -9.90 43.42
CA VAL D 170 15.34 -9.89 44.86
C VAL D 170 13.94 -9.60 45.36
N SER D 171 13.36 -10.48 46.15
CA SER D 171 12.00 -10.34 46.64
C SER D 171 11.97 -10.21 48.15
N GLN D 172 11.21 -9.23 48.64
CA GLN D 172 11.00 -9.07 50.06
C GLN D 172 9.64 -9.69 50.39
N VAL D 173 9.64 -10.59 51.38
CA VAL D 173 8.44 -11.29 51.78
C VAL D 173 8.19 -11.03 53.24
N TRP D 174 6.94 -10.76 53.58
CA TRP D 174 6.50 -10.63 54.97
C TRP D 174 5.67 -11.84 55.31
N PHE D 175 6.02 -12.51 56.41
CA PHE D 175 5.32 -13.67 56.88
C PHE D 175 4.47 -13.30 58.09
N GLY D 176 3.14 -13.42 57.93
CA GLY D 176 2.22 -13.17 59.02
C GLY D 176 1.98 -14.42 59.85
N HIS D 177 0.88 -14.40 60.60
CA HIS D 177 0.52 -15.57 61.39
C HIS D 177 0.11 -16.72 60.47
N ARG D 178 -0.89 -16.48 59.62
CA ARG D 178 -1.41 -17.53 58.76
C ARG D 178 -1.03 -17.32 57.31
N TYR D 179 -0.18 -16.33 57.01
CA TYR D 179 0.04 -16.01 55.60
C TYR D 179 1.38 -15.35 55.33
N SER D 180 1.76 -15.38 54.05
CA SER D 180 2.98 -14.73 53.55
C SER D 180 2.59 -13.76 52.47
N GLN D 181 3.20 -12.58 52.48
CA GLN D 181 2.83 -11.53 51.55
C GLN D 181 4.08 -10.91 50.90
N PHE D 182 4.03 -10.73 49.57
CA PHE D 182 5.12 -10.02 48.91
C PHE D 182 5.07 -8.53 49.19
N MET D 183 6.11 -7.97 49.80
CA MET D 183 6.16 -6.55 50.04
C MET D 183 7.02 -5.84 49.02
N GLY D 184 7.46 -6.53 47.97
CA GLY D 184 8.16 -5.94 46.85
C GLY D 184 8.99 -6.98 46.11
N ILE D 185 9.09 -6.84 44.80
CA ILE D 185 9.92 -7.71 44.00
C ILE D 185 10.75 -6.85 43.04
N PHE D 186 12.03 -6.64 43.42
CA PHE D 186 12.96 -5.93 42.56
C PHE D 186 13.50 -6.84 41.47
N GLU D 187 13.25 -6.54 40.23
CA GLU D 187 13.73 -7.34 39.13
C GLU D 187 14.74 -6.50 38.35
N ASP D 188 15.91 -7.08 38.07
CA ASP D 188 16.94 -6.44 37.31
C ASP D 188 17.52 -7.39 36.28
N ARG D 189 18.11 -6.83 35.23
CA ARG D 189 18.87 -7.64 34.26
C ARG D 189 20.29 -7.13 34.24
N ALA D 190 21.26 -7.99 34.59
CA ALA D 190 22.65 -7.64 34.71
C ALA D 190 23.42 -8.18 33.51
N PRO D 191 24.41 -7.45 32.99
CA PRO D 191 25.25 -8.00 31.94
C PRO D 191 26.17 -9.09 32.47
N VAL D 192 26.57 -10.00 31.57
CA VAL D 192 27.53 -11.05 31.89
C VAL D 192 28.90 -10.62 31.39
N PRO D 193 29.92 -10.51 32.28
CA PRO D 193 31.21 -10.00 31.90
C PRO D 193 31.91 -10.81 30.83
N PHE D 194 32.85 -10.18 30.12
CA PHE D 194 33.53 -10.89 29.05
C PHE D 194 34.29 -12.10 29.58
N GLU D 195 34.91 -11.95 30.75
CA GLU D 195 35.65 -13.04 31.38
C GLU D 195 34.73 -14.24 31.60
N GLU D 196 33.43 -14.00 31.75
CA GLU D 196 32.47 -15.05 32.05
C GLU D 196 31.78 -15.54 30.78
N VAL D 197 31.82 -14.79 29.70
CA VAL D 197 31.26 -15.27 28.44
C VAL D 197 32.31 -16.10 27.70
N ILE D 198 33.59 -15.74 27.84
CA ILE D 198 34.64 -16.44 27.11
C ILE D 198 35.09 -17.65 27.92
N ASP D 199 35.51 -17.43 29.16
CA ASP D 199 36.10 -18.50 29.95
C ASP D 199 35.07 -19.47 30.50
N LYS D 200 33.87 -19.00 30.83
CA LYS D 200 32.88 -19.83 31.50
C LYS D 200 31.84 -20.35 30.49
N ILE D 201 31.09 -19.48 29.83
CA ILE D 201 29.96 -19.93 29.07
C ILE D 201 30.44 -20.59 27.80
N ASN D 202 31.37 -19.98 27.08
CA ASN D 202 31.77 -20.52 25.78
C ASN D 202 32.71 -21.71 25.96
N ALA D 203 33.55 -21.71 26.98
CA ALA D 203 34.53 -22.75 27.15
C ALA D 203 33.97 -23.97 27.86
N LYS D 204 33.38 -23.77 29.04
CA LYS D 204 32.95 -24.89 29.88
C LYS D 204 31.45 -25.11 29.82
N GLY D 205 30.70 -24.18 29.22
CA GLY D 205 29.25 -24.32 29.16
C GLY D 205 28.53 -24.07 30.48
N VAL D 206 29.20 -23.42 31.43
CA VAL D 206 28.65 -23.12 32.72
C VAL D 206 28.72 -21.63 32.95
N CYS D 207 28.03 -21.16 33.98
CA CYS D 207 27.91 -19.74 34.25
C CYS D 207 27.92 -19.56 35.76
N ARG D 208 28.50 -18.46 36.23
CA ARG D 208 28.58 -18.26 37.65
C ARG D 208 27.20 -18.04 38.23
N SER D 209 27.06 -18.35 39.54
CA SER D 209 25.81 -18.12 40.24
C SER D 209 25.77 -16.75 40.91
N THR D 210 26.68 -15.84 40.52
CA THR D 210 26.68 -14.49 41.02
C THR D 210 26.75 -13.51 39.86
N ALA D 211 26.08 -12.37 40.04
CA ALA D 211 26.17 -11.28 39.08
C ALA D 211 26.89 -10.11 39.78
N LYS D 212 27.98 -9.65 39.15
CA LYS D 212 28.72 -8.51 39.65
C LYS D 212 28.71 -7.48 38.53
N TYR D 213 27.94 -6.42 38.72
CA TYR D 213 27.66 -5.50 37.64
C TYR D 213 27.58 -4.09 38.20
N VAL D 214 27.35 -3.13 37.30
CA VAL D 214 27.28 -1.73 37.69
C VAL D 214 25.87 -1.27 37.40
N ARG D 215 25.16 -0.89 38.47
CA ARG D 215 23.81 -0.38 38.36
C ARG D 215 23.73 0.94 39.10
N ASN D 216 23.25 1.98 38.38
CA ASN D 216 23.03 3.26 39.02
C ASN D 216 24.28 3.65 39.83
N ASN D 217 25.42 3.60 39.12
CA ASN D 217 26.67 4.19 39.59
C ASN D 217 27.06 3.50 40.86
N LEU D 218 26.89 2.17 40.92
CA LEU D 218 27.32 1.40 42.08
C LEU D 218 27.68 0.01 41.62
N GLU D 219 28.60 -0.63 42.34
CA GLU D 219 29.05 -1.98 42.04
C GLU D 219 28.15 -2.98 42.77
N THR D 220 27.09 -3.41 42.09
CA THR D 220 26.13 -4.33 42.65
C THR D 220 26.65 -5.76 42.57
N THR D 221 26.47 -6.52 43.65
CA THR D 221 26.91 -7.90 43.68
C THR D 221 25.79 -8.76 44.24
N ALA D 222 25.20 -9.60 43.37
CA ALA D 222 24.07 -10.45 43.75
C ALA D 222 24.45 -11.92 43.71
N PHE D 223 24.11 -12.65 44.78
CA PHE D 223 24.42 -14.06 44.90
C PHE D 223 23.15 -14.87 44.83
N HIS D 224 23.10 -15.84 43.92
CA HIS D 224 21.93 -16.69 43.77
C HIS D 224 21.68 -17.45 45.05
N ARG D 225 20.43 -17.44 45.53
CA ARG D 225 20.01 -18.02 46.79
C ARG D 225 20.81 -17.48 47.98
N ASP D 226 21.55 -16.38 47.78
CA ASP D 226 22.35 -15.76 48.83
C ASP D 226 23.32 -16.75 49.46
N ASP D 227 23.86 -17.65 48.64
CA ASP D 227 24.89 -18.58 49.09
C ASP D 227 26.20 -18.28 48.36
N HIS D 228 27.21 -19.09 48.63
CA HIS D 228 28.52 -18.89 48.03
C HIS D 228 28.47 -19.12 46.53
N GLU D 229 29.43 -18.49 45.85
CA GLU D 229 29.51 -18.55 44.40
C GLU D 229 29.72 -19.98 43.94
N THR D 230 28.95 -20.38 42.93
CA THR D 230 29.01 -21.71 42.35
C THR D 230 28.81 -21.60 40.84
N ASP D 231 29.42 -22.52 40.10
CA ASP D 231 29.25 -22.56 38.67
C ASP D 231 28.13 -23.52 38.30
N MET D 232 27.13 -23.00 37.59
CA MET D 232 25.91 -23.72 37.32
C MET D 232 25.79 -23.97 35.82
N GLU D 233 25.37 -25.18 35.49
CA GLU D 233 25.26 -25.61 34.11
C GLU D 233 24.13 -24.84 33.44
N LEU D 234 24.33 -24.49 32.20
CA LEU D 234 23.29 -23.86 31.41
C LEU D 234 22.46 -24.94 30.77
N LYS D 235 21.20 -25.04 31.19
CA LYS D 235 20.29 -26.03 30.66
C LYS D 235 19.31 -25.36 29.72
N PRO D 236 18.80 -26.10 28.74
CA PRO D 236 17.89 -25.50 27.78
C PRO D 236 16.59 -25.06 28.42
N ALA D 237 16.05 -23.96 27.89
CA ALA D 237 14.81 -23.41 28.43
C ALA D 237 13.65 -24.26 27.97
N ASN D 238 12.52 -24.08 28.68
CA ASN D 238 11.32 -24.81 28.35
C ASN D 238 10.89 -24.41 26.95
N ALA D 239 10.42 -25.39 26.18
CA ALA D 239 10.05 -25.13 24.81
C ALA D 239 8.84 -24.20 24.79
N ALA D 240 8.88 -23.30 23.81
CA ALA D 240 7.74 -22.49 23.42
C ALA D 240 7.67 -22.52 21.90
N THR D 241 6.44 -22.39 21.39
CA THR D 241 6.25 -22.37 19.96
C THR D 241 6.84 -21.09 19.37
N ARG D 242 7.48 -21.22 18.21
CA ARG D 242 7.99 -20.09 17.43
C ARG D 242 8.85 -19.17 18.29
N THR D 243 9.76 -19.77 19.06
CA THR D 243 10.74 -19.02 19.82
C THR D 243 12.13 -19.55 19.46
N SER D 244 13.14 -18.71 19.71
CA SER D 244 14.52 -19.07 19.46
C SER D 244 15.10 -19.82 20.65
N ARG D 245 16.31 -20.35 20.46
CA ARG D 245 16.92 -21.18 21.47
C ARG D 245 17.27 -20.33 22.68
N GLY D 246 17.17 -20.90 23.87
CA GLY D 246 17.50 -20.18 25.07
C GLY D 246 17.94 -21.18 26.13
N TRP D 247 18.80 -20.70 27.03
CA TRP D 247 19.34 -21.51 28.12
C TRP D 247 19.26 -20.72 29.41
N HIS D 248 19.03 -21.40 30.51
CA HIS D 248 19.06 -20.76 31.81
C HIS D 248 19.60 -21.71 32.84
N THR D 249 20.22 -21.18 33.87
CA THR D 249 20.76 -22.01 34.92
C THR D 249 19.68 -22.41 35.91
N THR D 250 19.06 -21.43 36.52
CA THR D 250 18.05 -21.67 37.54
C THR D 250 16.65 -21.77 36.95
N ASP D 251 15.82 -22.62 37.55
CA ASP D 251 14.46 -22.80 37.05
C ASP D 251 13.39 -22.31 38.05
N LEU D 252 13.75 -22.16 39.33
CA LEU D 252 12.79 -21.68 40.31
C LEU D 252 13.33 -20.39 40.95
N LYS D 253 12.40 -19.53 41.32
CA LYS D 253 12.65 -18.31 42.02
C LYS D 253 12.87 -18.64 43.48
N TYR D 254 14.00 -18.19 44.00
CA TYR D 254 14.27 -18.36 45.42
C TYR D 254 13.57 -17.28 46.22
N ASN D 255 12.75 -17.66 47.18
CA ASN D 255 12.10 -16.72 48.09
C ASN D 255 12.47 -17.17 49.48
N PRO D 256 12.62 -16.23 50.43
CA PRO D 256 13.14 -16.55 51.74
C PRO D 256 12.26 -17.54 52.48
N SER D 257 12.93 -18.34 53.34
CA SER D 257 12.24 -19.28 54.19
C SER D 257 11.37 -18.52 55.18
N ARG D 258 10.33 -19.18 55.67
CA ARG D 258 9.41 -18.55 56.60
C ARG D 258 10.11 -18.28 57.93
N VAL D 259 9.95 -17.05 58.42
CA VAL D 259 10.15 -16.74 59.84
C VAL D 259 8.97 -15.88 60.27
N GLU D 260 8.63 -15.94 61.56
CA GLU D 260 7.42 -15.29 62.03
C GLU D 260 7.62 -13.78 62.11
N ALA D 261 6.73 -13.04 61.43
CA ALA D 261 6.58 -11.60 61.56
C ALA D 261 7.88 -10.87 61.25
N PHE D 262 8.57 -11.31 60.21
CA PHE D 262 9.80 -10.69 59.79
C PHE D 262 9.78 -10.52 58.28
N HIS D 263 10.26 -9.35 57.84
CA HIS D 263 10.53 -9.12 56.44
C HIS D 263 11.85 -9.77 56.07
N ARG D 264 11.72 -10.64 54.96
CA ARG D 264 12.88 -11.37 54.49
C ARG D 264 13.14 -11.13 53.01
N TYR D 265 14.39 -10.89 52.64
CA TYR D 265 14.74 -10.68 51.25
C TYR D 265 15.37 -11.93 50.66
N GLY D 266 14.99 -12.27 49.43
CA GLY D 266 15.54 -13.46 48.79
C GLY D 266 16.01 -13.14 47.39
N THR D 267 17.26 -13.54 47.08
CA THR D 267 17.82 -13.22 45.78
C THR D 267 17.87 -14.45 44.87
N THR D 268 17.51 -14.26 43.64
CA THR D 268 17.61 -15.30 42.64
C THR D 268 18.35 -14.75 41.44
N VAL D 269 19.45 -15.41 41.08
CA VAL D 269 20.21 -15.05 39.92
C VAL D 269 20.07 -16.13 38.87
N ASN D 270 19.34 -15.87 37.84
CA ASN D 270 19.16 -16.84 36.81
C ASN D 270 19.98 -16.36 35.63
N CYS D 271 21.11 -17.02 35.38
CA CYS D 271 21.92 -16.73 34.19
C CYS D 271 21.17 -17.21 32.95
N ILE D 272 20.98 -16.32 32.00
CA ILE D 272 20.22 -16.61 30.81
C ILE D 272 21.06 -16.30 29.57
N VAL D 273 21.05 -17.23 28.63
CA VAL D 273 21.70 -17.07 27.35
C VAL D 273 20.66 -17.24 26.28
N GLU D 274 20.35 -16.20 25.53
CA GLU D 274 19.29 -16.30 24.55
C GLU D 274 19.78 -15.90 23.18
N GLU D 275 19.60 -16.75 22.21
CA GLU D 275 19.93 -16.39 20.84
C GLU D 275 18.76 -15.61 20.26
N VAL D 276 19.03 -14.40 19.77
CA VAL D 276 18.02 -13.50 19.29
C VAL D 276 18.39 -13.00 17.91
N ASP D 277 17.36 -12.54 17.20
CA ASP D 277 17.58 -11.84 15.96
C ASP D 277 17.87 -10.40 16.31
N ALA D 278 18.91 -9.85 15.67
CA ALA D 278 19.23 -8.44 15.88
C ALA D 278 19.05 -7.75 14.54
N ARG D 279 18.53 -6.54 14.55
CA ARG D 279 18.26 -5.85 13.30
C ARG D 279 18.74 -4.40 13.33
N SER D 280 19.17 -3.89 12.19
CA SER D 280 19.67 -2.52 12.13
C SER D 280 19.28 -1.84 10.83
N VAL D 281 18.97 -0.56 10.89
CA VAL D 281 18.64 0.19 9.69
C VAL D 281 19.67 1.29 9.48
N TYR D 282 19.67 1.84 8.25
CA TYR D 282 20.63 2.85 7.86
C TYR D 282 20.52 4.06 8.79
N PRO D 283 21.63 4.68 9.23
CA PRO D 283 22.99 4.39 8.80
C PRO D 283 23.73 3.30 9.60
N TYR D 284 22.98 2.35 10.16
CA TYR D 284 23.55 1.22 10.83
C TYR D 284 24.44 1.67 11.95
N ASP D 285 24.00 2.69 12.70
CA ASP D 285 24.78 3.15 13.84
C ASP D 285 24.20 2.64 15.14
N GLU D 286 23.20 1.76 15.05
CA GLU D 286 22.57 1.16 16.20
C GLU D 286 21.79 -0.02 15.67
N PHE D 287 21.50 -0.97 16.56
CA PHE D 287 20.68 -2.11 16.20
C PHE D 287 19.90 -2.55 17.43
N VAL D 288 18.78 -3.22 17.16
CA VAL D 288 17.93 -3.74 18.21
C VAL D 288 18.09 -5.24 18.31
N LEU D 289 17.53 -5.80 19.35
CA LEU D 289 17.45 -7.23 19.51
C LEU D 289 15.98 -7.65 19.47
N ALA D 290 15.73 -8.95 19.43
CA ALA D 290 14.36 -9.46 19.43
C ALA D 290 13.64 -9.09 20.72
N THR D 291 14.38 -8.79 21.79
CA THR D 291 13.79 -8.44 23.06
C THR D 291 13.35 -6.99 23.13
N GLY D 292 13.52 -6.27 22.02
CA GLY D 292 13.18 -4.85 21.94
C GLY D 292 14.20 -3.96 22.63
N ASP D 293 15.35 -4.50 23.04
CA ASP D 293 16.42 -3.72 23.62
C ASP D 293 17.31 -3.11 22.55
N PHE D 294 17.57 -1.82 22.66
CA PHE D 294 18.37 -1.11 21.67
C PHE D 294 19.82 -1.19 22.08
N VAL D 295 20.67 -1.35 21.06
CA VAL D 295 22.11 -1.29 21.25
C VAL D 295 22.61 -0.14 20.40
N TYR D 296 23.14 0.90 21.07
CA TYR D 296 23.50 2.14 20.42
C TYR D 296 24.94 2.04 19.94
N MET D 297 25.16 1.16 18.97
CA MET D 297 26.48 0.89 18.44
C MET D 297 26.33 0.19 17.13
N SER D 298 27.19 0.54 16.21
CA SER D 298 27.11 0.01 14.88
C SER D 298 27.35 -1.48 14.94
N PRO D 299 26.64 -2.30 14.14
CA PRO D 299 26.89 -3.71 14.13
C PRO D 299 28.33 -4.01 13.71
N PHE D 300 28.96 -3.11 12.91
CA PHE D 300 30.21 -3.35 12.24
C PHE D 300 31.41 -2.80 12.98
N TYR D 301 31.18 -2.19 14.13
CA TYR D 301 32.28 -1.69 14.90
C TYR D 301 33.22 -2.81 15.27
N GLY D 302 34.56 -2.55 15.06
CA GLY D 302 35.55 -3.57 15.32
C GLY D 302 36.94 -3.01 15.49
N TYR D 303 37.94 -3.72 14.96
CA TYR D 303 39.33 -3.33 15.11
C TYR D 303 40.08 -3.18 13.80
N ARG D 304 39.62 -3.79 12.72
CA ARG D 304 40.42 -4.01 11.52
C ARG D 304 39.99 -3.07 10.40
N GLU D 305 40.95 -2.28 9.91
CA GLU D 305 40.86 -1.59 8.62
C GLU D 305 39.61 -0.70 8.55
N GLY D 306 39.61 0.31 9.41
CA GLY D 306 38.58 1.32 9.37
C GLY D 306 37.24 0.90 9.94
N SER D 307 37.16 -0.25 10.60
CA SER D 307 35.93 -0.69 11.25
C SER D 307 35.86 -0.20 12.69
N HIS D 308 36.65 0.81 13.04
CA HIS D 308 36.63 1.40 14.37
C HIS D 308 36.13 2.84 14.35
N THR D 309 35.92 3.41 13.17
CA THR D 309 35.32 4.74 13.05
C THR D 309 33.80 4.69 13.07
N GLU D 310 33.21 3.50 13.06
CA GLU D 310 31.76 3.35 13.12
C GLU D 310 31.23 3.87 14.44
N HIS D 311 30.01 4.17 14.38
CA HIS D 311 29.47 4.81 15.56
C HIS D 311 29.47 3.88 16.77
N THR D 312 29.80 4.40 17.93
CA THR D 312 29.59 3.71 19.18
C THR D 312 29.25 4.76 20.24
N SER D 313 28.16 4.49 20.97
CA SER D 313 27.72 5.39 22.01
C SER D 313 28.17 4.91 23.36
N TYR D 314 28.98 3.85 23.39
CA TYR D 314 29.46 3.33 24.66
C TYR D 314 30.96 3.55 24.76
N ALA D 315 31.42 3.57 26.02
CA ALA D 315 32.83 3.69 26.30
C ALA D 315 33.55 2.52 25.65
N ALA D 316 34.81 2.74 25.27
CA ALA D 316 35.55 1.67 24.62
C ALA D 316 35.84 0.53 25.59
N ASP D 317 35.68 0.72 26.89
CA ASP D 317 35.84 -0.34 27.87
C ASP D 317 34.69 -1.35 27.86
N ARG D 318 33.60 -1.04 27.15
CA ARG D 318 32.43 -1.89 27.10
C ARG D 318 32.45 -2.80 25.90
N PHE D 319 33.45 -2.77 25.07
CA PHE D 319 33.49 -3.56 23.84
C PHE D 319 34.78 -4.39 23.78
N LYS D 320 34.68 -5.61 23.25
CA LYS D 320 35.78 -6.52 23.17
C LYS D 320 35.55 -7.45 22.01
N GLN D 321 36.33 -7.24 20.93
CA GLN D 321 36.21 -8.10 19.72
C GLN D 321 37.19 -9.28 19.82
N VAL D 322 36.73 -10.42 20.32
CA VAL D 322 37.55 -11.61 20.48
C VAL D 322 37.79 -12.23 19.11
N ASP D 323 38.94 -11.88 18.51
CA ASP D 323 39.26 -12.41 17.19
C ASP D 323 39.65 -13.88 17.29
N GLY D 324 39.28 -14.67 16.26
CA GLY D 324 39.47 -16.10 16.34
C GLY D 324 38.69 -16.76 17.52
N PHE D 325 37.37 -16.76 17.35
CA PHE D 325 36.46 -17.27 18.37
C PHE D 325 35.89 -18.61 17.95
N TYR D 326 35.97 -19.60 18.86
CA TYR D 326 35.46 -20.93 18.62
C TYR D 326 34.15 -21.12 19.37
N ALA D 327 33.05 -21.01 18.63
CA ALA D 327 31.72 -21.16 19.19
C ALA D 327 31.48 -22.57 19.72
N ARG D 328 31.05 -22.73 20.96
CA ARG D 328 30.67 -24.01 21.51
C ARG D 328 29.19 -24.03 21.85
N ASP D 329 28.42 -24.77 21.03
CA ASP D 329 26.98 -24.85 21.21
C ASP D 329 26.66 -25.40 22.60
N LEU D 330 25.70 -24.78 23.29
CA LEU D 330 25.37 -25.16 24.65
C LEU D 330 24.43 -26.36 24.73
N THR D 331 23.91 -26.81 23.57
CA THR D 331 23.09 -28.03 23.52
C THR D 331 23.93 -29.23 23.10
N THR D 332 24.60 -29.12 21.95
CA THR D 332 25.44 -30.19 21.45
C THR D 332 26.74 -30.34 22.25
N LYS D 333 27.12 -29.29 22.99
CA LYS D 333 28.34 -29.28 23.79
C LYS D 333 29.57 -29.57 22.95
N ALA D 334 29.56 -29.09 21.70
CA ALA D 334 30.65 -29.31 20.76
C ALA D 334 31.18 -27.97 20.27
N ARG D 335 32.52 -27.87 20.17
CA ARG D 335 33.16 -26.65 19.73
C ARG D 335 33.26 -26.62 18.21
N ALA D 336 32.91 -25.48 17.62
CA ALA D 336 33.00 -25.31 16.18
C ALA D 336 34.46 -25.20 15.75
N THR D 337 34.73 -25.56 14.50
CA THR D 337 36.09 -25.61 13.99
C THR D 337 36.50 -24.28 13.37
N ALA D 338 35.61 -23.68 12.57
CA ALA D 338 35.91 -22.43 11.90
C ALA D 338 35.90 -21.29 12.92
N PRO D 339 36.99 -20.50 13.03
CA PRO D 339 36.99 -19.33 13.87
C PRO D 339 36.26 -18.15 13.21
N THR D 340 35.68 -17.30 14.07
CA THR D 340 35.00 -16.10 13.63
C THR D 340 35.37 -14.94 14.55
N THR D 341 35.20 -13.72 14.07
CA THR D 341 35.43 -12.54 14.89
C THR D 341 34.18 -12.31 15.72
N ARG D 342 34.35 -12.31 17.04
CA ARG D 342 33.21 -12.14 17.92
C ARG D 342 33.25 -10.78 18.59
N ASN D 343 32.22 -9.97 18.38
CA ASN D 343 32.02 -8.70 19.08
C ASN D 343 31.20 -8.94 20.35
N LEU D 344 31.67 -8.43 21.43
CA LEU D 344 30.97 -8.56 22.69
C LEU D 344 30.81 -7.18 23.33
N LEU D 345 29.59 -6.71 23.42
CA LEU D 345 29.27 -5.44 24.04
C LEU D 345 28.51 -5.67 25.33
N THR D 346 29.03 -5.16 26.41
CA THR D 346 28.41 -5.27 27.69
C THR D 346 27.68 -3.97 27.97
N THR D 347 26.40 -3.93 27.63
CA THR D 347 25.48 -2.84 27.90
C THR D 347 25.11 -2.84 29.38
N PRO D 348 24.52 -1.75 29.89
CA PRO D 348 24.25 -1.69 31.33
C PRO D 348 23.32 -2.77 31.86
N LYS D 349 22.56 -3.42 30.95
CA LYS D 349 21.53 -4.36 31.33
C LYS D 349 21.81 -5.77 30.83
N PHE D 350 22.65 -5.94 29.81
CA PHE D 350 22.91 -7.26 29.26
C PHE D 350 24.22 -7.22 28.48
N THR D 351 24.60 -8.35 27.92
CA THR D 351 25.75 -8.48 27.02
C THR D 351 25.30 -9.07 25.68
N VAL D 352 25.72 -8.49 24.60
CA VAL D 352 25.38 -8.99 23.29
C VAL D 352 26.67 -9.41 22.62
N ALA D 353 26.64 -10.61 22.02
CA ALA D 353 27.71 -11.05 21.20
C ALA D 353 27.19 -11.29 19.82
N TRP D 354 27.96 -10.83 18.85
CA TRP D 354 27.63 -11.17 17.48
C TRP D 354 28.89 -11.33 16.65
N ASP D 355 28.79 -12.17 15.63
CA ASP D 355 29.90 -12.38 14.72
C ASP D 355 30.10 -11.12 13.87
N TRP D 356 31.31 -10.55 13.96
CA TRP D 356 31.58 -9.31 13.28
C TRP D 356 31.82 -9.55 11.79
N VAL D 357 31.26 -8.67 10.98
CA VAL D 357 31.48 -8.74 9.56
C VAL D 357 31.83 -7.34 9.06
N PRO D 358 32.63 -7.20 7.99
CA PRO D 358 32.88 -5.90 7.42
C PRO D 358 31.58 -5.27 6.90
N LYS D 359 31.49 -3.95 7.04
CA LYS D 359 30.25 -3.24 6.75
C LYS D 359 30.01 -3.21 5.28
N ARG D 360 31.02 -2.91 4.46
CA ARG D 360 30.78 -2.64 3.04
C ARG D 360 30.19 -3.85 2.30
N PRO D 361 30.73 -5.07 2.41
CA PRO D 361 30.12 -6.19 1.69
C PRO D 361 28.99 -6.92 2.41
N SER D 362 28.56 -6.42 3.58
CA SER D 362 27.50 -7.03 4.36
C SER D 362 26.15 -6.34 4.16
N VAL D 363 26.14 -5.02 4.03
CA VAL D 363 24.90 -4.26 3.93
C VAL D 363 24.91 -3.47 2.66
N CYS D 364 23.70 -3.08 2.27
CA CYS D 364 23.52 -2.41 1.01
C CYS D 364 22.26 -1.56 1.07
N THR D 365 22.35 -0.34 0.55
CA THR D 365 21.20 0.54 0.54
C THR D 365 20.25 0.24 -0.61
N MET D 366 20.57 -0.73 -1.47
CA MET D 366 19.66 -1.16 -2.49
C MET D 366 19.57 -2.67 -2.48
N THR D 367 18.41 -3.19 -2.86
CA THR D 367 18.12 -4.60 -2.79
C THR D 367 17.69 -5.07 -4.17
N LYS D 368 18.24 -6.20 -4.58
CA LYS D 368 17.82 -6.82 -5.82
C LYS D 368 16.33 -7.13 -5.77
N TRP D 369 15.59 -6.58 -6.73
CA TRP D 369 14.15 -6.73 -6.79
C TRP D 369 13.69 -7.62 -7.93
N GLN D 370 14.27 -7.47 -9.12
CA GLN D 370 13.82 -8.26 -10.25
C GLN D 370 15.00 -8.64 -11.15
N GLU D 371 14.91 -9.84 -11.72
CA GLU D 371 15.76 -10.27 -12.81
C GLU D 371 14.92 -10.28 -14.08
N VAL D 372 15.35 -9.54 -15.08
CA VAL D 372 14.65 -9.49 -16.35
C VAL D 372 15.56 -10.06 -17.42
N ASP D 373 15.13 -11.14 -18.05
CA ASP D 373 15.87 -11.79 -19.09
C ASP D 373 15.86 -10.94 -20.36
N GLU D 374 14.67 -10.46 -20.75
CA GLU D 374 14.52 -9.73 -22.00
C GLU D 374 13.96 -8.35 -21.70
N MET D 375 14.86 -7.40 -21.39
CA MET D 375 14.44 -6.07 -21.03
C MET D 375 14.93 -5.10 -22.08
N LEU D 376 14.03 -4.74 -23.01
CA LEU D 376 14.40 -3.94 -24.15
C LEU D 376 14.80 -2.55 -23.67
N ARG D 377 15.86 -2.01 -24.30
CA ARG D 377 16.30 -0.66 -24.03
C ARG D 377 16.18 0.14 -25.32
N SER D 378 15.52 1.29 -25.23
CA SER D 378 15.38 2.13 -26.40
C SER D 378 15.67 3.57 -25.99
N GLU D 379 16.01 4.40 -26.98
CA GLU D 379 16.27 5.81 -26.74
C GLU D 379 15.22 6.63 -27.46
N TYR D 380 14.59 7.53 -26.71
CA TYR D 380 13.62 8.44 -27.26
C TYR D 380 13.44 9.62 -26.31
N GLY D 381 13.19 10.79 -26.88
CA GLY D 381 12.92 11.98 -26.10
C GLY D 381 14.06 12.33 -25.14
N GLY D 382 15.30 12.07 -25.58
CA GLY D 382 16.47 12.29 -24.76
C GLY D 382 16.44 11.51 -23.45
N SER D 383 15.91 10.28 -23.53
CA SER D 383 15.84 9.41 -22.37
C SER D 383 15.86 7.96 -22.85
N PHE D 384 16.17 7.05 -21.93
CA PHE D 384 16.09 5.63 -22.23
C PHE D 384 14.85 5.01 -21.61
N ARG D 385 14.09 4.30 -22.43
CA ARG D 385 12.94 3.54 -21.98
C ARG D 385 13.36 2.09 -21.89
N PHE D 386 13.25 1.51 -20.69
CA PHE D 386 13.50 0.11 -20.45
C PHE D 386 12.18 -0.61 -20.26
N SER D 387 11.78 -1.43 -21.25
CA SER D 387 10.50 -2.12 -21.25
C SER D 387 10.73 -3.61 -21.03
N SER D 388 10.08 -4.15 -20.00
CA SER D 388 10.15 -5.55 -19.64
C SER D 388 8.78 -6.18 -19.89
N ASP D 389 8.71 -7.14 -20.78
CA ASP D 389 7.46 -7.80 -21.10
C ASP D 389 7.15 -8.86 -20.06
N ALA D 390 8.17 -9.32 -19.33
CA ALA D 390 7.97 -10.38 -18.34
C ALA D 390 7.17 -9.86 -17.15
N ILE D 391 7.54 -8.69 -16.63
CA ILE D 391 6.81 -8.09 -15.53
C ILE D 391 5.91 -6.93 -15.99
N SER D 392 5.84 -6.69 -17.29
CA SER D 392 4.93 -5.71 -17.87
C SER D 392 5.21 -4.36 -17.25
N THR D 393 6.43 -3.86 -17.49
CA THR D 393 6.90 -2.64 -16.85
C THR D 393 7.66 -1.80 -17.88
N THR D 394 7.70 -0.50 -17.68
CA THR D 394 8.49 0.40 -18.51
C THR D 394 9.05 1.52 -17.64
N PHE D 395 10.36 1.52 -17.44
CA PHE D 395 11.07 2.57 -16.72
C PHE D 395 11.65 3.60 -17.68
N THR D 396 11.84 4.82 -17.19
CA THR D 396 12.45 5.88 -17.97
C THR D 396 13.65 6.45 -17.22
N THR D 397 14.78 6.57 -17.91
CA THR D 397 16.03 7.00 -17.31
C THR D 397 16.65 8.12 -18.13
N ASN D 398 17.51 8.91 -17.48
CA ASN D 398 18.32 9.89 -18.19
C ASN D 398 19.31 9.17 -19.11
N LEU D 399 19.84 9.90 -20.09
CA LEU D 399 20.72 9.29 -21.06
C LEU D 399 22.04 8.91 -20.38
N THR D 400 22.54 9.74 -19.47
CA THR D 400 23.82 9.46 -18.83
C THR D 400 23.66 8.31 -17.85
N GLU D 401 24.72 7.53 -17.69
CA GLU D 401 24.74 6.46 -16.72
C GLU D 401 24.70 7.04 -15.31
N TYR D 402 24.29 6.18 -14.37
CA TYR D 402 24.33 6.54 -12.96
C TYR D 402 25.62 6.01 -12.39
N PRO D 403 26.53 6.90 -11.93
CA PRO D 403 27.77 6.41 -11.31
C PRO D 403 27.49 5.58 -10.08
N LEU D 404 27.88 4.31 -10.11
CA LEU D 404 27.57 3.41 -9.00
C LEU D 404 28.24 3.87 -7.72
N SER D 405 29.33 4.65 -7.82
CA SER D 405 30.06 5.11 -6.65
C SER D 405 29.23 6.07 -5.80
N ARG D 406 28.27 6.74 -6.30
CA ARG D 406 27.46 7.67 -5.51
C ARG D 406 26.52 6.96 -4.56
N VAL D 407 26.16 5.70 -4.92
CA VAL D 407 25.27 4.96 -4.04
C VAL D 407 25.98 4.73 -2.71
N ASP D 408 25.37 5.20 -1.63
CA ASP D 408 25.91 4.96 -0.31
C ASP D 408 25.79 3.47 0.00
N LEU D 409 26.89 2.82 0.39
CA LEU D 409 26.90 1.41 0.71
C LEU D 409 26.33 0.59 -0.45
N GLY D 410 26.93 0.74 -1.63
CA GLY D 410 26.37 0.12 -2.81
C GLY D 410 27.33 -0.85 -3.50
N ASP D 411 28.09 -1.61 -2.70
CA ASP D 411 28.98 -2.62 -3.26
C ASP D 411 28.24 -3.89 -3.64
N CYS D 412 27.04 -4.11 -3.05
CA CYS D 412 26.27 -5.31 -3.35
C CYS D 412 25.77 -5.28 -4.80
N ILE D 413 25.56 -4.07 -5.34
CA ILE D 413 24.84 -3.92 -6.58
C ILE D 413 25.62 -4.55 -7.71
N GLY D 414 26.91 -4.22 -7.79
CA GLY D 414 27.75 -4.76 -8.86
C GLY D 414 27.80 -6.28 -8.80
N LYS D 415 28.07 -6.80 -7.61
CA LYS D 415 28.24 -8.24 -7.44
C LYS D 415 26.95 -8.98 -7.81
N ASP D 416 25.82 -8.56 -7.23
CA ASP D 416 24.54 -9.22 -7.50
C ASP D 416 24.15 -9.09 -8.96
N ALA D 417 24.37 -7.93 -9.54
CA ALA D 417 24.08 -7.73 -10.97
C ALA D 417 24.90 -8.69 -11.82
N ARG D 418 26.21 -8.75 -11.59
CA ARG D 418 27.07 -9.60 -12.40
C ARG D 418 26.68 -11.06 -12.23
N ASP D 419 26.38 -11.50 -11.00
CA ASP D 419 26.00 -12.88 -10.77
C ASP D 419 24.74 -13.24 -11.52
N ALA D 420 23.69 -12.39 -11.38
CA ALA D 420 22.42 -12.67 -12.03
C ALA D 420 22.58 -12.63 -13.55
N MET D 421 23.37 -11.69 -14.05
CA MET D 421 23.54 -11.53 -15.47
C MET D 421 24.30 -12.72 -16.08
N ASP D 422 25.34 -13.20 -15.40
CA ASP D 422 26.05 -14.37 -15.86
C ASP D 422 25.15 -15.59 -15.84
N ARG D 423 24.35 -15.73 -14.79
CA ARG D 423 23.44 -16.87 -14.69
C ARG D 423 22.44 -16.85 -15.85
N ILE D 424 21.85 -15.69 -16.12
CA ILE D 424 20.84 -15.60 -17.15
C ILE D 424 21.47 -15.80 -18.53
N PHE D 425 22.68 -15.27 -18.73
CA PHE D 425 23.38 -15.46 -19.99
C PHE D 425 23.65 -16.94 -20.24
N ALA D 426 24.10 -17.65 -19.21
CA ALA D 426 24.35 -19.08 -19.33
C ALA D 426 23.05 -19.82 -19.64
N ARG D 427 21.98 -19.45 -18.96
CA ARG D 427 20.73 -20.19 -19.09
C ARG D 427 20.06 -19.95 -20.44
N ARG D 428 20.11 -18.73 -20.97
CA ARG D 428 19.26 -18.39 -22.11
C ARG D 428 20.00 -17.90 -23.34
N TYR D 429 21.05 -17.07 -23.21
CA TYR D 429 21.63 -16.44 -24.39
C TYR D 429 23.03 -16.95 -24.74
N ASN D 430 23.54 -17.96 -24.04
CA ASN D 430 24.92 -18.38 -24.24
C ASN D 430 25.15 -18.87 -25.68
N ALA D 431 24.12 -19.51 -26.26
CA ALA D 431 24.24 -20.11 -27.59
C ALA D 431 23.78 -19.17 -28.72
N THR D 432 23.24 -17.99 -28.40
CA THR D 432 22.65 -17.15 -29.44
C THR D 432 23.09 -15.69 -29.38
N HIS D 433 23.41 -15.17 -28.20
CA HIS D 433 23.79 -13.77 -28.07
C HIS D 433 25.15 -13.68 -27.36
N ILE D 434 25.75 -12.49 -27.40
CA ILE D 434 27.01 -12.21 -26.74
C ILE D 434 26.88 -10.93 -25.95
N LYS D 435 27.63 -10.83 -24.85
CA LYS D 435 27.64 -9.61 -24.06
C LYS D 435 28.30 -8.47 -24.81
N VAL D 436 27.79 -7.26 -24.58
CA VAL D 436 28.32 -6.05 -25.18
C VAL D 436 28.77 -5.14 -24.05
N GLY D 437 30.08 -5.18 -23.77
CA GLY D 437 30.64 -4.34 -22.73
C GLY D 437 30.26 -4.80 -21.33
N GLN D 438 30.71 -3.96 -20.39
CA GLN D 438 30.53 -4.17 -18.98
C GLN D 438 29.13 -3.70 -18.59
N PRO D 439 28.53 -4.24 -17.50
CA PRO D 439 27.21 -3.77 -17.09
C PRO D 439 27.16 -2.26 -16.86
N GLN D 440 26.09 -1.62 -17.37
CA GLN D 440 25.83 -0.22 -17.13
C GLN D 440 24.77 -0.05 -16.04
N TYR D 441 24.73 1.13 -15.43
CA TYR D 441 23.78 1.37 -14.34
C TYR D 441 23.04 2.68 -14.60
N TYR D 442 21.71 2.60 -14.56
CA TYR D 442 20.88 3.76 -14.80
C TYR D 442 19.91 3.93 -13.64
N LEU D 443 19.52 5.16 -13.36
CA LEU D 443 18.51 5.44 -12.35
C LEU D 443 17.21 5.84 -13.07
N ALA D 444 16.12 5.21 -12.66
CA ALA D 444 14.82 5.38 -13.29
C ALA D 444 13.89 6.09 -12.31
N ASN D 445 12.99 6.88 -12.91
CA ASN D 445 12.05 7.66 -12.13
C ASN D 445 11.28 6.74 -11.19
N GLY D 446 11.03 7.24 -9.99
CA GLY D 446 10.48 6.40 -8.97
C GLY D 446 11.56 5.78 -8.10
N GLY D 447 12.82 5.83 -8.56
CA GLY D 447 13.94 5.44 -7.72
C GLY D 447 14.34 4.00 -7.93
N PHE D 448 14.39 3.56 -9.21
CA PHE D 448 14.76 2.19 -9.50
C PHE D 448 16.13 2.14 -10.16
N LEU D 449 17.05 1.35 -9.62
CA LEU D 449 18.39 1.25 -10.20
C LEU D 449 18.44 0.06 -11.12
N ILE D 450 18.51 0.31 -12.42
CA ILE D 450 18.51 -0.73 -13.42
C ILE D 450 19.96 -0.99 -13.84
N ALA D 451 20.47 -2.16 -13.49
CA ALA D 451 21.74 -2.65 -14.00
C ALA D 451 21.45 -3.39 -15.27
N TYR D 452 22.09 -2.97 -16.35
CA TYR D 452 21.73 -3.40 -17.69
C TYR D 452 22.98 -3.89 -18.42
N GLN D 453 22.93 -5.12 -18.92
CA GLN D 453 23.99 -5.67 -19.74
C GLN D 453 23.46 -5.81 -21.13
N PRO D 454 23.95 -4.99 -22.08
CA PRO D 454 23.47 -5.11 -23.44
C PRO D 454 23.90 -6.46 -23.99
N LEU D 455 23.11 -6.93 -24.97
CA LEU D 455 23.42 -8.16 -25.66
C LEU D 455 23.32 -7.90 -27.15
N LEU D 456 24.11 -8.66 -27.91
CA LEU D 456 24.05 -8.60 -29.36
C LEU D 456 23.90 -10.01 -29.91
N SER D 457 22.96 -10.19 -30.82
CA SER D 457 22.80 -11.47 -31.50
C SER D 457 24.01 -11.73 -32.38
N ASN D 458 24.27 -13.01 -32.66
CA ASN D 458 25.41 -13.38 -33.50
C ASN D 458 25.25 -12.80 -34.90
N THR D 459 23.99 -12.69 -35.35
CA THR D 459 23.67 -12.16 -36.67
C THR D 459 24.21 -10.72 -36.80
N VAL D 492 27.64 10.92 -2.83
CA VAL D 492 27.22 9.83 -1.91
C VAL D 492 25.83 10.15 -1.37
N GLU D 493 24.84 9.35 -1.77
CA GLU D 493 23.46 9.61 -1.42
C GLU D 493 22.68 8.30 -1.38
N ARG D 494 21.51 8.37 -0.77
CA ARG D 494 20.60 7.22 -0.72
C ARG D 494 19.45 7.44 -1.70
N ILE D 495 19.23 6.43 -2.55
CA ILE D 495 18.15 6.48 -3.51
C ILE D 495 16.86 6.08 -2.82
N LYS D 496 15.85 6.95 -2.91
CA LYS D 496 14.53 6.67 -2.34
C LYS D 496 13.60 6.22 -3.46
N THR D 497 13.06 5.01 -3.32
CA THR D 497 12.23 4.41 -4.34
C THR D 497 10.75 4.59 -3.99
N THR D 498 9.94 4.78 -5.02
CA THR D 498 8.51 4.82 -4.86
C THR D 498 8.02 3.46 -4.39
N SER D 499 6.91 3.48 -3.66
CA SER D 499 6.34 2.25 -3.11
C SER D 499 5.31 1.63 -4.04
N SER D 500 5.01 2.29 -5.17
CA SER D 500 4.03 1.81 -6.11
C SER D 500 4.67 1.71 -7.48
N ILE D 501 4.73 0.51 -8.03
CA ILE D 501 5.17 0.33 -9.41
C ILE D 501 4.06 0.59 -10.43
N GLU D 502 2.87 1.00 -9.95
CA GLU D 502 1.72 1.07 -10.83
C GLU D 502 1.91 2.11 -11.91
N PHE D 503 2.73 3.13 -11.64
CA PHE D 503 3.01 4.14 -12.67
C PHE D 503 3.75 3.50 -13.82
N ALA D 504 4.70 2.62 -13.52
CA ALA D 504 5.47 1.95 -14.54
C ALA D 504 4.62 0.93 -15.29
N ARG D 505 3.77 0.18 -14.59
CA ARG D 505 2.90 -0.77 -15.26
C ARG D 505 1.91 -0.05 -16.13
N LEU D 506 1.35 1.07 -15.67
CA LEU D 506 0.48 1.87 -16.51
C LEU D 506 1.25 2.39 -17.71
N GLN D 507 2.51 2.78 -17.50
CA GLN D 507 3.34 3.23 -18.59
C GLN D 507 3.52 2.15 -19.62
N PHE D 508 3.79 0.94 -19.18
CA PHE D 508 3.98 -0.16 -20.10
C PHE D 508 2.68 -0.43 -20.87
N THR D 509 1.56 -0.42 -20.16
CA THR D 509 0.28 -0.71 -20.81
C THR D 509 -0.04 0.35 -21.84
N TYR D 510 0.06 1.61 -21.44
CA TYR D 510 -0.24 2.70 -22.33
C TYR D 510 0.65 2.60 -23.55
N ASN D 511 1.95 2.42 -23.33
CA ASN D 511 2.89 2.31 -24.42
C ASN D 511 2.48 1.20 -25.37
N HIS D 512 2.31 -0.01 -24.84
CA HIS D 512 1.97 -1.13 -25.70
C HIS D 512 0.75 -0.83 -26.54
N ILE D 513 -0.31 -0.34 -25.92
CA ILE D 513 -1.52 -0.02 -26.64
C ILE D 513 -1.26 1.10 -27.60
N GLN D 514 -0.48 2.11 -27.20
CA GLN D 514 -0.15 3.26 -28.03
C GLN D 514 0.64 2.82 -29.24
N ARG D 515 1.66 1.98 -29.04
CA ARG D 515 2.47 1.50 -30.14
C ARG D 515 1.56 0.77 -31.10
N HIS D 516 0.72 -0.12 -30.60
CA HIS D 516 -0.10 -0.93 -31.47
C HIS D 516 -1.07 -0.08 -32.26
N VAL D 517 -1.80 0.80 -31.58
CA VAL D 517 -2.81 1.61 -32.27
C VAL D 517 -2.15 2.58 -33.22
N ASN D 518 -1.01 3.16 -32.84
CA ASN D 518 -0.29 4.05 -33.73
C ASN D 518 0.16 3.30 -34.96
N ASP D 519 0.71 2.11 -34.76
CA ASP D 519 1.15 1.29 -35.89
C ASP D 519 0.00 0.98 -36.84
N MET D 520 -1.04 0.33 -36.32
CA MET D 520 -2.15 -0.08 -37.19
C MET D 520 -2.84 1.10 -37.85
N LEU D 521 -3.15 2.13 -37.07
CA LEU D 521 -3.80 3.31 -37.63
C LEU D 521 -2.90 3.94 -38.68
N GLY D 522 -1.63 4.12 -38.35
CA GLY D 522 -0.70 4.63 -39.33
C GLY D 522 -0.74 3.76 -40.57
N ARG D 523 -0.89 2.45 -40.39
CA ARG D 523 -1.03 1.56 -41.57
C ARG D 523 -2.35 1.90 -42.28
N VAL D 524 -3.41 2.17 -41.50
CA VAL D 524 -4.70 2.53 -42.09
C VAL D 524 -4.56 3.83 -42.87
N ALA D 525 -3.88 4.83 -42.31
CA ALA D 525 -3.67 6.10 -42.96
C ALA D 525 -2.82 5.94 -44.22
N ILE D 526 -1.75 5.15 -44.13
CA ILE D 526 -0.87 4.95 -45.26
C ILE D 526 -1.62 4.21 -46.36
N ALA D 527 -2.38 3.19 -45.99
CA ALA D 527 -3.18 2.45 -46.93
C ALA D 527 -4.29 3.33 -47.48
N TRP D 528 -4.75 4.33 -46.73
CA TRP D 528 -5.74 5.26 -47.24
C TRP D 528 -5.12 6.15 -48.31
N CYS D 529 -3.90 6.62 -48.05
CA CYS D 529 -3.18 7.36 -49.08
C CYS D 529 -3.04 6.52 -50.35
N GLU D 530 -2.61 5.26 -50.20
CA GLU D 530 -2.42 4.42 -51.36
C GLU D 530 -3.77 4.16 -52.02
N LEU D 531 -4.83 4.01 -51.23
CA LEU D 531 -6.14 3.71 -51.78
C LEU D 531 -6.63 4.89 -52.60
N GLN D 532 -6.43 6.11 -52.15
CA GLN D 532 -6.87 7.26 -52.90
C GLN D 532 -5.99 7.47 -54.14
N ASN D 533 -4.68 7.33 -54.00
CA ASN D 533 -3.81 7.43 -55.15
C ASN D 533 -4.14 6.32 -56.15
N HIS D 534 -4.73 5.24 -55.67
CA HIS D 534 -5.03 4.09 -56.48
C HIS D 534 -6.38 4.26 -57.15
N GLU D 535 -7.29 4.96 -56.49
CA GLU D 535 -8.60 5.26 -57.04
C GLU D 535 -8.54 6.46 -57.99
N LEU D 536 -7.50 7.28 -57.91
CA LEU D 536 -7.37 8.41 -58.81
C LEU D 536 -7.36 7.94 -60.24
N THR D 537 -6.77 6.77 -60.50
CA THR D 537 -6.71 6.26 -61.87
C THR D 537 -8.09 5.85 -62.37
N LEU D 538 -8.91 5.30 -61.49
CA LEU D 538 -10.30 4.98 -61.84
C LEU D 538 -11.08 6.26 -62.04
N TRP D 539 -10.82 7.28 -61.21
CA TRP D 539 -11.45 8.58 -61.35
C TRP D 539 -11.11 9.22 -62.70
N ASN D 540 -9.87 9.12 -63.16
CA ASN D 540 -9.45 9.72 -64.42
C ASN D 540 -10.20 9.13 -65.61
N GLU D 541 -10.74 7.91 -65.46
CA GLU D 541 -11.51 7.28 -66.53
C GLU D 541 -13.01 7.51 -66.34
N ALA D 542 -13.46 7.55 -65.09
CA ALA D 542 -14.86 7.82 -64.81
C ALA D 542 -15.24 9.21 -65.32
N ARG D 543 -14.38 10.20 -65.11
CA ARG D 543 -14.64 11.53 -65.58
C ARG D 543 -14.75 11.56 -67.11
N LYS D 544 -14.07 10.64 -67.77
CA LYS D 544 -14.25 10.51 -69.22
C LYS D 544 -15.60 9.86 -69.54
N LEU D 545 -16.03 8.90 -68.72
CA LEU D 545 -17.27 8.18 -68.99
C LEU D 545 -18.48 9.11 -68.89
N ASN D 546 -18.61 9.80 -67.75
CA ASN D 546 -19.76 10.65 -67.50
C ASN D 546 -19.33 11.78 -66.55
N PRO D 547 -18.75 12.85 -67.09
CA PRO D 547 -18.13 13.87 -66.25
C PRO D 547 -19.04 14.51 -65.20
N ASN D 548 -20.35 14.56 -65.47
CA ASN D 548 -21.28 15.30 -64.63
C ASN D 548 -21.31 14.75 -63.21
N ALA D 549 -21.47 13.42 -63.08
CA ALA D 549 -21.63 12.81 -61.77
C ALA D 549 -20.35 12.97 -60.94
N ILE D 550 -19.21 12.72 -61.58
CA ILE D 550 -17.92 12.82 -60.90
C ILE D 550 -17.67 14.25 -60.47
N ALA D 551 -17.97 15.21 -61.36
CA ALA D 551 -17.77 16.61 -61.03
C ALA D 551 -18.66 17.00 -59.85
N SER D 552 -19.91 16.55 -59.87
CA SER D 552 -20.82 16.91 -58.80
C SER D 552 -20.22 16.60 -57.44
N ALA D 553 -19.89 15.33 -57.20
CA ALA D 553 -19.36 14.93 -55.90
C ALA D 553 -18.01 15.56 -55.59
N THR D 554 -17.07 15.45 -56.52
CA THR D 554 -15.73 15.99 -56.28
C THR D 554 -15.79 17.46 -55.90
N VAL D 555 -16.71 18.19 -56.51
CA VAL D 555 -16.81 19.63 -56.24
C VAL D 555 -17.66 19.90 -55.01
N GLY D 556 -18.82 19.23 -54.92
CA GLY D 556 -19.68 19.36 -53.75
C GLY D 556 -21.07 19.94 -54.05
N ARG D 557 -21.39 20.20 -55.33
CA ARG D 557 -22.74 20.65 -55.69
C ARG D 557 -23.09 20.09 -57.06
N ARG D 558 -24.40 19.97 -57.33
CA ARG D 558 -24.85 19.43 -58.60
C ARG D 558 -24.42 20.35 -59.73
N VAL D 559 -23.45 19.87 -60.53
CA VAL D 559 -22.88 20.63 -61.63
C VAL D 559 -22.82 19.77 -62.87
N SER D 560 -22.68 20.45 -64.01
CA SER D 560 -22.43 19.81 -65.29
C SER D 560 -20.97 20.06 -65.67
N ALA D 561 -20.40 19.10 -66.40
CA ALA D 561 -19.04 19.27 -66.87
C ALA D 561 -18.89 18.59 -68.22
N ARG D 562 -17.98 19.11 -69.03
CA ARG D 562 -17.56 18.42 -70.24
C ARG D 562 -16.05 18.49 -70.34
N MET D 563 -15.46 17.43 -70.86
CA MET D 563 -14.01 17.38 -71.01
C MET D 563 -13.58 18.33 -72.13
N LEU D 564 -12.49 19.06 -71.87
CA LEU D 564 -11.91 19.96 -72.86
C LEU D 564 -10.46 19.57 -73.13
N GLY D 565 -10.25 18.27 -73.34
CA GLY D 565 -8.90 17.72 -73.42
C GLY D 565 -8.55 16.96 -72.14
N ASP D 566 -7.72 17.56 -71.30
CA ASP D 566 -7.29 16.93 -70.05
C ASP D 566 -7.83 17.67 -68.84
N VAL D 567 -8.83 18.53 -69.05
CA VAL D 567 -9.56 19.16 -67.96
C VAL D 567 -11.05 19.07 -68.27
N MET D 568 -11.85 19.36 -67.25
CA MET D 568 -13.30 19.37 -67.39
C MET D 568 -13.84 20.75 -67.04
N ALA D 569 -14.45 21.41 -68.03
CA ALA D 569 -15.15 22.66 -67.80
C ALA D 569 -16.45 22.37 -67.07
N VAL D 570 -16.70 23.18 -66.02
CA VAL D 570 -17.77 22.91 -65.08
C VAL D 570 -18.67 24.16 -64.99
N SER D 571 -19.96 23.91 -64.76
CA SER D 571 -20.94 24.96 -64.59
C SER D 571 -22.04 24.45 -63.65
N THR D 572 -22.46 25.29 -62.70
CA THR D 572 -23.53 24.93 -61.80
C THR D 572 -24.86 24.84 -62.56
N CYS D 573 -25.66 23.83 -62.21
CA CYS D 573 -26.96 23.63 -62.81
C CYS D 573 -28.02 24.34 -61.98
N VAL D 574 -29.11 24.72 -62.66
CA VAL D 574 -30.19 25.47 -62.06
C VAL D 574 -31.23 24.49 -61.51
N PRO D 575 -31.56 24.56 -60.21
CA PRO D 575 -32.61 23.69 -59.66
C PRO D 575 -33.99 24.00 -60.24
N VAL D 576 -34.81 22.94 -60.31
CA VAL D 576 -36.15 23.01 -60.84
C VAL D 576 -37.05 22.10 -60.00
N ALA D 577 -38.23 22.61 -59.63
CA ALA D 577 -39.15 21.85 -58.80
C ALA D 577 -39.69 20.63 -59.56
N ALA D 578 -39.99 19.56 -58.81
CA ALA D 578 -40.47 18.33 -59.42
C ALA D 578 -41.86 18.50 -60.04
N ASP D 579 -42.69 19.29 -59.36
CA ASP D 579 -44.07 19.51 -59.80
C ASP D 579 -44.14 20.27 -61.12
N ASN D 580 -43.03 20.87 -61.56
CA ASN D 580 -42.99 21.65 -62.79
C ASN D 580 -42.50 20.82 -63.98
N VAL D 581 -42.67 19.50 -63.94
CA VAL D 581 -42.20 18.63 -65.00
C VAL D 581 -43.32 17.68 -65.40
N ILE D 582 -43.58 17.59 -66.70
CA ILE D 582 -44.57 16.69 -67.26
C ILE D 582 -43.89 15.79 -68.28
N VAL D 583 -44.13 14.48 -68.17
CA VAL D 583 -43.53 13.51 -69.06
C VAL D 583 -44.51 13.18 -70.18
N GLN D 584 -44.09 13.38 -71.42
CA GLN D 584 -44.92 13.03 -72.56
C GLN D 584 -45.03 11.51 -72.69
N ASN D 585 -46.24 11.06 -73.02
CA ASN D 585 -46.57 9.66 -72.97
C ASN D 585 -45.93 8.90 -74.13
N SER D 586 -46.00 9.46 -75.34
CA SER D 586 -45.58 8.75 -76.55
C SER D 586 -44.13 9.08 -76.87
N MET D 587 -43.32 8.02 -77.05
CA MET D 587 -41.90 8.18 -77.32
C MET D 587 -41.58 8.00 -78.80
N ARG D 588 -42.59 7.74 -79.64
CA ARG D 588 -42.38 7.62 -81.07
C ARG D 588 -42.16 9.00 -81.68
N ILE D 589 -41.48 9.01 -82.83
CA ILE D 589 -41.31 10.20 -83.63
C ILE D 589 -42.36 10.17 -84.74
N SER D 590 -43.24 11.18 -84.73
CA SER D 590 -44.33 11.25 -85.71
C SER D 590 -43.83 11.67 -87.10
N SER D 591 -42.60 12.19 -87.18
CA SER D 591 -42.07 12.74 -88.42
C SER D 591 -41.08 11.80 -89.13
N ARG D 592 -40.59 10.77 -88.43
CA ARG D 592 -39.63 9.84 -88.99
C ARG D 592 -39.91 8.44 -88.48
N PRO D 593 -40.53 7.57 -89.29
CA PRO D 593 -40.66 6.17 -88.93
C PRO D 593 -39.29 5.49 -88.81
N GLY D 594 -39.16 4.59 -87.83
CA GLY D 594 -37.94 3.84 -87.64
C GLY D 594 -36.97 4.47 -86.65
N ALA D 595 -37.26 5.70 -86.19
CA ALA D 595 -36.43 6.37 -85.19
C ALA D 595 -37.26 6.61 -83.93
N CYS D 596 -36.66 6.39 -82.77
CA CYS D 596 -37.33 6.55 -81.50
C CYS D 596 -36.43 7.28 -80.51
N TYR D 597 -37.03 7.85 -79.48
CA TYR D 597 -36.26 8.47 -78.41
C TYR D 597 -35.85 7.40 -77.40
N SER D 598 -34.65 7.58 -76.80
CA SER D 598 -34.15 6.63 -75.83
C SER D 598 -34.62 6.98 -74.42
N ARG D 599 -34.59 8.27 -74.09
CA ARG D 599 -34.94 8.73 -72.75
C ARG D 599 -36.19 9.58 -72.83
N PRO D 600 -37.02 9.60 -71.77
CA PRO D 600 -38.33 10.25 -71.83
C PRO D 600 -38.23 11.73 -72.23
N LEU D 601 -39.17 12.17 -73.07
CA LEU D 601 -39.29 13.58 -73.38
C LEU D 601 -40.16 14.25 -72.32
N VAL D 602 -39.75 15.46 -71.93
CA VAL D 602 -40.40 16.18 -70.85
C VAL D 602 -40.66 17.62 -71.27
N SER D 603 -41.64 18.22 -70.60
CA SER D 603 -41.90 19.65 -70.66
C SER D 603 -41.75 20.19 -69.25
N PHE D 604 -40.88 21.19 -69.09
CA PHE D 604 -40.58 21.75 -67.78
C PHE D 604 -40.67 23.27 -67.85
N ARG D 605 -41.04 23.87 -66.73
CA ARG D 605 -41.07 25.31 -66.58
C ARG D 605 -40.15 25.68 -65.41
N TYR D 606 -39.31 26.69 -65.63
CA TYR D 606 -38.34 27.10 -64.63
C TYR D 606 -39.03 27.60 -63.37
N GLU D 607 -40.12 28.37 -63.55
CA GLU D 607 -40.91 28.89 -62.46
C GLU D 607 -42.33 28.32 -62.53
N ASP D 608 -43.09 28.51 -61.44
CA ASP D 608 -44.49 28.14 -61.40
C ASP D 608 -45.32 28.94 -62.42
N GLN D 609 -44.79 30.06 -62.92
CA GLN D 609 -45.49 30.90 -63.87
C GLN D 609 -44.79 30.96 -65.22
N GLY D 610 -43.61 30.34 -65.36
CA GLY D 610 -42.80 30.46 -66.56
C GLY D 610 -43.40 29.69 -67.74
N PRO D 611 -42.94 30.00 -68.97
CA PRO D 611 -43.40 29.26 -70.14
C PRO D 611 -42.95 27.80 -70.12
N LEU D 612 -43.70 26.98 -70.84
CA LEU D 612 -43.39 25.56 -70.96
C LEU D 612 -42.26 25.37 -71.98
N VAL D 613 -41.18 24.72 -71.53
CA VAL D 613 -40.00 24.49 -72.35
C VAL D 613 -39.84 22.98 -72.55
N GLU D 614 -39.68 22.58 -73.82
CA GLU D 614 -39.54 21.18 -74.19
C GLU D 614 -38.10 20.72 -74.01
N GLY D 615 -37.94 19.42 -73.79
CA GLY D 615 -36.63 18.82 -73.68
C GLY D 615 -36.78 17.32 -73.45
N GLN D 616 -35.68 16.69 -73.05
CA GLN D 616 -35.73 15.29 -72.64
C GLN D 616 -35.02 15.11 -71.32
N LEU D 617 -35.56 14.19 -70.51
CA LEU D 617 -35.01 13.92 -69.20
C LEU D 617 -33.63 13.30 -69.35
N GLY D 618 -32.69 13.81 -68.56
CA GLY D 618 -31.33 13.28 -68.52
C GLY D 618 -31.18 12.23 -67.43
N GLU D 619 -29.92 11.99 -67.07
CA GLU D 619 -29.59 10.99 -66.06
C GLU D 619 -29.46 11.67 -64.70
N ASN D 620 -30.01 10.99 -63.69
CA ASN D 620 -30.03 11.50 -62.32
C ASN D 620 -30.67 12.89 -62.25
N ASN D 621 -31.92 12.98 -62.75
CA ASN D 621 -32.76 14.16 -62.59
C ASN D 621 -32.12 15.34 -63.30
N GLU D 622 -31.75 15.14 -64.56
CA GLU D 622 -31.20 16.19 -65.39
C GLU D 622 -32.18 16.48 -66.52
N LEU D 623 -32.25 17.76 -66.91
CA LEU D 623 -33.09 18.17 -68.02
C LEU D 623 -32.20 18.68 -69.15
N ARG D 624 -32.37 18.07 -70.32
CA ARG D 624 -31.55 18.41 -71.48
C ARG D 624 -32.38 19.22 -72.47
N LEU D 625 -31.84 20.36 -72.92
CA LEU D 625 -32.58 21.25 -73.80
C LEU D 625 -32.69 20.72 -75.22
N THR D 626 -31.85 19.73 -75.59
CA THR D 626 -31.86 19.18 -76.93
C THR D 626 -32.38 17.74 -76.87
N ARG D 627 -33.41 17.47 -77.68
CA ARG D 627 -33.96 16.12 -77.80
C ARG D 627 -33.25 15.36 -78.92
N ASP D 628 -31.97 15.04 -78.68
CA ASP D 628 -31.11 14.48 -79.70
C ASP D 628 -30.88 12.97 -79.52
N ALA D 629 -31.27 12.41 -78.36
CA ALA D 629 -31.05 10.99 -78.07
C ALA D 629 -32.01 10.16 -78.92
N ILE D 630 -31.53 9.72 -80.08
CA ILE D 630 -32.33 8.92 -81.00
C ILE D 630 -31.66 7.56 -81.21
N GLU D 631 -32.50 6.53 -81.25
CA GLU D 631 -32.05 5.17 -81.45
C GLU D 631 -33.02 4.47 -82.39
N PRO D 632 -32.61 3.36 -83.03
CA PRO D 632 -33.57 2.53 -83.75
C PRO D 632 -34.58 1.91 -82.80
N CYS D 633 -35.85 1.92 -83.20
CA CYS D 633 -36.92 1.38 -82.37
C CYS D 633 -36.79 -0.14 -82.29
N THR D 634 -36.98 -0.68 -81.08
CA THR D 634 -36.72 -2.08 -80.80
C THR D 634 -37.98 -2.74 -80.24
N VAL D 635 -38.15 -4.01 -80.61
CA VAL D 635 -39.26 -4.82 -80.12
C VAL D 635 -38.99 -5.23 -78.68
N GLY D 636 -40.08 -5.35 -77.90
CA GLY D 636 -39.97 -5.71 -76.49
C GLY D 636 -39.30 -4.61 -75.66
N HIS D 637 -39.69 -3.35 -75.92
CA HIS D 637 -39.13 -2.21 -75.24
C HIS D 637 -39.62 -2.18 -73.79
N ARG D 638 -38.67 -2.05 -72.87
CA ARG D 638 -38.95 -2.03 -71.44
C ARG D 638 -37.92 -1.14 -70.78
N ARG D 639 -38.38 -0.07 -70.11
CA ARG D 639 -37.43 0.89 -69.56
C ARG D 639 -37.92 1.42 -68.22
N TYR D 640 -36.98 1.70 -67.34
CA TYR D 640 -37.22 2.47 -66.12
C TYR D 640 -36.29 3.67 -66.14
N PHE D 641 -36.79 4.82 -65.71
CA PHE D 641 -35.99 6.04 -65.63
C PHE D 641 -36.27 6.76 -64.32
N THR D 642 -35.21 7.28 -63.70
CA THR D 642 -35.37 8.00 -62.45
C THR D 642 -36.19 9.26 -62.70
N PHE D 643 -37.00 9.63 -61.71
CA PHE D 643 -37.90 10.76 -61.82
C PHE D 643 -38.26 11.20 -60.40
N GLY D 644 -37.78 12.39 -60.02
CA GLY D 644 -38.01 12.91 -58.68
C GLY D 644 -37.43 11.98 -57.61
N GLY D 645 -38.31 11.37 -56.80
CA GLY D 645 -37.85 10.40 -55.82
C GLY D 645 -38.19 8.95 -56.19
N GLY D 646 -38.69 8.70 -57.39
CA GLY D 646 -39.06 7.36 -57.81
C GLY D 646 -38.69 7.11 -59.24
N TYR D 647 -39.49 6.28 -59.94
CA TYR D 647 -39.19 5.91 -61.29
C TYR D 647 -40.40 6.09 -62.20
N VAL D 648 -40.13 6.13 -63.50
CA VAL D 648 -41.15 6.07 -64.54
C VAL D 648 -40.86 4.84 -65.40
N TYR D 649 -41.89 4.03 -65.63
CA TYR D 649 -41.76 2.74 -66.29
C TYR D 649 -42.52 2.77 -67.61
N PHE D 650 -41.83 2.35 -68.68
CA PHE D 650 -42.28 2.47 -70.06
C PHE D 650 -42.21 1.10 -70.73
N GLU D 651 -43.18 0.85 -71.63
CA GLU D 651 -43.11 -0.26 -72.58
C GLU D 651 -43.38 0.26 -73.98
N GLU D 652 -42.74 -0.35 -74.99
CA GLU D 652 -43.03 -0.11 -76.39
C GLU D 652 -42.98 1.38 -76.75
N TYR D 653 -42.00 2.09 -76.17
CA TYR D 653 -41.81 3.52 -76.39
C TYR D 653 -43.09 4.30 -76.07
N ALA D 654 -43.75 3.90 -74.99
CA ALA D 654 -44.92 4.61 -74.49
C ALA D 654 -44.85 4.61 -72.96
N TYR D 655 -45.20 5.75 -72.36
CA TYR D 655 -45.31 5.84 -70.92
C TYR D 655 -46.33 4.84 -70.40
N SER D 656 -45.97 4.14 -69.31
CA SER D 656 -46.90 3.26 -68.64
C SER D 656 -47.30 3.84 -67.27
N HIS D 657 -46.36 4.04 -66.36
CA HIS D 657 -46.74 4.51 -65.04
C HIS D 657 -45.53 4.81 -64.18
N GLN D 658 -45.75 5.64 -63.15
CA GLN D 658 -44.70 5.94 -62.20
C GLN D 658 -44.77 4.95 -61.04
N LEU D 659 -43.62 4.75 -60.38
CA LEU D 659 -43.50 3.84 -59.25
C LEU D 659 -42.72 4.53 -58.14
N SER D 660 -43.09 4.23 -56.89
CA SER D 660 -42.32 4.62 -55.73
C SER D 660 -41.01 3.83 -55.71
N ARG D 661 -40.00 4.42 -55.08
CA ARG D 661 -38.66 3.84 -55.13
C ARG D 661 -38.61 2.52 -54.36
N ALA D 662 -39.38 2.42 -53.26
CA ALA D 662 -39.36 1.24 -52.42
C ALA D 662 -39.95 0.01 -53.12
N ASP D 663 -40.62 0.21 -54.26
CA ASP D 663 -41.18 -0.90 -55.02
C ASP D 663 -40.11 -1.77 -55.69
N ILE D 664 -38.85 -1.29 -55.72
CA ILE D 664 -37.76 -2.00 -56.36
C ILE D 664 -36.83 -2.57 -55.29
N THR D 665 -36.45 -3.83 -55.47
CA THR D 665 -35.50 -4.49 -54.58
C THR D 665 -34.20 -3.72 -54.54
N THR D 666 -33.65 -3.54 -53.33
CA THR D 666 -32.46 -2.73 -53.14
C THR D 666 -31.24 -3.62 -52.93
N VAL D 667 -30.21 -3.38 -53.75
CA VAL D 667 -28.95 -4.09 -53.63
C VAL D 667 -27.88 -3.08 -53.22
N SER D 668 -27.03 -3.51 -52.28
CA SER D 668 -26.09 -2.61 -51.63
C SER D 668 -24.74 -2.66 -52.35
N THR D 669 -24.25 -1.50 -52.81
CA THR D 669 -22.91 -1.40 -53.36
C THR D 669 -21.91 -0.95 -52.30
N PHE D 670 -22.36 -0.83 -51.05
CA PHE D 670 -21.51 -0.43 -49.96
C PHE D 670 -20.75 -1.62 -49.42
N ILE D 671 -19.71 -1.34 -48.63
CA ILE D 671 -19.16 -2.33 -47.71
C ILE D 671 -19.56 -1.89 -46.33
N ASP D 672 -20.26 -2.76 -45.61
CA ASP D 672 -20.56 -2.52 -44.20
C ASP D 672 -19.30 -2.68 -43.33
N LEU D 673 -18.77 -1.53 -42.93
CA LEU D 673 -17.77 -1.45 -41.88
C LEU D 673 -18.40 -0.97 -40.58
N ASN D 674 -18.45 -1.86 -39.57
CA ASN D 674 -19.37 -1.61 -38.48
C ASN D 674 -18.56 -1.27 -37.23
N ILE D 675 -18.15 -0.02 -37.11
CA ILE D 675 -17.28 0.40 -36.01
C ILE D 675 -18.15 0.90 -34.87
N THR D 676 -18.02 0.30 -33.69
CA THR D 676 -18.76 0.73 -32.52
C THR D 676 -17.82 1.28 -31.45
N MET D 677 -18.23 2.39 -30.86
CA MET D 677 -17.42 3.14 -29.92
C MET D 677 -17.17 2.32 -28.65
N LEU D 678 -15.99 2.50 -28.10
CA LEU D 678 -15.67 1.87 -26.84
C LEU D 678 -16.41 2.62 -25.77
N GLU D 679 -17.32 1.92 -25.07
CA GLU D 679 -18.21 2.59 -24.14
C GLU D 679 -17.39 3.09 -22.94
N ASP D 680 -17.90 4.13 -22.31
CA ASP D 680 -17.33 4.69 -21.12
C ASP D 680 -17.36 3.63 -20.01
N HIS D 681 -16.34 3.68 -19.17
CA HIS D 681 -16.20 2.74 -18.09
C HIS D 681 -15.72 3.47 -16.85
N GLU D 682 -16.34 3.17 -15.71
CA GLU D 682 -15.98 3.78 -14.45
C GLU D 682 -15.24 2.78 -13.58
N PHE D 683 -14.06 3.16 -13.11
CA PHE D 683 -13.25 2.33 -12.26
C PHE D 683 -13.50 2.83 -10.85
N VAL D 684 -14.15 1.98 -10.03
CA VAL D 684 -14.44 2.34 -8.65
C VAL D 684 -13.19 2.19 -7.83
N PRO D 685 -13.02 2.91 -6.73
CA PRO D 685 -11.94 2.62 -5.80
C PRO D 685 -12.08 1.21 -5.27
N LEU D 686 -11.11 0.37 -5.64
CA LEU D 686 -11.05 -1.03 -5.25
C LEU D 686 -9.70 -1.24 -4.58
N GLU D 687 -9.77 -1.81 -3.40
CA GLU D 687 -8.55 -2.14 -2.67
C GLU D 687 -8.75 -3.54 -2.09
N VAL D 688 -7.74 -4.40 -2.25
CA VAL D 688 -7.78 -5.70 -1.62
C VAL D 688 -7.87 -5.52 -0.11
N TYR D 689 -6.97 -4.70 0.44
CA TYR D 689 -7.05 -4.36 1.84
C TYR D 689 -6.99 -2.84 1.97
N THR D 690 -7.92 -2.27 2.73
CA THR D 690 -7.90 -0.84 2.97
C THR D 690 -6.79 -0.49 3.94
N ARG D 691 -6.49 0.80 4.06
CA ARG D 691 -5.46 1.24 4.98
C ARG D 691 -5.81 0.77 6.37
N HIS D 692 -7.09 0.77 6.71
CA HIS D 692 -7.52 0.36 8.03
C HIS D 692 -7.30 -1.13 8.25
N GLU D 693 -7.81 -1.96 7.34
CA GLU D 693 -7.64 -3.40 7.48
C GLU D 693 -6.18 -3.74 7.78
N ILE D 694 -5.25 -3.09 7.07
CA ILE D 694 -3.84 -3.38 7.26
C ILE D 694 -3.41 -2.94 8.65
N LYS D 695 -3.89 -1.80 9.12
CA LYS D 695 -3.55 -1.33 10.45
C LYS D 695 -4.09 -2.30 11.50
N ASP D 696 -5.32 -2.77 11.31
CA ASP D 696 -5.94 -3.68 12.27
C ASP D 696 -5.38 -5.10 12.18
N SER D 697 -4.73 -5.46 11.07
CA SER D 697 -4.20 -6.80 10.90
C SER D 697 -3.12 -7.12 11.94
N GLY D 698 -2.42 -6.09 12.40
CA GLY D 698 -1.46 -6.24 13.47
C GLY D 698 -2.17 -6.76 14.71
N LEU D 699 -1.54 -7.73 15.37
CA LEU D 699 -2.23 -8.36 16.49
C LEU D 699 -2.37 -7.38 17.66
N LEU D 700 -1.36 -6.56 17.89
CA LEU D 700 -1.41 -5.48 18.86
C LEU D 700 -1.01 -4.18 18.14
N ASP D 701 -1.63 -3.09 18.60
CA ASP D 701 -1.24 -1.75 18.21
C ASP D 701 -0.68 -1.06 19.43
N TYR D 702 0.55 -0.57 19.37
CA TYR D 702 1.16 0.04 20.54
C TYR D 702 0.40 1.29 20.94
N THR D 703 -0.08 2.06 19.95
CA THR D 703 -0.78 3.29 20.25
C THR D 703 -1.99 3.02 21.13
N GLU D 704 -2.89 2.14 20.66
CA GLU D 704 -4.13 1.88 21.36
C GLU D 704 -3.85 1.19 22.70
N VAL D 705 -2.87 0.32 22.75
CA VAL D 705 -2.56 -0.37 23.95
C VAL D 705 -2.10 0.61 25.02
N GLN D 706 -1.24 1.55 24.62
CA GLN D 706 -0.74 2.53 25.56
C GLN D 706 -1.83 3.51 25.97
N ARG D 707 -2.65 3.93 25.02
CA ARG D 707 -3.71 4.88 25.31
C ARG D 707 -4.63 4.33 26.36
N ARG D 708 -4.98 3.05 26.22
CA ARG D 708 -5.87 2.42 27.17
C ARG D 708 -5.19 2.12 28.49
N ASN D 709 -3.92 1.75 28.45
CA ASN D 709 -3.25 1.36 29.67
C ASN D 709 -2.93 2.57 30.52
N GLN D 710 -2.75 3.73 29.90
CA GLN D 710 -2.45 4.96 30.65
C GLN D 710 -3.68 5.59 31.29
N LEU D 711 -4.88 5.19 30.81
CA LEU D 711 -6.13 5.57 31.46
C LEU D 711 -6.41 4.71 32.69
N HIS D 712 -5.50 3.85 33.14
CA HIS D 712 -5.79 3.00 34.26
C HIS D 712 -6.04 3.83 35.51
N ASP D 713 -5.20 4.84 35.77
CA ASP D 713 -5.40 5.64 36.97
C ASP D 713 -6.63 6.53 36.83
N LEU D 714 -6.90 7.01 35.61
CA LEU D 714 -8.07 7.86 35.40
C LEU D 714 -9.37 7.09 35.56
N ARG D 715 -9.38 5.79 35.24
CA ARG D 715 -10.59 4.98 35.33
C ARG D 715 -10.74 4.29 36.67
N PHE D 716 -9.77 3.45 37.03
CA PHE D 716 -9.91 2.59 38.19
C PHE D 716 -9.16 3.15 39.39
N ALA D 717 -9.04 4.46 39.47
CA ALA D 717 -8.45 5.08 40.65
C ALA D 717 -8.90 6.53 40.74
N ASP D 718 -8.70 7.13 41.91
CA ASP D 718 -9.01 8.54 42.09
C ASP D 718 -7.69 9.27 42.14
N ILE D 719 -7.23 9.78 41.00
CA ILE D 719 -5.90 10.43 40.94
C ILE D 719 -5.69 11.67 41.78
N ASP D 720 -6.60 12.63 41.74
CA ASP D 720 -6.37 13.90 42.44
C ASP D 720 -6.61 13.88 43.95
N THR D 721 -7.47 13.01 44.43
CA THR D 721 -7.79 13.01 45.84
C THR D 721 -6.52 12.76 46.63
N VAL D 722 -6.33 13.55 47.70
CA VAL D 722 -5.20 13.40 48.58
C VAL D 722 -5.71 13.15 49.99
N ILE D 723 -5.10 12.19 50.68
CA ILE D 723 -5.44 11.89 52.05
C ILE D 723 -4.27 12.33 52.93
N HIS D 724 -4.60 13.14 53.94
CA HIS D 724 -3.61 13.57 54.92
C HIS D 724 -4.21 13.48 56.32
N ALA D 725 -3.41 12.92 57.24
CA ALA D 725 -3.87 12.68 58.61
C ALA D 725 -2.65 12.62 59.54
N ALA E 111 -14.19 -22.80 -60.42
CA ALA E 111 -13.76 -23.43 -61.69
C ALA E 111 -14.96 -23.85 -62.53
N ASN E 112 -16.05 -23.09 -62.45
CA ASN E 112 -17.32 -23.47 -63.03
C ASN E 112 -17.76 -22.40 -64.02
N PHE E 113 -18.21 -22.85 -65.19
CA PHE E 113 -18.72 -21.94 -66.22
C PHE E 113 -20.17 -21.58 -65.93
N TYR E 114 -20.67 -20.58 -66.65
CA TYR E 114 -22.05 -20.15 -66.45
C TYR E 114 -22.69 -19.82 -67.79
N VAL E 115 -23.95 -20.22 -67.94
CA VAL E 115 -24.77 -19.81 -69.07
C VAL E 115 -25.76 -18.78 -68.56
N CYS E 116 -25.74 -17.60 -69.17
CA CYS E 116 -26.56 -16.51 -68.69
C CYS E 116 -27.58 -16.13 -69.75
N PRO E 117 -28.88 -16.39 -69.51
CA PRO E 117 -29.91 -15.95 -70.44
C PRO E 117 -30.09 -14.44 -70.34
N PRO E 118 -30.60 -13.79 -71.40
CA PRO E 118 -30.90 -12.36 -71.32
C PRO E 118 -31.90 -12.08 -70.20
N PRO E 119 -31.54 -11.22 -69.24
CA PRO E 119 -32.43 -10.95 -68.11
C PRO E 119 -33.69 -10.20 -68.55
N THR E 120 -34.74 -10.38 -67.75
CA THR E 120 -36.04 -9.78 -68.00
C THR E 120 -36.41 -8.84 -66.85
N GLY E 121 -37.52 -8.12 -67.04
CA GLY E 121 -37.98 -7.15 -66.08
C GLY E 121 -38.63 -7.76 -64.84
N ALA E 122 -38.67 -9.10 -64.76
CA ALA E 122 -39.32 -9.76 -63.64
C ALA E 122 -38.61 -9.43 -62.32
N THR E 123 -37.27 -9.48 -62.34
CA THR E 123 -36.47 -9.21 -61.16
C THR E 123 -35.71 -7.90 -61.38
N VAL E 124 -36.10 -6.86 -60.63
CA VAL E 124 -35.54 -5.53 -60.78
C VAL E 124 -34.82 -5.15 -59.49
N VAL E 125 -33.58 -4.69 -59.63
CA VAL E 125 -32.74 -4.32 -58.51
C VAL E 125 -32.22 -2.92 -58.72
N GLN E 126 -31.94 -2.23 -57.61
CA GLN E 126 -31.45 -0.87 -57.62
C GLN E 126 -30.37 -0.69 -56.56
N PHE E 127 -29.53 0.33 -56.78
CA PHE E 127 -28.40 0.61 -55.91
C PHE E 127 -28.82 1.48 -54.74
N GLU E 128 -28.22 1.22 -53.58
CA GLU E 128 -28.49 1.99 -52.37
C GLU E 128 -27.95 3.41 -52.50
N GLN E 129 -28.71 4.39 -52.01
CA GLN E 129 -28.27 5.79 -52.02
C GLN E 129 -27.22 6.02 -50.94
N PRO E 130 -26.44 7.12 -51.04
CA PRO E 130 -25.51 7.47 -49.98
C PRO E 130 -26.15 7.46 -48.61
N ARG E 131 -25.64 6.62 -47.75
CA ARG E 131 -26.09 6.57 -46.37
C ARG E 131 -25.78 7.89 -45.68
N ARG E 132 -26.61 8.26 -44.71
CA ARG E 132 -26.35 9.46 -43.94
C ARG E 132 -25.12 9.21 -43.08
N CYS E 133 -24.00 9.82 -43.50
CA CYS E 133 -22.72 9.56 -42.87
C CYS E 133 -22.73 10.06 -41.43
N PRO E 134 -22.17 9.28 -40.49
CA PRO E 134 -22.09 9.76 -39.11
C PRO E 134 -21.28 11.04 -39.07
N THR E 135 -21.60 11.86 -38.04
CA THR E 135 -20.88 13.10 -37.85
C THR E 135 -19.97 12.92 -36.63
N ARG E 136 -18.96 13.80 -36.56
CA ARG E 136 -18.09 13.84 -35.41
C ARG E 136 -18.93 14.13 -34.18
N PRO E 137 -18.53 13.65 -32.99
CA PRO E 137 -19.33 13.87 -31.79
C PRO E 137 -19.54 15.35 -31.50
N GLU E 138 -20.42 15.66 -30.55
CA GLU E 138 -20.73 17.05 -30.23
C GLU E 138 -19.45 17.82 -29.87
N GLY E 139 -18.49 17.11 -29.27
CA GLY E 139 -17.26 17.71 -28.78
C GLY E 139 -17.42 18.01 -27.30
N GLN E 140 -16.80 17.18 -26.45
CA GLN E 140 -16.92 17.35 -25.02
C GLN E 140 -16.31 18.69 -24.62
N ASN E 141 -17.06 19.45 -23.81
CA ASN E 141 -16.70 20.81 -23.44
C ASN E 141 -15.83 20.77 -22.18
N TYR E 142 -14.54 21.06 -22.37
CA TYR E 142 -13.60 21.06 -21.28
C TYR E 142 -13.37 22.49 -20.80
N THR E 143 -13.51 22.69 -19.49
CA THR E 143 -13.24 23.96 -18.87
C THR E 143 -11.88 23.94 -18.23
N GLU E 144 -10.97 24.77 -18.71
CA GLU E 144 -9.67 24.93 -18.08
C GLU E 144 -9.85 25.47 -16.67
N GLY E 145 -8.86 25.17 -15.83
CA GLY E 145 -8.91 25.66 -14.47
C GLY E 145 -7.67 25.30 -13.69
N ILE E 146 -7.57 25.88 -12.50
CA ILE E 146 -6.49 25.61 -11.58
C ILE E 146 -7.10 24.84 -10.41
N ALA E 147 -6.48 23.74 -10.02
CA ALA E 147 -7.09 22.86 -9.05
C ALA E 147 -6.11 22.53 -7.92
N VAL E 148 -6.69 22.32 -6.75
CA VAL E 148 -5.99 21.82 -5.60
C VAL E 148 -6.77 20.61 -5.10
N VAL E 149 -6.14 19.43 -5.17
CA VAL E 149 -6.76 18.22 -4.75
C VAL E 149 -6.31 17.93 -3.34
N PHE E 150 -7.29 17.78 -2.44
CA PHE E 150 -7.06 17.51 -1.05
C PHE E 150 -7.42 16.07 -0.73
N LYS E 151 -6.56 15.44 0.07
CA LYS E 151 -6.80 14.10 0.58
C LYS E 151 -7.09 14.17 2.06
N GLU E 152 -7.62 13.08 2.61
CA GLU E 152 -7.82 12.96 4.04
C GLU E 152 -6.50 13.12 4.79
N ASN E 153 -6.51 13.91 5.84
CA ASN E 153 -5.32 14.21 6.60
C ASN E 153 -5.13 13.08 7.61
N ILE E 154 -4.38 12.06 7.20
CA ILE E 154 -4.02 10.99 8.10
C ILE E 154 -2.84 11.39 8.99
N ALA E 155 -2.11 12.43 8.62
CA ALA E 155 -0.99 12.87 9.42
C ALA E 155 -1.49 13.50 10.71
N PRO E 156 -0.92 13.15 11.85
CA PRO E 156 -1.27 13.77 13.11
C PRO E 156 -0.91 15.26 13.12
N TYR E 157 -1.68 16.00 13.91
CA TYR E 157 -1.29 17.34 14.23
C TYR E 157 -0.08 17.27 15.17
N LYS E 158 1.03 17.84 14.73
CA LYS E 158 2.29 17.79 15.44
C LYS E 158 2.61 19.17 15.98
N PHE E 159 3.13 19.20 17.20
CA PHE E 159 3.57 20.42 17.80
C PHE E 159 4.62 20.16 18.85
N LYS E 160 5.43 21.17 19.14
CA LYS E 160 6.51 20.97 20.09
C LYS E 160 5.95 21.17 21.49
N ALA E 161 6.29 20.25 22.40
CA ALA E 161 5.98 20.45 23.79
C ALA E 161 7.23 20.29 24.63
N THR E 162 7.13 20.62 25.87
CA THR E 162 8.22 20.55 26.80
C THR E 162 7.75 19.80 28.04
N MET E 163 8.44 18.70 28.35
CA MET E 163 8.14 17.92 29.51
C MET E 163 9.09 18.29 30.62
N TYR E 164 8.52 18.83 31.69
CA TYR E 164 9.22 19.10 32.92
C TYR E 164 8.85 18.03 33.90
N TYR E 165 9.80 17.21 34.32
CA TYR E 165 9.53 16.25 35.35
C TYR E 165 10.79 15.91 36.11
N LYS E 166 10.61 15.43 37.33
CA LYS E 166 11.72 15.07 38.15
C LYS E 166 11.79 13.57 38.30
N ASP E 167 12.89 12.97 37.83
CA ASP E 167 13.16 11.56 38.03
C ASP E 167 13.60 11.34 39.46
N VAL E 168 12.74 10.70 40.24
CA VAL E 168 13.02 10.45 41.64
C VAL E 168 13.36 8.98 41.80
N THR E 169 14.60 8.68 42.13
CA THR E 169 15.06 7.32 42.27
C THR E 169 15.41 7.10 43.70
N VAL E 170 14.64 6.27 44.40
CA VAL E 170 15.01 5.83 45.72
C VAL E 170 15.63 4.45 45.61
N SER E 171 16.89 4.32 45.92
CA SER E 171 17.56 3.04 45.91
C SER E 171 17.81 2.54 47.32
N GLN E 172 17.40 1.30 47.59
CA GLN E 172 17.73 0.64 48.83
C GLN E 172 18.91 -0.28 48.55
N VAL E 173 19.94 -0.12 49.38
CA VAL E 173 21.18 -0.85 49.20
C VAL E 173 21.49 -1.60 50.48
N TRP E 174 21.88 -2.87 50.34
CA TRP E 174 22.36 -3.64 51.46
C TRP E 174 23.87 -3.78 51.33
N PHE E 175 24.58 -3.42 52.39
CA PHE E 175 26.00 -3.50 52.44
C PHE E 175 26.44 -4.72 53.24
N GLY E 176 26.92 -5.74 52.52
CA GLY E 176 27.49 -6.92 53.12
C GLY E 176 28.91 -6.70 53.60
N HIS E 177 29.58 -7.79 53.97
CA HIS E 177 30.96 -7.69 54.41
C HIS E 177 31.87 -7.32 53.23
N ARG E 178 31.81 -8.12 52.16
CA ARG E 178 32.73 -7.93 51.05
C ARG E 178 32.02 -7.41 49.80
N TYR E 179 30.74 -7.04 49.91
CA TYR E 179 30.00 -6.66 48.72
C TYR E 179 28.81 -5.77 49.05
N SER E 180 28.25 -5.16 47.99
CA SER E 180 27.09 -4.31 48.11
C SER E 180 26.09 -4.72 47.05
N GLN E 181 24.83 -4.80 47.43
CA GLN E 181 23.78 -5.33 46.57
C GLN E 181 22.56 -4.39 46.60
N PHE E 182 21.96 -4.19 45.44
CA PHE E 182 20.70 -3.43 45.41
C PHE E 182 19.52 -4.30 45.78
N MET E 183 18.82 -3.94 46.86
CA MET E 183 17.65 -4.72 47.25
C MET E 183 16.37 -4.08 46.74
N GLY E 184 16.46 -3.01 45.95
CA GLY E 184 15.28 -2.39 45.39
C GLY E 184 15.61 -1.02 44.82
N ILE E 185 15.05 -0.71 43.66
CA ILE E 185 15.25 0.61 43.07
C ILE E 185 13.91 1.15 42.59
N PHE E 186 13.33 2.02 43.41
CA PHE E 186 12.06 2.62 43.10
C PHE E 186 12.29 3.83 42.23
N GLU E 187 11.84 3.78 41.00
CA GLU E 187 12.00 4.92 40.12
C GLU E 187 10.61 5.49 39.83
N ASP E 188 10.49 6.80 40.04
CA ASP E 188 9.24 7.50 39.86
C ASP E 188 9.47 8.77 39.06
N ARG E 189 8.40 9.26 38.44
CA ARG E 189 8.46 10.51 37.69
C ARG E 189 7.46 11.48 38.30
N ALA E 190 7.96 12.60 38.82
CA ALA E 190 7.14 13.59 39.50
C ALA E 190 6.91 14.77 38.59
N PRO E 191 5.69 15.33 38.56
CA PRO E 191 5.45 16.55 37.80
C PRO E 191 6.17 17.74 38.46
N VAL E 192 6.52 18.71 37.62
CA VAL E 192 7.09 19.96 38.10
C VAL E 192 5.96 20.98 38.24
N PRO E 193 5.77 21.57 39.45
CA PRO E 193 4.68 22.48 39.66
C PRO E 193 4.74 23.72 38.79
N PHE E 194 3.59 24.37 38.56
CA PHE E 194 3.57 25.55 37.72
C PHE E 194 4.40 26.67 38.34
N GLU E 195 4.33 26.82 39.67
CA GLU E 195 5.09 27.88 40.31
C GLU E 195 6.58 27.63 40.15
N GLU E 196 6.96 26.40 39.82
CA GLU E 196 8.37 26.07 39.61
C GLU E 196 8.74 26.14 38.12
N VAL E 197 7.82 25.90 37.20
CA VAL E 197 8.11 26.04 35.80
C VAL E 197 8.18 27.53 35.41
N ILE E 198 7.29 28.35 35.97
CA ILE E 198 7.23 29.75 35.60
C ILE E 198 8.32 30.52 36.31
N ASP E 199 8.36 30.40 37.63
CA ASP E 199 9.24 31.24 38.43
C ASP E 199 10.69 30.79 38.36
N LYS E 200 10.93 29.48 38.41
CA LYS E 200 12.29 28.96 38.50
C LYS E 200 12.86 28.60 37.13
N ILE E 201 12.24 27.68 36.39
CA ILE E 201 12.84 27.14 35.21
C ILE E 201 12.86 28.18 34.11
N ASN E 202 11.73 28.84 33.88
CA ASN E 202 11.64 29.77 32.76
C ASN E 202 12.35 31.09 33.08
N ALA E 203 12.33 31.55 34.33
CA ALA E 203 12.93 32.82 34.65
C ALA E 203 14.40 32.67 35.07
N LYS E 204 14.67 31.89 36.11
CA LYS E 204 16.02 31.77 36.64
C LYS E 204 16.84 30.68 35.95
N GLY E 205 16.20 29.80 35.17
CA GLY E 205 16.91 28.72 34.52
C GLY E 205 17.38 27.60 35.47
N VAL E 206 16.81 27.55 36.67
CA VAL E 206 17.16 26.58 37.67
C VAL E 206 15.93 25.77 38.02
N CYS E 207 16.11 24.83 38.92
CA CYS E 207 15.05 23.93 39.34
C CYS E 207 15.33 23.51 40.77
N ARG E 208 14.30 23.25 41.56
CA ARG E 208 14.53 22.88 42.94
C ARG E 208 15.19 21.51 43.00
N SER E 209 15.86 21.26 44.14
CA SER E 209 16.45 19.95 44.42
C SER E 209 15.49 19.04 45.17
N THR E 210 14.20 19.37 45.15
CA THR E 210 13.16 18.53 45.73
C THR E 210 12.00 18.39 44.75
N ALA E 211 11.29 17.27 44.85
CA ALA E 211 10.07 17.05 44.11
C ALA E 211 8.93 16.83 45.11
N LYS E 212 7.89 17.65 45.03
CA LYS E 212 6.70 17.47 45.84
C LYS E 212 5.54 17.21 44.89
N TYR E 213 4.91 16.06 45.08
CA TYR E 213 3.93 15.59 44.11
C TYR E 213 2.97 14.66 44.80
N VAL E 214 1.81 14.46 44.18
CA VAL E 214 0.79 13.57 44.70
C VAL E 214 0.94 12.25 43.94
N ARG E 215 1.29 11.21 44.72
CA ARG E 215 1.39 9.86 44.17
C ARG E 215 0.54 8.93 45.04
N ASN E 216 -0.29 8.10 44.39
CA ASN E 216 -1.07 7.13 45.14
C ASN E 216 -1.79 7.82 46.28
N ASN E 217 -2.40 9.00 46.00
CA ASN E 217 -3.27 9.65 46.96
C ASN E 217 -2.48 9.90 48.23
N LEU E 218 -1.29 10.46 48.03
CA LEU E 218 -0.44 10.87 49.15
C LEU E 218 0.43 12.00 48.64
N GLU E 219 0.78 12.89 49.57
CA GLU E 219 1.67 14.00 49.25
C GLU E 219 3.10 13.60 49.57
N THR E 220 3.88 13.33 48.54
CA THR E 220 5.23 12.86 48.74
C THR E 220 6.23 13.94 48.36
N THR E 221 7.27 14.04 49.17
CA THR E 221 8.29 15.04 48.97
C THR E 221 9.63 14.31 49.02
N ALA E 222 10.37 14.42 47.92
CA ALA E 222 11.64 13.74 47.75
C ALA E 222 12.76 14.75 47.64
N PHE E 223 13.76 14.58 48.49
CA PHE E 223 14.90 15.47 48.55
C PHE E 223 16.10 14.80 47.93
N HIS E 224 16.66 15.44 46.89
CA HIS E 224 17.82 14.87 46.22
C HIS E 224 18.97 14.73 47.19
N ARG E 225 19.58 13.55 47.21
CA ARG E 225 20.70 13.32 48.12
C ARG E 225 20.27 13.49 49.56
N ASP E 226 18.98 13.44 49.81
CA ASP E 226 18.47 13.53 51.18
C ASP E 226 18.97 14.75 51.95
N ASP E 227 19.33 15.81 51.24
CA ASP E 227 19.76 17.02 51.91
C ASP E 227 18.76 18.14 51.65
N HIS E 228 19.08 19.34 52.12
CA HIS E 228 18.13 20.44 52.07
C HIS E 228 17.89 20.90 50.64
N GLU E 229 16.72 21.52 50.43
CA GLU E 229 16.32 21.98 49.12
C GLU E 229 17.21 23.12 48.67
N THR E 230 17.78 22.98 47.47
CA THR E 230 18.63 24.00 46.89
C THR E 230 18.33 24.11 45.40
N ASP E 231 18.54 25.31 44.85
CA ASP E 231 18.29 25.54 43.44
C ASP E 231 19.48 25.05 42.62
N MET E 232 19.18 24.23 41.60
CA MET E 232 20.20 23.59 40.80
C MET E 232 20.03 24.02 39.36
N GLU E 233 21.16 24.34 38.74
CA GLU E 233 21.20 24.80 37.36
C GLU E 233 20.85 23.62 36.44
N LEU E 234 20.19 23.91 35.35
CA LEU E 234 19.89 22.93 34.34
C LEU E 234 21.02 22.94 33.34
N LYS E 235 21.69 21.80 33.18
CA LYS E 235 22.73 21.65 32.17
C LYS E 235 22.23 20.83 31.00
N PRO E 236 22.76 21.05 29.80
CA PRO E 236 22.33 20.27 28.63
C PRO E 236 22.68 18.80 28.78
N ALA E 237 21.80 17.95 28.25
CA ALA E 237 21.99 16.53 28.33
C ALA E 237 23.11 16.09 27.39
N ASN E 238 23.63 14.88 27.66
CA ASN E 238 24.61 14.28 26.79
C ASN E 238 24.04 14.14 25.39
N ALA E 239 24.88 14.44 24.40
CA ALA E 239 24.45 14.41 23.03
C ALA E 239 24.14 12.96 22.65
N ALA E 240 23.05 12.81 21.89
CA ALA E 240 22.64 11.54 21.32
C ALA E 240 22.23 11.78 19.89
N THR E 241 22.43 10.77 19.05
CA THR E 241 22.13 10.92 17.64
C THR E 241 20.61 11.01 17.45
N ARG E 242 20.18 11.92 16.57
CA ARG E 242 18.78 12.06 16.20
C ARG E 242 17.90 12.26 17.44
N THR E 243 18.38 13.05 18.40
CA THR E 243 17.66 13.24 19.64
C THR E 243 17.43 14.73 19.89
N SER E 244 16.21 15.07 20.31
CA SER E 244 15.82 16.43 20.59
C SER E 244 16.54 16.96 21.83
N ARG E 245 16.39 18.25 22.07
CA ARG E 245 17.17 18.87 23.15
C ARG E 245 16.64 18.42 24.51
N GLY E 246 17.50 18.38 25.49
CA GLY E 246 17.09 18.00 26.82
C GLY E 246 18.09 18.57 27.84
N TRP E 247 17.61 18.80 29.05
CA TRP E 247 18.42 19.33 30.12
C TRP E 247 18.15 18.52 31.40
N HIS E 248 19.11 18.47 32.29
CA HIS E 248 18.93 17.86 33.56
C HIS E 248 19.81 18.53 34.60
N THR E 249 19.44 18.41 35.87
CA THR E 249 20.20 19.03 36.91
C THR E 249 21.28 18.08 37.43
N THR E 250 20.88 16.90 37.87
CA THR E 250 21.80 15.93 38.40
C THR E 250 22.29 14.99 37.30
N ASP E 251 23.56 14.56 37.43
CA ASP E 251 24.13 13.67 36.44
C ASP E 251 24.49 12.29 37.01
N LEU E 252 24.57 12.15 38.33
CA LEU E 252 24.87 10.84 38.91
C LEU E 252 23.76 10.49 39.91
N LYS E 253 23.43 9.20 39.92
CA LYS E 253 22.51 8.62 40.87
C LYS E 253 23.17 8.59 42.23
N TYR E 254 22.49 9.19 43.20
CA TYR E 254 22.95 9.14 44.57
C TYR E 254 22.59 7.80 45.17
N ASN E 255 23.57 7.12 45.78
CA ASN E 255 23.30 5.90 46.54
C ASN E 255 23.93 6.04 47.90
N PRO E 256 23.32 5.48 48.93
CA PRO E 256 23.77 5.69 50.31
C PRO E 256 25.20 5.22 50.56
N SER E 257 25.86 5.91 51.48
CA SER E 257 27.20 5.56 51.90
C SER E 257 27.19 4.20 52.61
N ARG E 258 28.32 3.50 52.55
CA ARG E 258 28.40 2.18 53.13
C ARG E 258 28.29 2.27 54.65
N VAL E 259 27.47 1.38 55.22
CA VAL E 259 27.55 1.04 56.63
C VAL E 259 27.45 -0.48 56.74
N GLU E 260 28.17 -1.07 57.68
CA GLU E 260 28.26 -2.52 57.77
C GLU E 260 26.92 -3.13 58.11
N ALA E 261 26.37 -3.95 57.19
CA ALA E 261 25.20 -4.78 57.44
C ALA E 261 24.00 -3.93 57.83
N PHE E 262 23.61 -3.03 56.93
CA PHE E 262 22.46 -2.19 57.13
C PHE E 262 21.86 -1.85 55.78
N HIS E 263 20.54 -2.01 55.65
CA HIS E 263 19.83 -1.51 54.49
C HIS E 263 19.71 0.02 54.62
N ARG E 264 20.04 0.72 53.53
CA ARG E 264 20.00 2.17 53.52
C ARG E 264 19.31 2.66 52.28
N TYR E 265 18.52 3.73 52.45
CA TYR E 265 17.71 4.26 51.35
C TYR E 265 18.30 5.58 50.87
N GLY E 266 18.40 5.76 49.57
CA GLY E 266 19.01 6.96 49.04
C GLY E 266 18.26 7.54 47.86
N THR E 267 17.98 8.83 47.96
CA THR E 267 17.09 9.50 47.02
C THR E 267 17.87 10.34 46.03
N THR E 268 17.50 10.24 44.77
CA THR E 268 18.11 11.04 43.74
C THR E 268 17.01 11.71 42.94
N VAL E 269 16.94 13.04 43.05
CA VAL E 269 15.99 13.81 42.30
C VAL E 269 16.69 14.51 41.16
N ASN E 270 16.38 14.13 39.94
CA ASN E 270 16.98 14.75 38.81
C ASN E 270 15.88 15.51 38.09
N CYS E 271 15.96 16.83 38.08
CA CYS E 271 15.00 17.64 37.33
C CYS E 271 15.33 17.61 35.85
N ILE E 272 14.46 17.01 35.05
CA ILE E 272 14.70 16.82 33.65
C ILE E 272 13.68 17.61 32.83
N VAL E 273 14.18 18.34 31.87
CA VAL E 273 13.38 19.17 30.99
C VAL E 273 13.66 18.78 29.56
N GLU E 274 12.69 18.23 28.86
CA GLU E 274 12.94 17.73 27.53
C GLU E 274 12.02 18.39 26.54
N GLU E 275 12.57 18.87 25.45
CA GLU E 275 11.76 19.29 24.31
C GLU E 275 11.40 18.04 23.53
N VAL E 276 10.10 17.78 23.41
CA VAL E 276 9.59 16.58 22.78
C VAL E 276 8.59 16.97 21.73
N ASP E 277 8.40 16.08 20.79
CA ASP E 277 7.39 16.28 19.77
C ASP E 277 6.12 15.65 20.32
N ALA E 278 5.03 16.39 20.22
CA ALA E 278 3.75 15.87 20.68
C ALA E 278 2.83 15.79 19.47
N ARG E 279 1.97 14.78 19.45
CA ARG E 279 1.11 14.60 18.29
C ARG E 279 -0.32 14.31 18.70
N SER E 280 -1.27 14.71 17.87
CA SER E 280 -2.68 14.50 18.18
C SER E 280 -3.47 14.08 16.97
N VAL E 281 -4.45 13.20 17.16
CA VAL E 281 -5.29 12.78 16.06
C VAL E 281 -6.72 13.16 16.35
N TYR E 282 -7.53 13.25 15.28
CA TYR E 282 -8.92 13.65 15.41
C TYR E 282 -9.65 12.67 16.33
N PRO E 283 -10.51 13.12 17.27
CA PRO E 283 -11.01 14.48 17.38
C PRO E 283 -10.15 15.48 18.14
N TYR E 284 -8.85 15.20 18.26
CA TYR E 284 -7.90 16.04 18.95
C TYR E 284 -8.36 16.24 20.36
N ASP E 285 -8.87 15.19 21.00
CA ASP E 285 -9.22 15.30 22.41
C ASP E 285 -8.12 14.80 23.32
N GLU E 286 -7.04 14.31 22.71
CA GLU E 286 -5.92 13.75 23.44
C GLU E 286 -4.71 13.95 22.53
N PHE E 287 -3.54 13.98 23.16
CA PHE E 287 -2.31 14.00 22.40
C PHE E 287 -1.25 13.26 23.20
N VAL E 288 -0.30 12.70 22.44
CA VAL E 288 0.74 11.88 23.03
C VAL E 288 2.07 12.57 22.78
N LEU E 289 2.94 12.47 23.76
CA LEU E 289 4.27 13.00 23.63
C LEU E 289 5.20 11.93 23.04
N ALA E 290 6.38 12.37 22.61
CA ALA E 290 7.34 11.48 21.99
C ALA E 290 7.79 10.39 22.96
N THR E 291 7.64 10.60 24.28
CA THR E 291 8.08 9.61 25.25
C THR E 291 7.06 8.51 25.47
N GLY E 292 6.04 8.48 24.60
CA GLY E 292 4.99 7.46 24.66
C GLY E 292 3.98 7.73 25.76
N ASP E 293 4.01 8.91 26.40
CA ASP E 293 3.05 9.25 27.42
C ASP E 293 1.88 9.97 26.80
N PHE E 294 0.67 9.50 27.11
CA PHE E 294 -0.56 10.12 26.61
C PHE E 294 -0.97 11.21 27.58
N VAL E 295 -1.46 12.31 26.99
CA VAL E 295 -1.98 13.42 27.75
C VAL E 295 -3.44 13.57 27.37
N TYR E 296 -4.31 13.45 28.40
CA TYR E 296 -5.74 13.37 28.15
C TYR E 296 -6.40 14.73 28.18
N MET E 297 -5.91 15.63 27.35
CA MET E 297 -6.48 16.95 27.16
C MET E 297 -6.31 17.32 25.70
N SER E 298 -7.24 18.04 25.17
CA SER E 298 -7.15 18.51 23.82
C SER E 298 -5.96 19.44 23.72
N PRO E 299 -5.22 19.41 22.60
CA PRO E 299 -4.10 20.34 22.44
C PRO E 299 -4.57 21.78 22.49
N PHE E 300 -5.84 22.04 22.06
CA PHE E 300 -6.38 23.37 21.88
C PHE E 300 -7.20 23.84 23.08
N TYR E 301 -7.18 23.09 24.16
CA TYR E 301 -7.82 23.56 25.36
C TYR E 301 -7.15 24.82 25.84
N GLY E 302 -7.99 25.80 26.31
CA GLY E 302 -7.50 27.08 26.77
C GLY E 302 -8.52 27.88 27.54
N TYR E 303 -8.49 29.20 27.39
CA TYR E 303 -9.40 30.08 28.09
C TYR E 303 -10.23 30.96 27.18
N ARG E 304 -9.80 31.20 25.94
CA ARG E 304 -10.29 32.31 25.15
C ARG E 304 -11.23 31.83 24.05
N GLU E 305 -12.42 32.44 24.00
CA GLU E 305 -13.35 32.33 22.87
C GLU E 305 -13.73 30.86 22.61
N GLY E 306 -14.28 30.25 23.65
CA GLY E 306 -14.81 28.91 23.52
C GLY E 306 -13.78 27.81 23.45
N SER E 307 -12.51 28.11 23.73
CA SER E 307 -11.46 27.10 23.78
C SER E 307 -11.34 26.47 25.16
N HIS E 308 -12.42 26.50 25.97
CA HIS E 308 -12.46 25.81 27.25
C HIS E 308 -13.48 24.67 27.24
N THR E 309 -14.31 24.59 26.20
CA THR E 309 -15.20 23.47 26.00
C THR E 309 -14.49 22.30 25.33
N GLU E 310 -13.23 22.46 24.91
CA GLU E 310 -12.45 21.36 24.36
C GLU E 310 -12.25 20.31 25.43
N HIS E 311 -12.09 19.05 24.98
CA HIS E 311 -12.10 17.96 25.94
C HIS E 311 -10.92 18.05 26.89
N THR E 312 -11.16 17.79 28.15
CA THR E 312 -10.14 17.60 29.13
C THR E 312 -10.60 16.47 30.06
N SER E 313 -9.63 15.71 30.55
CA SER E 313 -9.92 14.60 31.42
C SER E 313 -9.28 14.81 32.76
N TYR E 314 -8.70 15.98 32.98
CA TYR E 314 -8.11 16.29 34.27
C TYR E 314 -8.94 17.39 34.95
N ALA E 315 -8.80 17.43 36.27
CA ALA E 315 -9.41 18.47 37.07
C ALA E 315 -8.86 19.81 36.60
N ALA E 316 -9.68 20.86 36.70
CA ALA E 316 -9.28 22.10 36.08
C ALA E 316 -8.13 22.73 36.88
N ASP E 317 -7.83 22.26 38.09
CA ASP E 317 -6.69 22.79 38.83
C ASP E 317 -5.34 22.29 38.30
N ARG E 318 -5.35 21.33 37.38
CA ARG E 318 -4.14 20.81 36.79
C ARG E 318 -3.75 21.56 35.53
N PHE E 319 -4.53 22.50 35.05
CA PHE E 319 -4.22 23.23 33.83
C PHE E 319 -4.06 24.73 34.15
N LYS E 320 -3.08 25.38 33.52
CA LYS E 320 -2.78 26.76 33.73
C LYS E 320 -2.21 27.34 32.46
N GLN E 321 -3.01 28.10 31.76
CA GLN E 321 -2.57 28.78 30.55
C GLN E 321 -1.98 30.13 30.88
N VAL E 322 -0.65 30.22 30.97
CA VAL E 322 0.06 31.45 31.29
C VAL E 322 0.12 32.32 30.05
N ASP E 323 -0.85 33.25 29.94
CA ASP E 323 -0.87 34.13 28.79
C ASP E 323 0.24 35.17 28.89
N GLY E 324 0.78 35.57 27.72
CA GLY E 324 1.94 36.45 27.73
C GLY E 324 3.16 35.78 28.38
N PHE E 325 3.68 34.77 27.68
CA PHE E 325 4.79 33.97 28.18
C PHE E 325 6.05 34.27 27.38
N TYR E 326 7.14 34.53 28.11
CA TYR E 326 8.43 34.85 27.53
C TYR E 326 9.37 33.68 27.75
N ALA E 327 9.54 32.89 26.69
CA ALA E 327 10.39 31.71 26.70
C ALA E 327 11.85 32.09 26.87
N ARG E 328 12.52 31.54 27.88
CA ARG E 328 13.95 31.71 28.06
C ARG E 328 14.64 30.38 27.88
N ASP E 329 15.35 30.25 26.72
CA ASP E 329 16.04 29.03 26.38
C ASP E 329 17.07 28.68 27.47
N LEU E 330 17.18 27.39 27.79
CA LEU E 330 18.07 26.97 28.85
C LEU E 330 19.52 26.81 28.37
N THR E 331 19.76 26.93 27.06
CA THR E 331 21.11 26.89 26.51
C THR E 331 21.65 28.29 26.29
N THR E 332 20.96 29.09 25.47
CA THR E 332 21.40 30.45 25.18
C THR E 332 21.13 31.41 26.33
N LYS E 333 20.24 31.03 27.26
CA LYS E 333 19.85 31.87 28.38
C LYS E 333 19.32 33.21 27.90
N ALA E 334 18.61 33.21 26.76
CA ALA E 334 18.07 34.42 26.16
C ALA E 334 16.56 34.36 26.14
N ARG E 335 15.94 35.41 26.70
CA ARG E 335 14.48 35.48 26.77
C ARG E 335 13.90 35.96 25.45
N ALA E 336 12.95 35.21 24.92
CA ALA E 336 12.30 35.58 23.67
C ALA E 336 11.39 36.78 23.88
N THR E 337 11.26 37.61 22.85
CA THR E 337 10.57 38.89 22.99
C THR E 337 9.08 38.75 22.69
N ALA E 338 8.75 38.03 21.60
CA ALA E 338 7.36 37.86 21.21
C ALA E 338 6.64 36.95 22.21
N PRO E 339 5.57 37.41 22.87
CA PRO E 339 4.87 36.59 23.84
C PRO E 339 3.99 35.54 23.16
N THR E 340 3.77 34.43 23.88
CA THR E 340 2.89 33.37 23.44
C THR E 340 2.06 32.88 24.62
N THR E 341 0.92 32.24 24.30
CA THR E 341 0.09 31.63 25.33
C THR E 341 0.68 30.25 25.63
N ARG E 342 1.09 30.06 26.88
CA ARG E 342 1.69 28.80 27.28
C ARG E 342 0.68 27.99 28.10
N ASN E 343 0.28 26.83 27.57
CA ASN E 343 -0.50 25.84 28.28
C ASN E 343 0.42 24.98 29.12
N LEU E 344 0.06 24.76 30.34
CA LEU E 344 0.82 23.91 31.23
C LEU E 344 -0.14 22.95 31.91
N LEU E 345 0.01 21.67 31.66
CA LEU E 345 -0.76 20.62 32.30
C LEU E 345 0.12 19.77 33.18
N THR E 346 -0.23 19.64 34.41
CA THR E 346 0.53 18.86 35.36
C THR E 346 -0.16 17.53 35.57
N THR E 347 0.22 16.53 34.77
CA THR E 347 -0.23 15.15 34.84
C THR E 347 0.41 14.48 36.07
N PRO E 348 -0.07 13.30 36.48
CA PRO E 348 0.47 12.67 37.68
C PRO E 348 1.96 12.32 37.62
N LYS E 349 2.52 12.25 36.41
CA LYS E 349 3.86 11.79 36.18
C LYS E 349 4.78 12.90 35.72
N PHE E 350 4.25 13.97 35.14
CA PHE E 350 5.09 15.00 34.55
C PHE E 350 4.23 16.26 34.33
N THR E 351 4.89 17.31 33.86
CA THR E 351 4.23 18.52 33.44
C THR E 351 4.56 18.80 31.98
N VAL E 352 3.55 19.13 31.20
CA VAL E 352 3.76 19.38 29.80
C VAL E 352 3.39 20.83 29.57
N ALA E 353 4.20 21.52 28.77
CA ALA E 353 3.93 22.85 28.37
C ALA E 353 3.97 22.94 26.88
N TRP E 354 2.97 23.57 26.32
CA TRP E 354 2.97 23.85 24.91
C TRP E 354 2.34 25.18 24.59
N ASP E 355 2.77 25.80 23.53
CA ASP E 355 2.23 27.06 23.09
C ASP E 355 0.84 26.80 22.50
N TRP E 356 -0.16 27.49 23.07
CA TRP E 356 -1.53 27.28 22.64
C TRP E 356 -1.83 27.95 21.31
N VAL E 357 -2.57 27.25 20.48
CA VAL E 357 -3.06 27.84 19.24
C VAL E 357 -4.54 27.51 19.08
N PRO E 358 -5.34 28.38 18.47
CA PRO E 358 -6.73 28.06 18.24
C PRO E 358 -6.89 26.82 17.34
N LYS E 359 -7.91 26.03 17.61
CA LYS E 359 -8.10 24.75 16.97
C LYS E 359 -8.50 24.95 15.53
N ARG E 360 -9.41 25.88 15.25
CA ARG E 360 -9.95 25.98 13.90
C ARG E 360 -8.88 26.26 12.84
N PRO E 361 -7.97 27.23 12.99
CA PRO E 361 -6.95 27.44 11.97
C PRO E 361 -5.68 26.62 12.10
N SER E 362 -5.60 25.74 13.12
CA SER E 362 -4.39 24.95 13.37
C SER E 362 -4.49 23.53 12.85
N VAL E 363 -5.70 22.98 12.75
CA VAL E 363 -5.91 21.65 12.20
C VAL E 363 -6.52 21.76 10.84
N CYS E 364 -6.49 20.66 10.10
CA CYS E 364 -6.82 20.66 8.69
C CYS E 364 -7.17 19.22 8.36
N THR E 365 -8.43 18.86 8.42
CA THR E 365 -8.84 17.48 8.19
C THR E 365 -8.68 17.04 6.74
N MET E 366 -8.38 17.97 5.82
CA MET E 366 -7.92 17.65 4.51
C MET E 366 -6.51 18.18 4.35
N THR E 367 -5.75 17.61 3.43
CA THR E 367 -4.36 17.97 3.24
C THR E 367 -4.16 18.25 1.77
N LYS E 368 -3.52 19.40 1.47
CA LYS E 368 -3.23 19.69 0.09
C LYS E 368 -2.34 18.59 -0.47
N TRP E 369 -2.88 17.82 -1.39
CA TRP E 369 -2.17 16.69 -1.98
C TRP E 369 -1.58 17.02 -3.35
N GLN E 370 -2.34 17.67 -4.22
CA GLN E 370 -1.82 17.99 -5.52
C GLN E 370 -2.21 19.40 -5.94
N GLU E 371 -1.26 20.08 -6.58
CA GLU E 371 -1.54 21.39 -7.18
C GLU E 371 -1.49 21.25 -8.68
N VAL E 372 -2.66 21.26 -9.32
CA VAL E 372 -2.76 21.00 -10.74
C VAL E 372 -2.91 22.33 -11.46
N ASP E 373 -1.93 22.65 -12.31
CA ASP E 373 -1.98 23.83 -13.13
C ASP E 373 -3.12 23.74 -14.14
N GLU E 374 -3.24 22.58 -14.81
CA GLU E 374 -4.22 22.40 -15.87
C GLU E 374 -5.10 21.22 -15.52
N MET E 375 -6.25 21.52 -14.90
CA MET E 375 -7.21 20.48 -14.58
C MET E 375 -8.45 20.73 -15.40
N LEU E 376 -8.61 19.98 -16.49
CA LEU E 376 -9.77 20.16 -17.34
C LEU E 376 -11.00 19.63 -16.62
N ARG E 377 -12.09 20.40 -16.69
CA ARG E 377 -13.35 20.01 -16.09
C ARG E 377 -14.37 19.86 -17.20
N SER E 378 -15.09 18.75 -17.17
CA SER E 378 -16.10 18.50 -18.18
C SER E 378 -17.32 17.91 -17.51
N GLU E 379 -18.48 18.09 -18.16
CA GLU E 379 -19.74 17.58 -17.66
C GLU E 379 -20.22 16.49 -18.62
N TYR E 380 -20.59 15.34 -18.04
CA TYR E 380 -21.05 14.22 -18.83
C TYR E 380 -21.72 13.22 -17.91
N GLY E 381 -22.85 12.66 -18.39
CA GLY E 381 -23.57 11.66 -17.63
C GLY E 381 -24.03 12.17 -16.25
N GLY E 382 -24.36 13.46 -16.20
CA GLY E 382 -24.74 14.13 -14.97
C GLY E 382 -23.66 14.05 -13.89
N SER E 383 -22.39 14.14 -14.31
CA SER E 383 -21.29 14.18 -13.37
C SER E 383 -20.15 14.98 -13.98
N PHE E 384 -19.29 15.49 -13.08
CA PHE E 384 -18.14 16.28 -13.50
C PHE E 384 -16.88 15.43 -13.49
N ARG E 385 -16.17 15.44 -14.61
CA ARG E 385 -14.90 14.76 -14.73
C ARG E 385 -13.79 15.81 -14.68
N PHE E 386 -12.90 15.68 -13.70
CA PHE E 386 -11.74 16.53 -13.58
C PHE E 386 -10.50 15.72 -13.96
N SER E 387 -9.95 16.00 -15.17
CA SER E 387 -8.82 15.27 -15.70
C SER E 387 -7.58 16.15 -15.67
N SER E 388 -6.50 15.59 -15.12
CA SER E 388 -5.19 16.24 -15.09
C SER E 388 -4.23 15.38 -15.91
N ASP E 389 -3.66 15.97 -16.95
CA ASP E 389 -2.65 15.30 -17.74
C ASP E 389 -1.32 15.33 -17.01
N ALA E 390 -1.11 16.32 -16.14
CA ALA E 390 0.17 16.44 -15.46
C ALA E 390 0.42 15.26 -14.54
N ILE E 391 -0.60 14.84 -13.79
CA ILE E 391 -0.46 13.68 -12.93
C ILE E 391 -1.23 12.48 -13.49
N SER E 392 -1.82 12.63 -14.66
CA SER E 392 -2.48 11.53 -15.34
C SER E 392 -3.57 10.95 -14.46
N THR E 393 -4.45 11.81 -13.94
CA THR E 393 -5.45 11.39 -12.97
C THR E 393 -6.78 12.03 -13.29
N THR E 394 -7.83 11.22 -13.29
CA THR E 394 -9.17 11.68 -13.58
C THR E 394 -10.10 11.36 -12.42
N PHE E 395 -10.76 12.38 -11.88
CA PHE E 395 -11.71 12.23 -10.80
C PHE E 395 -13.13 12.49 -11.28
N THR E 396 -14.10 11.86 -10.61
CA THR E 396 -15.50 12.02 -10.97
C THR E 396 -16.25 12.52 -9.74
N THR E 397 -17.04 13.57 -9.94
CA THR E 397 -17.75 14.23 -8.86
C THR E 397 -19.21 14.40 -9.27
N ASN E 398 -20.07 14.59 -8.25
CA ASN E 398 -21.44 15.00 -8.52
C ASN E 398 -21.44 16.43 -9.04
N LEU E 399 -22.47 16.78 -9.82
CA LEU E 399 -22.50 18.10 -10.42
C LEU E 399 -22.60 19.19 -9.35
N THR E 400 -23.13 18.85 -8.17
CA THR E 400 -23.33 19.84 -7.12
C THR E 400 -22.01 20.15 -6.44
N GLU E 401 -21.85 21.41 -6.03
CA GLU E 401 -20.71 21.81 -5.21
C GLU E 401 -20.81 21.14 -3.84
N TYR E 402 -19.65 20.94 -3.22
CA TYR E 402 -19.60 20.36 -1.90
C TYR E 402 -19.53 21.49 -0.87
N PRO E 403 -20.56 21.65 -0.03
CA PRO E 403 -20.53 22.69 1.00
C PRO E 403 -19.35 22.53 1.96
N LEU E 404 -18.43 23.50 1.93
CA LEU E 404 -17.22 23.40 2.72
C LEU E 404 -17.51 23.44 4.20
N SER E 405 -18.64 24.02 4.60
CA SER E 405 -19.05 24.05 6.00
C SER E 405 -19.29 22.63 6.54
N ARG E 406 -19.57 21.68 5.65
CA ARG E 406 -19.81 20.31 6.03
C ARG E 406 -18.52 19.59 6.45
N VAL E 407 -17.36 20.09 6.01
CA VAL E 407 -16.09 19.48 6.38
C VAL E 407 -15.80 19.85 7.82
N ASP E 408 -15.58 18.82 8.65
CA ASP E 408 -15.25 19.04 10.04
C ASP E 408 -13.87 19.67 10.14
N LEU E 409 -13.73 20.78 10.86
CA LEU E 409 -12.46 21.48 10.99
C LEU E 409 -11.91 21.86 9.62
N GLY E 410 -12.64 22.69 8.89
CA GLY E 410 -12.35 22.90 7.49
C GLY E 410 -12.07 24.34 7.03
N ASP E 411 -11.70 25.23 7.95
CA ASP E 411 -11.32 26.58 7.53
C ASP E 411 -10.00 26.61 6.75
N CYS E 412 -9.20 25.57 6.96
CA CYS E 412 -7.87 25.46 6.37
C CYS E 412 -7.96 25.23 4.86
N ILE E 413 -8.97 24.48 4.40
CA ILE E 413 -9.03 24.08 3.01
C ILE E 413 -9.18 25.31 2.13
N GLY E 414 -10.11 26.19 2.49
CA GLY E 414 -10.33 27.40 1.71
C GLY E 414 -9.07 28.27 1.59
N LYS E 415 -8.41 28.48 2.73
CA LYS E 415 -7.21 29.31 2.75
C LYS E 415 -6.12 28.72 1.87
N ASP E 416 -5.80 27.43 2.07
CA ASP E 416 -4.74 26.78 1.31
C ASP E 416 -5.06 26.76 -0.18
N ALA E 417 -6.31 26.46 -0.51
CA ALA E 417 -6.72 26.42 -1.91
C ALA E 417 -6.55 27.79 -2.56
N ARG E 418 -7.02 28.85 -1.88
CA ARG E 418 -6.92 30.18 -2.44
C ARG E 418 -5.46 30.58 -2.60
N ASP E 419 -4.62 30.29 -1.61
CA ASP E 419 -3.21 30.67 -1.68
C ASP E 419 -2.52 29.99 -2.87
N ALA E 420 -2.63 28.66 -2.95
CA ALA E 420 -1.99 27.92 -4.01
C ALA E 420 -2.53 28.34 -5.38
N MET E 421 -3.84 28.60 -5.42
CA MET E 421 -4.50 28.95 -6.66
C MET E 421 -4.04 30.34 -7.16
N ASP E 422 -3.96 31.30 -6.27
CA ASP E 422 -3.47 32.63 -6.63
C ASP E 422 -2.00 32.56 -7.04
N ARG E 423 -1.20 31.76 -6.35
CA ARG E 423 0.21 31.62 -6.71
C ARG E 423 0.33 31.06 -8.13
N ILE E 424 -0.44 30.02 -8.44
CA ILE E 424 -0.37 29.42 -9.77
C ILE E 424 -0.87 30.40 -10.82
N PHE E 425 -1.94 31.13 -10.52
CA PHE E 425 -2.48 32.08 -11.47
C PHE E 425 -1.47 33.19 -11.78
N ALA E 426 -0.79 33.68 -10.75
CA ALA E 426 0.24 34.69 -10.94
C ALA E 426 1.39 34.13 -11.77
N ARG E 427 1.80 32.89 -11.46
CA ARG E 427 2.95 32.30 -12.13
C ARG E 427 2.70 32.03 -13.62
N ARG E 428 1.49 31.56 -13.98
CA ARG E 428 1.31 31.04 -15.32
C ARG E 428 0.15 31.67 -16.09
N TYR E 429 -0.98 31.97 -15.45
CA TYR E 429 -2.17 32.35 -16.18
C TYR E 429 -2.52 33.84 -16.12
N ASN E 430 -1.68 34.66 -15.47
CA ASN E 430 -2.01 36.07 -15.32
C ASN E 430 -2.05 36.76 -16.69
N ALA E 431 -1.14 36.39 -17.59
CA ALA E 431 -0.96 37.08 -18.86
C ALA E 431 -1.87 36.58 -19.97
N THR E 432 -2.62 35.48 -19.74
CA THR E 432 -3.41 34.90 -20.82
C THR E 432 -4.85 34.59 -20.41
N HIS E 433 -5.12 34.29 -19.14
CA HIS E 433 -6.46 33.92 -18.72
C HIS E 433 -6.96 34.86 -17.63
N ILE E 434 -8.25 34.74 -17.30
CA ILE E 434 -8.89 35.45 -16.22
C ILE E 434 -9.70 34.46 -15.40
N LYS E 435 -9.71 34.64 -14.09
CA LYS E 435 -10.52 33.79 -13.22
C LYS E 435 -12.01 34.01 -13.46
N VAL E 436 -12.76 32.93 -13.34
CA VAL E 436 -14.20 32.94 -13.57
C VAL E 436 -14.87 32.52 -12.27
N GLY E 437 -15.26 33.52 -11.48
CA GLY E 437 -15.95 33.26 -10.24
C GLY E 437 -15.02 32.80 -9.14
N GLN E 438 -15.67 32.57 -7.99
CA GLN E 438 -15.01 32.19 -6.75
C GLN E 438 -14.70 30.70 -6.78
N PRO E 439 -13.64 30.23 -6.08
CA PRO E 439 -13.32 28.82 -6.08
C PRO E 439 -14.49 27.92 -5.68
N GLN E 440 -14.67 26.83 -6.45
CA GLN E 440 -15.70 25.84 -6.16
C GLN E 440 -15.05 24.62 -5.52
N TYR E 441 -15.85 23.84 -4.79
CA TYR E 441 -15.36 22.66 -4.12
C TYR E 441 -16.24 21.47 -4.46
N TYR E 442 -15.61 20.38 -4.91
CA TYR E 442 -16.33 19.19 -5.29
C TYR E 442 -15.74 17.99 -4.56
N LEU E 443 -16.56 16.96 -4.35
CA LEU E 443 -16.09 15.73 -3.76
C LEU E 443 -16.05 14.65 -4.85
N ALA E 444 -14.91 13.98 -4.95
CA ALA E 444 -14.66 12.97 -5.96
C ALA E 444 -14.58 11.61 -5.32
N ASN E 445 -15.03 10.61 -6.08
CA ASN E 445 -15.06 9.23 -5.62
C ASN E 445 -13.67 8.84 -5.10
N GLY E 446 -13.67 8.06 -4.04
CA GLY E 446 -12.43 7.78 -3.37
C GLY E 446 -12.18 8.75 -2.23
N GLY E 447 -12.87 9.90 -2.25
CA GLY E 447 -12.79 10.83 -1.14
C GLY E 447 -11.77 11.93 -1.36
N PHE E 448 -11.79 12.53 -2.56
CA PHE E 448 -10.86 13.60 -2.85
C PHE E 448 -11.62 14.91 -2.96
N LEU E 449 -11.15 15.95 -2.27
CA LEU E 449 -11.80 17.25 -2.30
C LEU E 449 -11.07 18.13 -3.28
N ILE E 450 -11.72 18.40 -4.42
CA ILE E 450 -11.10 19.18 -5.47
C ILE E 450 -11.60 20.62 -5.35
N ALA E 451 -10.67 21.54 -5.08
CA ALA E 451 -10.93 22.96 -5.18
C ALA E 451 -10.57 23.38 -6.59
N TYR E 452 -11.53 23.95 -7.28
CA TYR E 452 -11.40 24.26 -8.68
C TYR E 452 -11.66 25.77 -8.91
N GLN E 453 -10.77 26.39 -9.65
CA GLN E 453 -10.95 27.75 -10.12
C GLN E 453 -11.06 27.72 -11.64
N PRO E 454 -12.26 27.93 -12.19
CA PRO E 454 -12.39 28.01 -13.62
C PRO E 454 -11.59 29.18 -14.16
N LEU E 455 -11.12 29.02 -15.41
CA LEU E 455 -10.40 30.08 -16.07
C LEU E 455 -11.00 30.28 -17.46
N LEU E 456 -10.87 31.50 -17.98
CA LEU E 456 -11.28 31.80 -19.33
C LEU E 456 -10.18 32.57 -20.03
N SER E 457 -9.80 32.14 -21.22
CA SER E 457 -8.83 32.86 -22.02
C SER E 457 -9.39 34.23 -22.40
N ASN E 458 -8.50 35.20 -22.60
CA ASN E 458 -8.93 36.54 -22.96
C ASN E 458 -9.68 36.54 -24.29
N THR E 459 -9.37 35.55 -25.14
CA THR E 459 -10.01 35.40 -26.44
C THR E 459 -11.54 35.26 -26.27
N VAL E 492 -22.16 18.14 9.29
CA VAL E 492 -20.69 18.05 9.54
C VAL E 492 -20.26 16.59 9.49
N GLU E 493 -19.11 16.33 8.84
CA GLU E 493 -18.65 14.96 8.65
C GLU E 493 -17.16 14.96 8.35
N ARG E 494 -16.57 13.77 8.29
CA ARG E 494 -15.20 13.60 7.82
C ARG E 494 -15.21 12.86 6.48
N ILE E 495 -14.42 13.40 5.53
CA ILE E 495 -14.24 12.75 4.24
C ILE E 495 -13.17 11.67 4.39
N LYS E 496 -13.51 10.45 3.94
CA LYS E 496 -12.59 9.33 3.98
C LYS E 496 -12.00 9.15 2.58
N THR E 497 -10.66 9.20 2.51
CA THR E 497 -9.95 9.12 1.26
C THR E 497 -9.32 7.74 1.11
N THR E 498 -9.51 7.15 -0.07
CA THR E 498 -8.92 5.85 -0.36
C THR E 498 -7.40 5.97 -0.45
N SER E 499 -6.72 4.88 -0.11
CA SER E 499 -5.27 4.83 -0.18
C SER E 499 -4.76 4.49 -1.59
N SER E 500 -5.67 4.18 -2.51
CA SER E 500 -5.33 3.75 -3.84
C SER E 500 -5.81 4.77 -4.87
N ILE E 501 -4.87 5.36 -5.58
CA ILE E 501 -5.19 6.31 -6.62
C ILE E 501 -5.30 5.63 -8.00
N GLU E 502 -4.88 4.38 -8.11
CA GLU E 502 -4.70 3.78 -9.43
C GLU E 502 -6.05 3.57 -10.09
N PHE E 503 -7.15 3.66 -9.35
CA PHE E 503 -8.47 3.67 -10.00
C PHE E 503 -8.63 4.91 -10.83
N ALA E 504 -8.15 6.06 -10.29
CA ALA E 504 -8.25 7.31 -11.03
C ALA E 504 -7.24 7.32 -12.17
N ARG E 505 -6.04 6.80 -11.94
CA ARG E 505 -5.05 6.74 -12.99
C ARG E 505 -5.51 5.82 -14.11
N LEU E 506 -6.10 4.68 -13.78
CA LEU E 506 -6.67 3.80 -14.78
C LEU E 506 -7.81 4.50 -15.49
N GLN E 507 -8.58 5.29 -14.77
CA GLN E 507 -9.65 6.06 -15.40
C GLN E 507 -9.07 7.02 -16.42
N PHE E 508 -8.02 7.72 -16.05
CA PHE E 508 -7.40 8.65 -16.97
C PHE E 508 -6.85 7.91 -18.20
N THR E 509 -6.16 6.79 -17.97
CA THR E 509 -5.57 6.03 -19.06
C THR E 509 -6.65 5.52 -20.00
N TYR E 510 -7.72 4.94 -19.44
CA TYR E 510 -8.78 4.41 -20.25
C TYR E 510 -9.46 5.53 -20.98
N ASN E 511 -9.70 6.65 -20.31
CA ASN E 511 -10.39 7.78 -20.93
C ASN E 511 -9.56 8.30 -22.08
N HIS E 512 -8.26 8.45 -21.90
CA HIS E 512 -7.39 8.99 -22.94
C HIS E 512 -7.34 8.07 -24.13
N ILE E 513 -7.10 6.79 -23.90
CA ILE E 513 -7.07 5.80 -24.99
C ILE E 513 -8.42 5.69 -25.65
N GLN E 514 -9.50 5.69 -24.87
CA GLN E 514 -10.86 5.56 -25.39
C GLN E 514 -11.21 6.76 -26.23
N ARG E 515 -10.93 7.95 -25.73
CA ARG E 515 -11.22 9.16 -26.49
C ARG E 515 -10.49 9.12 -27.81
N HIS E 516 -9.21 8.75 -27.77
CA HIS E 516 -8.42 8.72 -28.99
C HIS E 516 -8.90 7.65 -29.96
N VAL E 517 -9.00 6.42 -29.48
CA VAL E 517 -9.41 5.32 -30.34
C VAL E 517 -10.77 5.63 -30.95
N ASN E 518 -11.67 6.16 -30.13
CA ASN E 518 -13.00 6.49 -30.61
C ASN E 518 -12.91 7.59 -31.66
N ASP E 519 -12.04 8.57 -31.45
CA ASP E 519 -11.87 9.64 -32.40
C ASP E 519 -11.59 9.09 -33.79
N MET E 520 -10.44 8.44 -33.94
CA MET E 520 -10.06 7.92 -35.25
C MET E 520 -11.05 6.89 -35.77
N LEU E 521 -11.44 5.94 -34.92
CA LEU E 521 -12.44 4.97 -35.34
C LEU E 521 -13.59 5.72 -35.98
N GLY E 522 -14.17 6.66 -35.25
CA GLY E 522 -15.25 7.45 -35.81
C GLY E 522 -14.79 8.15 -37.09
N ARG E 523 -13.55 8.58 -37.17
CA ARG E 523 -13.05 9.16 -38.40
C ARG E 523 -12.96 8.09 -39.49
N VAL E 524 -12.61 6.86 -39.15
CA VAL E 524 -12.56 5.80 -40.16
C VAL E 524 -13.98 5.46 -40.59
N ALA E 525 -14.95 5.47 -39.67
CA ALA E 525 -16.34 5.22 -40.03
C ALA E 525 -16.86 6.34 -40.93
N ILE E 526 -16.54 7.59 -40.60
CA ILE E 526 -16.95 8.72 -41.39
C ILE E 526 -16.31 8.64 -42.77
N ALA E 527 -15.01 8.36 -42.81
CA ALA E 527 -14.29 8.26 -44.06
C ALA E 527 -14.76 7.07 -44.86
N TRP E 528 -15.22 6.00 -44.20
CA TRP E 528 -15.70 4.83 -44.90
C TRP E 528 -17.04 5.13 -45.55
N CYS E 529 -17.94 5.77 -44.80
CA CYS E 529 -19.22 6.15 -45.36
C CYS E 529 -19.01 7.12 -46.52
N GLU E 530 -18.15 8.11 -46.35
CA GLU E 530 -17.82 9.05 -47.41
C GLU E 530 -17.18 8.29 -48.58
N LEU E 531 -16.41 7.26 -48.28
CA LEU E 531 -15.74 6.51 -49.31
C LEU E 531 -16.76 5.80 -50.18
N GLN E 532 -17.72 5.09 -49.58
CA GLN E 532 -18.76 4.46 -50.39
C GLN E 532 -19.53 5.52 -51.15
N ASN E 533 -20.04 6.54 -50.45
CA ASN E 533 -20.86 7.54 -51.11
C ASN E 533 -20.10 8.17 -52.27
N HIS E 534 -18.77 8.16 -52.20
CA HIS E 534 -17.93 8.64 -53.26
C HIS E 534 -17.83 7.58 -54.36
N GLU E 535 -17.83 6.30 -53.97
CA GLU E 535 -17.66 5.20 -54.91
C GLU E 535 -18.91 4.99 -55.75
N LEU E 536 -20.07 5.42 -55.28
CA LEU E 536 -21.30 5.13 -56.03
C LEU E 536 -21.25 5.76 -57.41
N THR E 537 -20.60 6.92 -57.54
CA THR E 537 -20.49 7.55 -58.85
C THR E 537 -19.63 6.73 -59.80
N LEU E 538 -18.60 6.08 -59.26
CA LEU E 538 -17.80 5.15 -60.04
C LEU E 538 -18.63 3.92 -60.42
N TRP E 539 -19.40 3.42 -59.45
CA TRP E 539 -20.22 2.22 -59.65
C TRP E 539 -21.29 2.45 -60.71
N ASN E 540 -21.92 3.61 -60.74
CA ASN E 540 -22.99 3.89 -61.69
C ASN E 540 -22.49 3.93 -63.13
N GLU E 541 -21.19 4.23 -63.33
CA GLU E 541 -20.61 4.12 -64.67
C GLU E 541 -20.10 2.71 -64.95
N ALA E 542 -19.59 2.03 -63.91
CA ALA E 542 -19.17 0.65 -64.03
C ALA E 542 -20.36 -0.22 -64.43
N ARG E 543 -21.50 -0.03 -63.80
CA ARG E 543 -22.68 -0.83 -64.10
C ARG E 543 -23.08 -0.65 -65.56
N LYS E 544 -22.81 0.53 -66.13
CA LYS E 544 -23.10 0.73 -67.53
C LYS E 544 -22.05 0.05 -68.41
N LEU E 545 -20.79 0.02 -67.95
CA LEU E 545 -19.74 -0.59 -68.75
C LEU E 545 -19.94 -2.09 -68.93
N ASN E 546 -20.12 -2.80 -67.81
CA ASN E 546 -20.26 -4.25 -67.83
C ASN E 546 -21.22 -4.68 -66.73
N PRO E 547 -22.54 -4.61 -66.98
CA PRO E 547 -23.52 -4.81 -65.93
C PRO E 547 -23.42 -6.16 -65.21
N ASN E 548 -22.94 -7.20 -65.91
CA ASN E 548 -22.89 -8.54 -65.34
C ASN E 548 -21.98 -8.59 -64.12
N ALA E 549 -20.77 -8.06 -64.25
CA ALA E 549 -19.76 -8.21 -63.21
C ALA E 549 -20.17 -7.44 -61.96
N ILE E 550 -20.60 -6.19 -62.17
CA ILE E 550 -21.01 -5.35 -61.05
C ILE E 550 -22.25 -5.94 -60.38
N ALA E 551 -23.19 -6.44 -61.20
CA ALA E 551 -24.40 -7.04 -60.64
C ALA E 551 -24.02 -8.24 -59.78
N SER E 552 -23.16 -9.10 -60.29
CA SER E 552 -22.80 -10.29 -59.55
C SER E 552 -22.30 -9.89 -58.18
N ALA E 553 -21.42 -8.89 -58.15
CA ALA E 553 -20.88 -8.41 -56.88
C ALA E 553 -21.92 -7.71 -56.02
N THR E 554 -22.67 -6.79 -56.60
CA THR E 554 -23.64 -6.03 -55.84
C THR E 554 -24.76 -6.91 -55.31
N VAL E 555 -24.85 -8.13 -55.82
CA VAL E 555 -25.93 -9.03 -55.41
C VAL E 555 -25.35 -10.17 -54.56
N GLY E 556 -24.22 -10.74 -54.98
CA GLY E 556 -23.55 -11.76 -54.19
C GLY E 556 -23.52 -13.14 -54.85
N ARG E 557 -24.16 -13.30 -56.01
CA ARG E 557 -24.10 -14.54 -56.77
C ARG E 557 -23.90 -14.20 -58.24
N ARG E 558 -23.34 -15.15 -58.98
CA ARG E 558 -23.10 -14.97 -60.40
C ARG E 558 -24.42 -14.79 -61.14
N VAL E 559 -24.66 -13.56 -61.58
CA VAL E 559 -25.87 -13.20 -62.30
C VAL E 559 -25.51 -12.39 -63.53
N SER E 560 -26.46 -12.33 -64.45
CA SER E 560 -26.39 -11.47 -65.62
C SER E 560 -27.33 -10.28 -65.42
N ALA E 561 -26.97 -9.17 -66.05
CA ALA E 561 -27.80 -7.98 -65.98
C ALA E 561 -27.73 -7.23 -67.30
N ARG E 562 -28.81 -6.51 -67.60
CA ARG E 562 -28.82 -5.64 -68.75
C ARG E 562 -29.58 -4.37 -68.38
N MET E 563 -29.16 -3.25 -68.98
CA MET E 563 -29.73 -1.97 -68.63
C MET E 563 -31.15 -1.86 -69.20
N LEU E 564 -32.04 -1.27 -68.38
CA LEU E 564 -33.39 -0.96 -68.84
C LEU E 564 -33.65 0.53 -68.64
N GLY E 565 -32.69 1.35 -69.06
CA GLY E 565 -32.73 2.78 -68.79
C GLY E 565 -31.79 3.14 -67.64
N ASP E 566 -32.35 3.36 -66.44
CA ASP E 566 -31.55 3.70 -65.26
C ASP E 566 -31.56 2.56 -64.26
N VAL E 567 -32.08 1.39 -64.67
CA VAL E 567 -32.11 0.23 -63.78
C VAL E 567 -31.59 -0.98 -64.55
N MET E 568 -31.07 -1.96 -63.79
CA MET E 568 -30.49 -3.16 -64.38
C MET E 568 -31.39 -4.36 -64.07
N ALA E 569 -31.95 -4.94 -65.13
CA ALA E 569 -32.67 -6.19 -65.03
C ALA E 569 -31.67 -7.32 -64.81
N VAL E 570 -31.98 -8.19 -63.84
CA VAL E 570 -31.05 -9.20 -63.36
C VAL E 570 -31.68 -10.58 -63.50
N SER E 571 -30.84 -11.56 -63.82
CA SER E 571 -31.26 -12.95 -63.93
C SER E 571 -30.13 -13.85 -63.46
N THR E 572 -30.49 -14.88 -62.68
CA THR E 572 -29.49 -15.81 -62.18
C THR E 572 -28.91 -16.65 -63.31
N CYS E 573 -27.60 -16.88 -63.24
CA CYS E 573 -26.87 -17.61 -64.26
C CYS E 573 -26.78 -19.09 -63.89
N VAL E 574 -26.90 -19.95 -64.90
CA VAL E 574 -26.99 -21.39 -64.70
C VAL E 574 -25.58 -21.97 -64.72
N PRO E 575 -25.14 -22.65 -63.66
CA PRO E 575 -23.82 -23.27 -63.65
C PRO E 575 -23.68 -24.40 -64.67
N VAL E 576 -22.47 -24.53 -65.22
CA VAL E 576 -22.13 -25.57 -66.18
C VAL E 576 -20.72 -26.05 -65.86
N ALA E 577 -20.53 -27.37 -65.86
CA ALA E 577 -19.23 -27.95 -65.53
C ALA E 577 -18.22 -27.62 -66.63
N ALA E 578 -16.94 -27.59 -66.25
CA ALA E 578 -15.86 -27.27 -67.19
C ALA E 578 -15.71 -28.37 -68.25
N ASP E 579 -15.89 -29.61 -67.83
CA ASP E 579 -15.73 -30.76 -68.72
C ASP E 579 -16.77 -30.78 -69.83
N ASN E 580 -17.86 -30.01 -69.68
CA ASN E 580 -18.94 -29.99 -70.68
C ASN E 580 -18.76 -28.84 -71.68
N VAL E 581 -17.52 -28.42 -71.92
CA VAL E 581 -17.23 -27.35 -72.87
C VAL E 581 -16.09 -27.81 -73.77
N ILE E 582 -16.29 -27.66 -75.09
CA ILE E 582 -15.27 -27.95 -76.08
C ILE E 582 -15.04 -26.69 -76.91
N VAL E 583 -13.78 -26.28 -77.00
CA VAL E 583 -13.43 -25.03 -77.67
C VAL E 583 -13.04 -25.32 -79.11
N GLN E 584 -13.77 -24.70 -80.05
CA GLN E 584 -13.46 -24.85 -81.46
C GLN E 584 -12.22 -24.02 -81.79
N ASN E 585 -11.40 -24.56 -82.70
CA ASN E 585 -10.04 -24.09 -82.86
C ASN E 585 -10.00 -22.73 -83.54
N SER E 586 -10.79 -22.57 -84.62
CA SER E 586 -10.63 -21.42 -85.50
C SER E 586 -11.78 -20.44 -85.31
N MET E 587 -11.43 -19.15 -85.24
CA MET E 587 -12.42 -18.08 -85.28
C MET E 587 -12.68 -17.59 -86.71
N ARG E 588 -11.95 -18.10 -87.70
CA ARG E 588 -12.20 -17.70 -89.07
C ARG E 588 -13.58 -18.18 -89.52
N ILE E 589 -14.28 -17.30 -90.22
CA ILE E 589 -15.61 -17.61 -90.72
C ILE E 589 -15.46 -18.20 -92.13
N SER E 590 -15.75 -19.50 -92.24
CA SER E 590 -15.59 -20.22 -93.49
C SER E 590 -16.61 -19.78 -94.55
N SER E 591 -17.65 -19.04 -94.14
CA SER E 591 -18.70 -18.58 -95.06
C SER E 591 -18.49 -17.14 -95.52
N ARG E 592 -17.62 -16.38 -94.83
CA ARG E 592 -17.37 -14.99 -95.18
C ARG E 592 -15.88 -14.69 -95.00
N PRO E 593 -15.11 -14.63 -96.10
CA PRO E 593 -13.71 -14.21 -96.00
C PRO E 593 -13.58 -12.79 -95.46
N GLY E 594 -12.54 -12.59 -94.63
CA GLY E 594 -12.24 -11.28 -94.09
C GLY E 594 -12.96 -10.97 -92.76
N ALA E 595 -13.80 -11.89 -92.29
CA ALA E 595 -14.49 -11.73 -91.01
C ALA E 595 -13.98 -12.77 -90.02
N CYS E 596 -13.65 -12.32 -88.81
CA CYS E 596 -13.10 -13.19 -87.79
C CYS E 596 -13.84 -12.96 -86.47
N TYR E 597 -13.95 -14.05 -85.69
CA TYR E 597 -14.58 -13.97 -84.38
C TYR E 597 -13.57 -13.42 -83.37
N SER E 598 -14.03 -12.49 -82.53
CA SER E 598 -13.15 -11.85 -81.55
C SER E 598 -12.94 -12.74 -80.32
N ARG E 599 -13.85 -13.69 -80.10
CA ARG E 599 -13.85 -14.46 -78.87
C ARG E 599 -14.04 -15.93 -79.22
N PRO E 600 -13.40 -16.86 -78.46
CA PRO E 600 -13.41 -18.27 -78.83
C PRO E 600 -14.81 -18.85 -78.97
N LEU E 601 -14.96 -19.76 -79.94
CA LEU E 601 -16.22 -20.46 -80.15
C LEU E 601 -16.24 -21.72 -79.30
N VAL E 602 -17.41 -22.05 -78.75
CA VAL E 602 -17.54 -23.18 -77.84
C VAL E 602 -18.77 -24.00 -78.22
N SER E 603 -18.71 -25.28 -77.84
CA SER E 603 -19.86 -26.17 -77.85
C SER E 603 -20.00 -26.73 -76.45
N PHE E 604 -21.18 -26.55 -75.85
CA PHE E 604 -21.41 -26.91 -74.46
C PHE E 604 -22.75 -27.62 -74.33
N ARG E 605 -22.86 -28.49 -73.33
CA ARG E 605 -24.10 -29.17 -73.01
C ARG E 605 -24.43 -28.89 -71.55
N TYR E 606 -25.72 -28.60 -71.29
CA TYR E 606 -26.17 -28.27 -69.95
C TYR E 606 -25.95 -29.45 -69.00
N GLU E 607 -26.28 -30.66 -69.48
CA GLU E 607 -26.06 -31.88 -68.72
C GLU E 607 -25.16 -32.81 -69.53
N ASP E 608 -24.63 -33.83 -68.85
CA ASP E 608 -23.69 -34.76 -69.47
C ASP E 608 -24.34 -35.55 -70.59
N GLN E 609 -25.67 -35.71 -70.55
CA GLN E 609 -26.40 -36.46 -71.57
C GLN E 609 -27.15 -35.55 -72.54
N GLY E 610 -27.12 -34.22 -72.32
CA GLY E 610 -27.87 -33.29 -73.14
C GLY E 610 -27.27 -33.13 -74.54
N PRO E 611 -28.05 -32.57 -75.48
CA PRO E 611 -27.53 -32.28 -76.80
C PRO E 611 -26.43 -31.22 -76.77
N LEU E 612 -25.60 -31.23 -77.83
CA LEU E 612 -24.51 -30.27 -77.93
C LEU E 612 -25.06 -28.94 -78.48
N VAL E 613 -24.84 -27.87 -77.70
CA VAL E 613 -25.34 -26.55 -78.03
C VAL E 613 -24.17 -25.65 -78.39
N GLU E 614 -24.27 -25.03 -79.57
CA GLU E 614 -23.21 -24.19 -80.10
C GLU E 614 -23.33 -22.77 -79.55
N GLY E 615 -22.19 -22.08 -79.51
CA GLY E 615 -22.18 -20.70 -79.07
C GLY E 615 -20.75 -20.19 -79.02
N GLN E 616 -20.57 -19.09 -78.29
CA GLN E 616 -19.25 -18.53 -78.07
C GLN E 616 -19.05 -18.21 -76.59
N LEU E 617 -17.81 -18.35 -76.14
CA LEU E 617 -17.44 -18.11 -74.75
C LEU E 617 -17.70 -16.65 -74.41
N GLY E 618 -18.04 -16.38 -73.15
CA GLY E 618 -18.20 -15.03 -72.66
C GLY E 618 -17.02 -14.61 -71.78
N GLU E 619 -17.22 -13.51 -71.06
CA GLU E 619 -16.20 -12.97 -70.17
C GLU E 619 -16.37 -13.55 -68.77
N ASN E 620 -15.23 -13.92 -68.17
CA ASN E 620 -15.20 -14.47 -66.83
C ASN E 620 -16.10 -15.69 -66.71
N ASN E 621 -15.79 -16.72 -67.51
CA ASN E 621 -16.45 -18.02 -67.41
C ASN E 621 -17.94 -17.87 -67.68
N GLU E 622 -18.28 -17.23 -68.80
CA GLU E 622 -19.65 -17.08 -69.23
C GLU E 622 -19.81 -17.77 -70.58
N LEU E 623 -21.00 -18.32 -70.82
CA LEU E 623 -21.31 -18.96 -72.10
C LEU E 623 -22.47 -18.20 -72.74
N ARG E 624 -22.24 -17.73 -73.97
CA ARG E 624 -23.24 -16.97 -74.70
C ARG E 624 -23.84 -17.84 -75.81
N LEU E 625 -25.14 -17.64 -76.06
CA LEU E 625 -25.86 -18.41 -77.06
C LEU E 625 -25.74 -17.79 -78.47
N THR E 626 -25.33 -16.53 -78.57
CA THR E 626 -25.30 -15.83 -79.85
C THR E 626 -23.86 -15.69 -80.33
N ARG E 627 -23.62 -16.11 -81.59
CA ARG E 627 -22.32 -15.98 -82.22
C ARG E 627 -22.29 -14.73 -83.11
N ASP E 628 -22.28 -13.56 -82.47
CA ASP E 628 -22.30 -12.30 -83.21
C ASP E 628 -21.04 -11.47 -83.00
N ALA E 629 -20.05 -12.00 -82.26
CA ALA E 629 -18.80 -11.29 -82.02
C ALA E 629 -17.92 -11.37 -83.28
N ILE E 630 -18.07 -10.37 -84.16
CA ILE E 630 -17.40 -10.37 -85.44
C ILE E 630 -16.56 -9.10 -85.56
N GLU E 631 -15.45 -9.21 -86.30
CA GLU E 631 -14.58 -8.07 -86.55
C GLU E 631 -13.81 -8.34 -87.84
N PRO E 632 -13.20 -7.31 -88.44
CA PRO E 632 -12.26 -7.55 -89.53
C PRO E 632 -11.03 -8.29 -89.03
N CYS E 633 -10.54 -9.23 -89.84
CA CYS E 633 -9.34 -9.99 -89.49
C CYS E 633 -8.11 -9.09 -89.62
N THR E 634 -7.19 -9.24 -88.67
CA THR E 634 -6.00 -8.41 -88.60
C THR E 634 -4.76 -9.29 -88.44
N VAL E 635 -3.64 -8.81 -88.98
CA VAL E 635 -2.39 -9.53 -88.91
C VAL E 635 -1.79 -9.39 -87.51
N GLY E 636 -1.04 -10.41 -87.09
CA GLY E 636 -0.39 -10.40 -85.79
C GLY E 636 -1.40 -10.54 -84.65
N HIS E 637 -2.30 -11.51 -84.82
CA HIS E 637 -3.38 -11.73 -83.87
C HIS E 637 -2.94 -12.70 -82.78
N ARG E 638 -2.91 -12.20 -81.55
CA ARG E 638 -2.63 -13.01 -80.37
C ARG E 638 -3.67 -12.69 -79.32
N ARG E 639 -4.23 -13.72 -78.67
CA ARG E 639 -5.28 -13.50 -77.72
C ARG E 639 -5.17 -14.49 -76.57
N TYR E 640 -5.59 -14.05 -75.38
CA TYR E 640 -5.70 -14.93 -74.22
C TYR E 640 -7.12 -14.79 -73.69
N PHE E 641 -7.69 -15.89 -73.18
CA PHE E 641 -9.04 -15.88 -72.64
C PHE E 641 -9.12 -16.76 -71.41
N THR E 642 -9.83 -16.28 -70.39
CA THR E 642 -9.98 -17.05 -69.17
C THR E 642 -10.81 -18.30 -69.47
N PHE E 643 -10.38 -19.42 -68.89
CA PHE E 643 -11.00 -20.70 -69.14
C PHE E 643 -10.85 -21.56 -67.89
N GLY E 644 -11.97 -21.86 -67.24
CA GLY E 644 -11.96 -22.63 -66.01
C GLY E 644 -11.14 -21.94 -64.92
N GLY E 645 -10.06 -22.59 -64.46
CA GLY E 645 -9.18 -21.98 -63.49
C GLY E 645 -7.87 -21.48 -64.09
N GLY E 646 -7.76 -21.42 -65.42
CA GLY E 646 -6.56 -20.94 -66.05
C GLY E 646 -6.90 -20.12 -67.28
N TYR E 647 -6.03 -20.19 -68.30
CA TYR E 647 -6.22 -19.42 -69.51
C TYR E 647 -6.06 -20.32 -70.72
N VAL E 648 -6.52 -19.79 -71.86
CA VAL E 648 -6.33 -20.41 -73.15
C VAL E 648 -5.73 -19.36 -74.08
N TYR E 649 -4.68 -19.74 -74.81
CA TYR E 649 -3.96 -18.84 -75.69
C TYR E 649 -4.24 -19.23 -77.15
N PHE E 650 -4.63 -18.23 -77.94
CA PHE E 650 -4.95 -18.37 -79.35
C PHE E 650 -4.02 -17.49 -80.18
N GLU E 651 -3.66 -17.96 -81.38
CA GLU E 651 -2.85 -17.19 -82.31
C GLU E 651 -3.47 -17.24 -83.69
N GLU E 652 -3.57 -16.08 -84.35
CA GLU E 652 -4.03 -15.97 -85.73
C GLU E 652 -5.40 -16.63 -85.91
N TYR E 653 -6.31 -16.39 -84.97
CA TYR E 653 -7.66 -16.93 -85.00
C TYR E 653 -7.62 -18.47 -85.03
N ALA E 654 -6.61 -19.04 -84.35
CA ALA E 654 -6.48 -20.49 -84.22
C ALA E 654 -6.06 -20.81 -82.80
N TYR E 655 -6.62 -21.89 -82.26
CA TYR E 655 -6.25 -22.35 -80.92
C TYR E 655 -4.77 -22.67 -80.88
N SER E 656 -4.09 -22.21 -79.82
CA SER E 656 -2.68 -22.47 -79.67
C SER E 656 -2.41 -23.45 -78.53
N HIS E 657 -2.80 -23.11 -77.29
CA HIS E 657 -2.65 -24.05 -76.18
C HIS E 657 -3.18 -23.46 -74.89
N GLN E 658 -3.34 -24.34 -73.88
CA GLN E 658 -3.81 -23.96 -72.56
C GLN E 658 -2.63 -23.53 -71.68
N LEU E 659 -2.97 -22.71 -70.67
CA LEU E 659 -1.99 -22.22 -69.71
C LEU E 659 -2.59 -22.33 -68.31
N SER E 660 -1.76 -22.70 -67.35
CA SER E 660 -2.12 -22.60 -65.94
C SER E 660 -2.04 -21.12 -65.53
N ARG E 661 -2.82 -20.75 -64.52
CA ARG E 661 -2.90 -19.36 -64.13
C ARG E 661 -1.59 -18.88 -63.52
N ALA E 662 -0.90 -19.76 -62.77
CA ALA E 662 0.35 -19.40 -62.13
C ALA E 662 1.47 -19.16 -63.14
N ASP E 663 1.27 -19.59 -64.40
CA ASP E 663 2.28 -19.41 -65.44
C ASP E 663 2.38 -17.95 -65.90
N ILE E 664 1.37 -17.13 -65.58
CA ILE E 664 1.34 -15.74 -66.01
C ILE E 664 1.67 -14.85 -64.82
N THR E 665 2.56 -13.88 -65.05
CA THR E 665 2.92 -12.92 -64.02
C THR E 665 1.69 -12.16 -63.53
N THR E 666 1.57 -12.07 -62.20
CA THR E 666 0.41 -11.48 -61.56
C THR E 666 0.79 -10.18 -60.87
N VAL E 667 0.05 -9.11 -61.20
CA VAL E 667 0.27 -7.81 -60.59
C VAL E 667 -0.89 -7.49 -59.65
N SER E 668 -0.51 -6.97 -58.48
CA SER E 668 -1.45 -6.76 -57.40
C SER E 668 -2.27 -5.51 -57.67
N THR E 669 -3.59 -5.67 -57.76
CA THR E 669 -4.50 -4.54 -57.83
C THR E 669 -4.90 -4.06 -56.41
N PHE E 670 -4.44 -4.78 -55.39
CA PHE E 670 -4.90 -4.56 -54.03
C PHE E 670 -3.88 -3.76 -53.25
N ILE E 671 -4.40 -3.07 -52.24
CA ILE E 671 -3.59 -2.30 -51.31
C ILE E 671 -3.47 -3.14 -50.06
N ASP E 672 -2.23 -3.44 -49.67
CA ASP E 672 -1.97 -4.24 -48.50
C ASP E 672 -2.11 -3.35 -47.28
N LEU E 673 -3.08 -3.72 -46.44
CA LEU E 673 -3.19 -3.20 -45.08
C LEU E 673 -2.99 -4.36 -44.12
N ASN E 674 -1.92 -4.30 -43.34
CA ASN E 674 -1.52 -5.43 -42.51
C ASN E 674 -1.88 -5.10 -41.07
N ILE E 675 -3.09 -5.48 -40.66
CA ILE E 675 -3.51 -5.27 -39.29
C ILE E 675 -3.23 -6.53 -38.48
N THR E 676 -2.38 -6.41 -37.46
CA THR E 676 -2.07 -7.52 -36.58
C THR E 676 -2.62 -7.27 -35.18
N MET E 677 -3.31 -8.28 -34.66
CA MET E 677 -4.04 -8.15 -33.42
C MET E 677 -3.09 -7.88 -32.25
N LEU E 678 -3.54 -7.04 -31.34
CA LEU E 678 -2.73 -6.76 -30.17
C LEU E 678 -2.76 -8.02 -29.33
N GLU E 679 -1.58 -8.62 -29.15
CA GLU E 679 -1.52 -9.94 -28.56
C GLU E 679 -1.96 -9.89 -27.11
N ASP E 680 -2.47 -11.04 -26.66
CA ASP E 680 -2.82 -11.20 -25.26
C ASP E 680 -1.57 -11.04 -24.41
N HIS E 681 -1.74 -10.38 -23.28
CA HIS E 681 -0.65 -10.09 -22.39
C HIS E 681 -1.15 -10.37 -20.97
N GLU E 682 -0.27 -10.97 -20.17
CA GLU E 682 -0.62 -11.33 -18.81
C GLU E 682 0.18 -10.48 -17.84
N PHE E 683 -0.52 -9.80 -16.95
CA PHE E 683 0.10 -8.97 -15.94
C PHE E 683 0.21 -9.81 -14.68
N VAL E 684 1.44 -10.08 -14.27
CA VAL E 684 1.67 -10.89 -13.08
C VAL E 684 1.50 -10.00 -11.86
N PRO E 685 1.13 -10.56 -10.70
CA PRO E 685 1.14 -9.78 -9.47
C PRO E 685 2.55 -9.33 -9.15
N LEU E 686 2.74 -8.02 -9.22
CA LEU E 686 4.02 -7.36 -9.03
C LEU E 686 3.80 -6.30 -7.96
N GLU E 687 4.68 -6.31 -7.00
CA GLU E 687 4.67 -5.30 -5.95
C GLU E 687 6.11 -4.92 -5.68
N VAL E 688 6.35 -3.62 -5.53
CA VAL E 688 7.67 -3.17 -5.12
C VAL E 688 8.01 -3.74 -3.76
N TYR E 689 7.09 -3.63 -2.81
CA TYR E 689 7.23 -4.32 -1.55
C TYR E 689 5.92 -5.06 -1.25
N THR E 690 6.05 -6.34 -0.88
CA THR E 690 4.93 -7.07 -0.34
C THR E 690 4.59 -6.55 1.05
N ARG E 691 3.26 -6.94 1.41
CA ARG E 691 2.75 -6.54 2.71
C ARG E 691 3.71 -6.91 3.81
N HIS E 692 4.20 -8.13 3.78
CA HIS E 692 5.11 -8.60 4.83
C HIS E 692 6.38 -7.78 4.88
N GLU E 693 6.96 -7.50 3.70
CA GLU E 693 8.17 -6.68 3.66
C GLU E 693 7.95 -5.41 4.45
N ILE E 694 6.91 -4.66 4.08
CA ILE E 694 6.64 -3.40 4.76
C ILE E 694 6.46 -3.64 6.25
N LYS E 695 5.83 -4.75 6.63
CA LYS E 695 5.69 -5.07 8.04
C LYS E 695 7.06 -5.31 8.68
N ASP E 696 7.96 -5.99 7.96
CA ASP E 696 9.28 -6.30 8.48
C ASP E 696 10.22 -5.10 8.44
N SER E 697 9.90 -4.08 7.64
CA SER E 697 10.77 -2.91 7.52
C SER E 697 10.92 -2.18 8.85
N GLY E 698 9.92 -2.30 9.72
CA GLY E 698 10.01 -1.73 11.05
C GLY E 698 11.17 -2.36 11.81
N LEU E 699 11.91 -1.53 12.51
CA LEU E 699 13.03 -2.05 13.28
C LEU E 699 12.54 -2.94 14.42
N LEU E 700 11.43 -2.59 15.05
CA LEU E 700 10.82 -3.39 16.09
C LEU E 700 9.34 -3.58 15.73
N ASP E 701 8.82 -4.75 16.13
CA ASP E 701 7.41 -5.02 16.08
C ASP E 701 6.93 -5.17 17.52
N TYR E 702 5.95 -4.36 17.93
CA TYR E 702 5.50 -4.42 19.31
C TYR E 702 4.85 -5.76 19.61
N THR E 703 4.08 -6.29 18.64
CA THR E 703 3.42 -7.57 18.84
C THR E 703 4.45 -8.65 19.14
N GLU E 704 5.44 -8.81 18.26
CA GLU E 704 6.46 -9.84 18.41
C GLU E 704 7.27 -9.63 19.68
N VAL E 705 7.59 -8.39 20.00
CA VAL E 705 8.40 -8.12 21.14
C VAL E 705 7.66 -8.54 22.40
N GLN E 706 6.38 -8.19 22.47
CA GLN E 706 5.59 -8.55 23.65
C GLN E 706 5.40 -10.05 23.76
N ARG E 707 5.08 -10.70 22.65
CA ARG E 707 4.88 -12.14 22.65
C ARG E 707 6.10 -12.84 23.21
N ARG E 708 7.27 -12.52 22.66
CA ARG E 708 8.50 -13.13 23.13
C ARG E 708 8.78 -12.80 24.57
N ASN E 709 8.50 -11.57 24.98
CA ASN E 709 8.81 -11.14 26.34
C ASN E 709 7.88 -11.75 27.38
N GLN E 710 6.60 -11.88 27.05
CA GLN E 710 5.64 -12.41 28.02
C GLN E 710 5.81 -13.92 28.20
N LEU E 711 6.52 -14.56 27.25
CA LEU E 711 6.89 -15.96 27.39
C LEU E 711 8.11 -16.12 28.31
N HIS E 712 8.65 -15.06 28.91
CA HIS E 712 9.87 -15.18 29.65
C HIS E 712 9.66 -16.09 30.86
N ASP E 713 8.57 -15.92 31.59
CA ASP E 713 8.32 -16.77 32.76
C ASP E 713 7.96 -18.19 32.35
N LEU E 714 7.27 -18.35 31.22
CA LEU E 714 6.95 -19.69 30.73
C LEU E 714 8.20 -20.45 30.31
N ARG E 715 9.20 -19.76 29.74
CA ARG E 715 10.41 -20.39 29.24
C ARG E 715 11.49 -20.52 30.32
N PHE E 716 11.94 -19.41 30.88
CA PHE E 716 13.09 -19.43 31.76
C PHE E 716 12.68 -19.44 33.22
N ALA E 717 11.47 -19.91 33.51
CA ALA E 717 11.03 -20.01 34.88
C ALA E 717 9.94 -21.08 34.97
N ASP E 718 9.60 -21.36 36.23
CA ASP E 718 8.53 -22.28 36.58
C ASP E 718 7.36 -21.45 37.12
N ILE E 719 6.20 -21.61 36.46
CA ILE E 719 5.02 -20.83 36.79
C ILE E 719 4.24 -21.51 37.92
N ASP E 720 3.98 -22.82 37.77
CA ASP E 720 2.99 -23.52 38.54
C ASP E 720 3.55 -23.96 39.89
N THR E 721 4.84 -24.27 39.96
CA THR E 721 5.40 -24.82 41.18
C THR E 721 5.23 -23.82 42.30
N VAL E 722 4.69 -24.27 43.43
CA VAL E 722 4.55 -23.41 44.58
C VAL E 722 5.39 -24.01 45.70
N ILE E 723 6.24 -23.19 46.31
CA ILE E 723 7.14 -23.72 47.33
C ILE E 723 6.73 -23.28 48.73
N HIS E 724 6.51 -24.24 49.63
CA HIS E 724 6.14 -23.92 51.01
C HIS E 724 7.08 -24.66 51.94
N ALA E 725 7.34 -24.10 53.13
CA ALA E 725 8.29 -24.72 54.02
C ALA E 725 8.07 -24.23 55.46
N THR F 1 57.55 5.65 16.20
CA THR F 1 58.70 4.97 16.75
C THR F 1 58.41 4.41 18.14
N LEU F 2 58.78 3.15 18.36
CA LEU F 2 58.55 2.53 19.66
C LEU F 2 59.86 2.26 20.37
N LYS F 3 59.89 2.42 21.69
CA LYS F 3 61.13 2.25 22.42
C LYS F 3 60.96 1.35 23.63
N GLU F 4 61.32 0.07 23.49
CA GLU F 4 61.22 -0.87 24.59
C GLU F 4 62.27 -0.57 25.65
N SER F 5 61.94 -0.83 26.91
CA SER F 5 62.87 -0.58 27.99
C SER F 5 62.58 -1.46 29.19
N GLY F 6 63.60 -2.10 29.74
CA GLY F 6 63.41 -2.96 30.89
C GLY F 6 64.72 -3.43 31.49
N PRO F 7 64.67 -4.06 32.67
CA PRO F 7 65.88 -4.57 33.31
C PRO F 7 66.63 -5.49 32.38
N ALA F 8 67.96 -5.44 32.41
CA ALA F 8 68.75 -6.26 31.51
C ALA F 8 69.07 -7.62 32.13
N LEU F 9 68.82 -7.78 33.44
CA LEU F 9 69.09 -9.04 34.13
C LEU F 9 68.00 -9.22 35.18
N VAL F 10 67.15 -10.24 34.98
CA VAL F 10 66.07 -10.55 35.88
C VAL F 10 66.40 -11.86 36.59
N LYS F 11 66.09 -11.92 37.88
CA LYS F 11 66.38 -13.11 38.67
C LYS F 11 65.47 -14.25 38.24
N PRO F 12 65.92 -15.50 38.39
CA PRO F 12 65.02 -16.63 38.18
C PRO F 12 63.84 -16.60 39.16
N THR F 13 62.66 -16.95 38.65
CA THR F 13 61.41 -16.89 39.40
C THR F 13 61.21 -15.49 39.99
N GLN F 14 61.11 -14.51 39.09
CA GLN F 14 60.97 -13.12 39.47
C GLN F 14 60.02 -12.44 38.48
N THR F 15 59.50 -11.29 38.91
CA THR F 15 58.57 -10.52 38.11
C THR F 15 59.36 -9.53 37.25
N LEU F 16 59.22 -9.67 35.93
CA LEU F 16 59.87 -8.78 34.99
C LEU F 16 58.87 -7.74 34.50
N THR F 17 59.30 -6.47 34.53
CA THR F 17 58.47 -5.37 34.05
C THR F 17 59.23 -4.67 32.93
N LEU F 18 58.57 -4.52 31.78
CA LEU F 18 59.12 -3.77 30.67
C LEU F 18 58.31 -2.49 30.46
N THR F 19 58.78 -1.65 29.55
CA THR F 19 58.10 -0.41 29.23
C THR F 19 58.48 0.02 27.82
N CYS F 20 57.48 0.44 27.05
CA CYS F 20 57.66 0.81 25.67
C CYS F 20 57.12 2.22 25.45
N THR F 21 58.01 3.19 25.19
CA THR F 21 57.60 4.56 24.96
C THR F 21 57.41 4.80 23.46
N PHE F 22 56.42 5.60 23.10
CA PHE F 22 56.10 5.83 21.69
C PHE F 22 56.56 7.21 21.25
N SER F 23 56.35 7.45 19.97
CA SER F 23 56.51 8.73 19.30
C SER F 23 55.83 8.60 17.95
N GLY F 24 54.99 9.58 17.62
CA GLY F 24 54.37 9.64 16.31
C GLY F 24 52.99 8.98 16.25
N PHE F 25 52.59 8.35 17.37
CA PHE F 25 51.24 7.84 17.54
C PHE F 25 50.99 7.73 19.04
N SER F 26 49.74 7.97 19.40
CA SER F 26 49.27 7.85 20.78
C SER F 26 48.35 6.65 20.88
N LEU F 27 48.52 5.87 21.94
CA LEU F 27 47.69 4.69 22.12
C LEU F 27 46.37 5.11 22.74
N SER F 28 45.71 6.08 22.11
CA SER F 28 44.37 6.52 22.50
C SER F 28 43.48 6.71 21.28
N THR F 29 44.05 6.64 20.08
CA THR F 29 43.25 6.78 18.87
C THR F 29 42.45 5.50 18.63
N SER F 30 41.63 5.50 17.58
CA SER F 30 40.63 4.48 17.38
C SER F 30 41.20 3.23 16.72
N GLY F 31 42.47 3.21 16.30
CA GLY F 31 42.97 2.04 15.61
C GLY F 31 44.41 1.69 15.93
N MET F 32 44.90 2.05 17.12
CA MET F 32 46.26 1.72 17.49
C MET F 32 46.28 0.52 18.41
N SER F 33 47.30 -0.32 18.19
CA SER F 33 47.60 -1.43 19.06
C SER F 33 49.11 -1.51 19.22
N VAL F 34 49.52 -2.01 20.36
CA VAL F 34 50.93 -2.22 20.62
C VAL F 34 51.13 -3.66 21.10
N GLY F 35 52.11 -4.32 20.51
CA GLY F 35 52.41 -5.71 20.83
C GLY F 35 53.81 -5.90 21.36
N TRP F 36 53.95 -6.90 22.23
CA TRP F 36 55.25 -7.37 22.69
C TRP F 36 55.55 -8.74 22.13
N ILE F 37 56.72 -8.88 21.49
CA ILE F 37 57.16 -10.12 20.86
C ILE F 37 58.59 -10.42 21.23
N ARG F 38 58.86 -11.63 21.71
CA ARG F 38 60.21 -11.99 22.12
C ARG F 38 60.82 -12.95 21.11
N GLN F 39 62.15 -12.96 21.08
CA GLN F 39 62.92 -13.85 20.23
C GLN F 39 64.03 -14.46 21.07
N PRO F 40 63.99 -15.78 21.33
CA PRO F 40 65.10 -16.44 22.01
C PRO F 40 66.36 -16.30 21.17
N PRO F 41 67.55 -16.16 21.79
CA PRO F 41 68.76 -15.89 21.00
C PRO F 41 69.05 -17.03 20.02
N GLY F 42 69.00 -16.70 18.72
CA GLY F 42 69.27 -17.66 17.65
C GLY F 42 68.08 -18.56 17.27
N LYS F 43 66.91 -18.32 17.88
CA LYS F 43 65.71 -19.07 17.56
C LYS F 43 64.69 -18.17 16.87
N ALA F 44 63.50 -18.72 16.63
CA ALA F 44 62.48 -18.05 15.85
C ALA F 44 61.73 -17.04 16.71
N LEU F 45 61.12 -16.08 16.02
CA LEU F 45 60.32 -15.06 16.69
C LEU F 45 59.09 -15.72 17.32
N GLU F 46 58.71 -15.24 18.50
CA GLU F 46 57.54 -15.77 19.18
C GLU F 46 56.69 -14.59 19.62
N TRP F 47 55.52 -14.43 19.01
CA TRP F 47 54.59 -13.39 19.44
C TRP F 47 54.09 -13.67 20.86
N LEU F 48 54.07 -12.63 21.68
CA LEU F 48 53.73 -12.80 23.09
C LEU F 48 52.37 -12.22 23.42
N ALA F 49 52.16 -10.93 23.19
CA ALA F 49 50.91 -10.31 23.61
C ALA F 49 50.71 -9.02 22.85
N HIS F 50 49.52 -8.47 22.94
CA HIS F 50 49.24 -7.17 22.37
C HIS F 50 47.99 -6.57 22.98
N ILE F 51 48.02 -5.27 23.14
CA ILE F 51 46.93 -4.51 23.73
C ILE F 51 46.44 -3.46 22.73
N TRP F 52 45.12 -3.42 22.59
CA TRP F 52 44.47 -2.45 21.74
C TRP F 52 44.25 -1.17 22.56
N TRP F 53 43.65 -0.18 21.89
CA TRP F 53 43.51 1.14 22.50
C TRP F 53 42.49 1.14 23.61
N ASN F 54 41.61 0.12 23.63
CA ASN F 54 40.52 0.04 24.60
C ASN F 54 40.75 -1.04 25.63
N ASN F 55 42.02 -1.29 26.00
CA ASN F 55 42.39 -2.31 26.98
C ASN F 55 41.87 -3.69 26.58
N ASP F 56 41.92 -3.99 25.27
CA ASP F 56 41.56 -5.34 24.78
C ASP F 56 42.86 -6.14 24.74
N LYS F 57 43.23 -6.76 25.86
CA LYS F 57 44.51 -7.44 25.97
C LYS F 57 44.37 -8.87 25.45
N TYR F 58 45.28 -9.25 24.57
CA TYR F 58 45.43 -10.63 24.11
C TYR F 58 46.82 -11.13 24.43
N TYR F 59 46.87 -12.38 24.89
CA TYR F 59 48.12 -12.97 25.30
C TYR F 59 48.38 -14.22 24.45
N LYS F 60 49.53 -14.83 24.71
CA LYS F 60 49.83 -16.14 24.18
C LYS F 60 49.18 -17.16 25.11
N PRO F 61 48.36 -18.09 24.56
CA PRO F 61 47.62 -19.00 25.43
C PRO F 61 48.52 -19.84 26.31
N ALA F 62 49.70 -20.21 25.79
CA ALA F 62 50.69 -20.92 26.58
C ALA F 62 51.12 -20.06 27.78
N LEU F 63 51.36 -18.77 27.54
CA LEU F 63 51.91 -17.87 28.53
C LEU F 63 50.85 -16.93 29.11
N LYS F 64 49.56 -17.20 28.85
CA LYS F 64 48.51 -16.27 29.26
C LYS F 64 48.47 -16.11 30.78
N SER F 65 48.76 -17.17 31.54
CA SER F 65 48.72 -17.09 33.00
C SER F 65 49.89 -16.28 33.57
N ARG F 66 50.91 -15.99 32.74
CA ARG F 66 52.07 -15.26 33.23
C ARG F 66 52.17 -13.86 32.62
N LEU F 67 51.56 -13.65 31.45
CA LEU F 67 51.67 -12.38 30.76
C LEU F 67 50.58 -11.42 31.25
N THR F 68 51.00 -10.19 31.51
CA THR F 68 50.09 -9.09 31.76
C THR F 68 50.56 -7.92 30.91
N ILE F 69 49.62 -7.25 30.26
CA ILE F 69 49.95 -6.07 29.47
C ILE F 69 49.05 -4.93 29.92
N SER F 70 49.68 -3.78 30.19
CA SER F 70 48.97 -2.60 30.65
C SER F 70 49.31 -1.42 29.75
N LYS F 71 48.32 -0.55 29.51
CA LYS F 71 48.49 0.61 28.67
C LYS F 71 48.24 1.86 29.51
N ASP F 72 49.17 2.80 29.43
CA ASP F 72 49.02 4.09 30.08
C ASP F 72 49.29 5.19 29.06
N THR F 73 48.23 5.87 28.63
CA THR F 73 48.36 6.89 27.59
C THR F 73 48.90 8.22 28.15
N SER F 74 48.91 8.39 29.48
CA SER F 74 49.43 9.61 30.07
C SER F 74 50.91 9.81 29.69
N LYS F 75 51.72 8.75 29.81
CA LYS F 75 53.09 8.79 29.33
C LYS F 75 53.24 8.13 27.95
N ASN F 76 52.13 7.69 27.36
CA ASN F 76 52.15 7.05 26.05
C ASN F 76 53.04 5.80 26.07
N GLN F 77 52.78 4.90 27.02
CA GLN F 77 53.61 3.72 27.19
C GLN F 77 52.77 2.47 27.41
N VAL F 78 53.38 1.32 27.13
CA VAL F 78 52.83 0.01 27.40
C VAL F 78 53.80 -0.76 28.27
N VAL F 79 53.27 -1.37 29.33
CA VAL F 79 54.04 -2.15 30.26
C VAL F 79 53.73 -3.62 30.02
N LEU F 80 54.78 -4.42 29.86
CA LEU F 80 54.63 -5.87 29.79
C LEU F 80 55.20 -6.47 31.07
N THR F 81 54.43 -7.34 31.70
CA THR F 81 54.80 -7.97 32.93
C THR F 81 54.77 -9.48 32.78
N MET F 82 55.86 -10.14 33.17
CA MET F 82 55.93 -11.58 33.22
C MET F 82 56.40 -11.98 34.62
N THR F 83 55.68 -12.90 35.25
CA THR F 83 56.09 -13.42 36.54
C THR F 83 56.90 -14.70 36.36
N ASN F 84 57.32 -15.28 37.51
CA ASN F 84 57.98 -16.59 37.61
C ASN F 84 58.91 -16.85 36.43
N MET F 85 59.87 -15.96 36.24
CA MET F 85 60.82 -16.09 35.14
C MET F 85 61.65 -17.36 35.27
N ASP F 86 61.96 -17.93 34.10
CA ASP F 86 62.75 -19.13 33.96
C ASP F 86 63.83 -18.84 32.92
N PRO F 87 65.02 -19.48 33.02
CA PRO F 87 66.07 -19.21 32.05
C PRO F 87 65.69 -19.44 30.60
N VAL F 88 64.62 -20.20 30.34
CA VAL F 88 64.09 -20.34 28.99
C VAL F 88 63.51 -19.02 28.48
N ASP F 89 63.14 -18.11 29.39
CA ASP F 89 62.55 -16.83 29.01
C ASP F 89 63.60 -15.81 28.58
N THR F 90 64.88 -16.13 28.69
CA THR F 90 65.93 -15.26 28.21
C THR F 90 65.76 -15.03 26.71
N ALA F 91 65.56 -13.77 26.32
CA ALA F 91 65.29 -13.47 24.93
C ALA F 91 65.46 -11.98 24.69
N THR F 92 65.39 -11.59 23.41
CA THR F 92 65.32 -10.20 23.03
C THR F 92 63.86 -9.85 22.79
N TYR F 93 63.39 -8.82 23.49
CA TYR F 93 61.99 -8.41 23.42
C TYR F 93 61.88 -7.18 22.53
N TYR F 94 60.88 -7.20 21.67
CA TYR F 94 60.62 -6.11 20.76
C TYR F 94 59.20 -5.60 21.00
N CYS F 95 59.06 -4.29 20.96
CA CYS F 95 57.78 -3.62 21.00
C CYS F 95 57.42 -3.17 19.60
N ALA F 96 56.24 -3.57 19.13
CA ALA F 96 55.86 -3.35 17.75
C ALA F 96 54.51 -2.65 17.70
N ARG F 97 54.30 -1.85 16.67
CA ARG F 97 53.07 -1.12 16.52
C ARG F 97 52.27 -1.89 15.49
N ILE F 98 51.17 -2.52 15.98
CA ILE F 98 50.32 -3.33 15.15
C ILE F 98 49.37 -2.39 14.43
N TYR F 99 49.43 -2.39 13.11
CA TYR F 99 48.70 -1.39 12.38
C TYR F 99 47.45 -1.98 11.70
N TYR F 100 46.92 -3.08 12.25
CA TYR F 100 45.71 -3.67 11.70
C TYR F 100 44.55 -2.69 11.75
N GLY F 101 44.65 -1.70 12.67
CA GLY F 101 43.57 -0.73 12.79
C GLY F 101 43.30 -0.02 11.47
N TYR F 102 44.38 0.30 10.73
CA TYR F 102 44.27 1.13 9.56
C TYR F 102 44.72 0.44 8.29
N ARG F 103 45.78 -0.38 8.40
CA ARG F 103 46.28 -1.05 7.21
C ARG F 103 46.35 -2.54 7.46
N PRO F 104 46.22 -3.36 6.40
CA PRO F 104 46.14 -4.80 6.58
C PRO F 104 47.44 -5.48 6.93
N TYR F 105 48.43 -4.72 7.28
CA TYR F 105 49.72 -5.27 7.73
C TYR F 105 50.04 -4.82 9.14
N ALA F 106 50.34 -5.77 10.00
CA ALA F 106 50.69 -5.47 11.36
C ALA F 106 52.20 -5.21 11.50
N MET F 107 52.57 -4.54 12.60
CA MET F 107 53.95 -4.52 13.04
C MET F 107 54.84 -3.88 11.98
N ASP F 108 54.53 -2.62 11.69
CA ASP F 108 55.28 -1.80 10.74
C ASP F 108 56.54 -1.26 11.40
N TYR F 109 56.43 -0.84 12.66
CA TYR F 109 57.55 -0.18 13.32
C TYR F 109 57.85 -0.95 14.58
N TRP F 110 58.97 -1.69 14.56
CA TRP F 110 59.50 -2.33 15.73
C TRP F 110 60.51 -1.43 16.42
N GLY F 111 60.73 -1.76 17.69
CA GLY F 111 61.81 -1.10 18.40
C GLY F 111 63.15 -1.76 18.11
N GLN F 112 64.21 -1.17 18.66
CA GLN F 112 65.54 -1.76 18.56
C GLN F 112 65.60 -3.08 19.35
N GLY F 113 64.71 -3.24 20.33
CA GLY F 113 64.67 -4.43 21.14
C GLY F 113 65.56 -4.30 22.37
N THR F 114 65.22 -5.06 23.41
CA THR F 114 66.02 -5.11 24.62
C THR F 114 66.30 -6.57 24.93
N LEU F 115 67.57 -6.89 25.19
CA LEU F 115 67.93 -8.27 25.48
C LEU F 115 67.93 -8.50 26.98
N VAL F 116 67.12 -9.45 27.42
CA VAL F 116 66.96 -9.74 28.84
C VAL F 116 67.32 -11.20 29.06
N THR F 117 68.18 -11.45 30.05
CA THR F 117 68.58 -12.78 30.46
C THR F 117 68.02 -13.07 31.84
N VAL F 118 67.61 -14.31 32.04
CA VAL F 118 67.15 -14.79 33.33
C VAL F 118 68.27 -15.61 33.96
N SER F 119 68.96 -15.02 34.93
CA SER F 119 70.09 -15.67 35.56
C SER F 119 70.22 -15.19 37.00
N SER F 120 70.83 -16.03 37.84
CA SER F 120 71.06 -15.69 39.24
C SER F 120 72.40 -14.98 39.44
N THR G 1 -24.77 40.53 37.27
CA THR G 1 -24.36 41.71 38.02
C THR G 1 -23.32 41.37 39.08
N LEU G 2 -22.42 42.31 39.34
CA LEU G 2 -21.37 42.08 40.33
C LEU G 2 -21.40 43.18 41.39
N LYS G 3 -21.12 42.82 42.63
CA LYS G 3 -21.15 43.80 43.70
C LYS G 3 -19.95 43.68 44.62
N GLU G 4 -19.02 44.63 44.52
CA GLU G 4 -17.83 44.62 45.37
C GLU G 4 -18.16 45.13 46.77
N SER G 5 -17.42 44.65 47.76
CA SER G 5 -17.66 45.06 49.14
C SER G 5 -16.41 44.93 49.99
N GLY G 6 -16.09 45.97 50.76
CA GLY G 6 -14.91 45.94 51.62
C GLY G 6 -14.88 47.07 52.62
N PRO G 7 -14.05 46.92 53.66
CA PRO G 7 -13.92 47.98 54.67
C PRO G 7 -13.68 49.33 54.02
N ALA G 8 -14.42 50.35 54.43
CA ALA G 8 -14.28 51.64 53.78
C ALA G 8 -13.10 52.44 54.35
N LEU G 9 -12.49 51.95 55.44
CA LEU G 9 -11.37 52.62 56.09
C LEU G 9 -10.43 51.54 56.62
N VAL G 10 -9.21 51.53 56.08
CA VAL G 10 -8.17 50.65 56.55
C VAL G 10 -6.95 51.50 56.91
N LYS G 11 -6.40 51.29 58.10
CA LYS G 11 -5.24 52.04 58.52
C LYS G 11 -4.02 51.57 57.73
N PRO G 12 -2.99 52.42 57.58
CA PRO G 12 -1.81 52.04 56.83
C PRO G 12 -1.11 50.83 57.42
N THR G 13 -0.46 50.06 56.52
CA THR G 13 0.29 48.86 56.88
C THR G 13 -0.65 47.85 57.52
N GLN G 14 -1.61 47.40 56.71
CA GLN G 14 -2.49 46.31 57.09
C GLN G 14 -3.03 45.64 55.83
N THR G 15 -3.62 44.46 56.02
CA THR G 15 -4.23 43.71 54.95
C THR G 15 -5.69 44.13 54.81
N LEU G 16 -6.11 44.37 53.56
CA LEU G 16 -7.50 44.69 53.28
C LEU G 16 -8.11 43.56 52.49
N THR G 17 -9.23 43.03 52.99
CA THR G 17 -9.96 41.98 52.32
C THR G 17 -11.25 42.57 51.77
N LEU G 18 -11.54 42.28 50.51
CA LEU G 18 -12.77 42.72 49.88
C LEU G 18 -13.57 41.49 49.46
N THR G 19 -14.72 41.72 48.84
CA THR G 19 -15.58 40.64 48.42
C THR G 19 -16.49 41.13 47.31
N CYS G 20 -16.65 40.31 46.28
CA CYS G 20 -17.50 40.61 45.16
C CYS G 20 -18.57 39.53 45.04
N THR G 21 -19.84 39.92 45.15
CA THR G 21 -20.94 38.99 45.01
C THR G 21 -21.48 39.04 43.59
N PHE G 22 -21.79 37.87 43.03
CA PHE G 22 -22.23 37.79 41.65
C PHE G 22 -23.73 37.55 41.58
N SER G 23 -24.21 37.60 40.33
CA SER G 23 -25.60 37.37 40.00
C SER G 23 -25.65 37.17 38.50
N GLY G 24 -26.31 36.11 38.06
CA GLY G 24 -26.42 35.81 36.64
C GLY G 24 -25.29 34.95 36.10
N PHE G 25 -24.31 34.64 36.96
CA PHE G 25 -23.22 33.72 36.65
C PHE G 25 -22.63 33.26 37.98
N SER G 26 -22.16 32.02 37.96
CA SER G 26 -21.38 31.45 39.04
C SER G 26 -19.97 31.22 38.51
N LEU G 27 -18.97 31.39 39.39
CA LEU G 27 -17.60 31.24 38.95
C LEU G 27 -17.21 29.78 38.97
N SER G 28 -18.03 28.94 38.33
CA SER G 28 -17.72 27.55 38.07
C SER G 28 -18.09 27.14 36.66
N THR G 29 -18.58 28.07 35.84
CA THR G 29 -18.87 27.78 34.45
C THR G 29 -17.55 27.66 33.67
N SER G 30 -17.64 27.13 32.46
CA SER G 30 -16.45 26.73 31.70
C SER G 30 -15.52 27.87 31.33
N GLY G 31 -15.98 29.12 31.34
CA GLY G 31 -15.11 30.18 30.85
C GLY G 31 -15.25 31.51 31.57
N MET G 32 -15.68 31.49 32.82
CA MET G 32 -16.02 32.73 33.52
C MET G 32 -14.81 33.22 34.28
N SER G 33 -14.58 34.55 34.20
CA SER G 33 -13.46 35.18 34.86
C SER G 33 -13.95 36.43 35.58
N VAL G 34 -13.34 36.70 36.72
CA VAL G 34 -13.69 37.87 37.50
C VAL G 34 -12.42 38.64 37.83
N GLY G 35 -12.47 39.95 37.60
CA GLY G 35 -11.29 40.79 37.74
C GLY G 35 -11.53 41.92 38.75
N TRP G 36 -10.45 42.34 39.42
CA TRP G 36 -10.44 43.47 40.31
C TRP G 36 -9.58 44.58 39.71
N ILE G 37 -10.12 45.80 39.65
CA ILE G 37 -9.45 47.01 39.21
C ILE G 37 -9.61 48.14 40.20
N ARG G 38 -8.56 48.84 40.58
CA ARG G 38 -8.69 50.05 41.39
C ARG G 38 -8.52 51.28 40.52
N GLN G 39 -9.00 52.41 41.04
CA GLN G 39 -8.84 53.71 40.40
C GLN G 39 -8.64 54.74 41.50
N PRO G 40 -7.40 55.22 41.72
CA PRO G 40 -7.17 56.32 42.65
C PRO G 40 -7.96 57.54 42.23
N PRO G 41 -8.43 58.34 43.20
CA PRO G 41 -9.27 59.46 42.79
C PRO G 41 -8.54 60.38 41.81
N GLY G 42 -9.15 60.64 40.66
CA GLY G 42 -8.56 61.55 39.69
C GLY G 42 -7.46 60.95 38.85
N LYS G 43 -7.25 59.64 38.97
CA LYS G 43 -6.25 58.96 38.16
C LYS G 43 -6.89 57.95 37.22
N ALA G 44 -6.10 57.40 36.31
CA ALA G 44 -6.65 56.44 35.34
C ALA G 44 -6.92 55.08 35.96
N LEU G 45 -7.55 54.20 35.20
CA LEU G 45 -7.85 52.87 35.71
C LEU G 45 -6.60 52.01 35.83
N GLU G 46 -6.40 51.40 36.98
CA GLU G 46 -5.25 50.53 37.19
C GLU G 46 -5.74 49.11 37.41
N TRP G 47 -5.44 48.20 36.49
CA TRP G 47 -5.82 46.81 36.67
C TRP G 47 -5.00 46.16 37.79
N LEU G 48 -5.63 45.31 38.59
CA LEU G 48 -5.00 44.60 39.67
C LEU G 48 -4.91 43.11 39.43
N ALA G 49 -6.03 42.43 39.28
CA ALA G 49 -5.96 40.97 39.24
C ALA G 49 -7.18 40.40 38.53
N HIS G 50 -7.11 39.15 38.16
CA HIS G 50 -8.27 38.43 37.67
C HIS G 50 -8.08 36.94 37.78
N ILE G 51 -9.17 36.26 38.15
CA ILE G 51 -9.17 34.83 38.42
C ILE G 51 -10.17 34.16 37.48
N TRP G 52 -9.73 33.03 36.95
CA TRP G 52 -10.59 32.24 36.07
C TRP G 52 -11.33 31.20 36.94
N TRP G 53 -12.16 30.41 36.28
CA TRP G 53 -12.99 29.44 36.97
C TRP G 53 -12.17 28.33 37.61
N ASN G 54 -10.93 28.15 37.16
CA ASN G 54 -10.08 27.06 37.59
C ASN G 54 -8.96 27.53 38.49
N ASN G 55 -9.23 28.56 39.31
CA ASN G 55 -8.28 29.08 40.28
C ASN G 55 -6.99 29.54 39.62
N ASP G 56 -7.09 30.06 38.39
CA ASP G 56 -5.92 30.51 37.66
C ASP G 56 -5.76 32.01 37.89
N LYS G 57 -5.06 32.37 38.95
CA LYS G 57 -4.97 33.76 39.36
C LYS G 57 -3.88 34.46 38.57
N TYR G 58 -4.20 35.68 38.12
CA TYR G 58 -3.23 36.54 37.43
C TYR G 58 -3.21 37.87 38.19
N TYR G 59 -2.04 38.46 38.43
CA TYR G 59 -1.89 39.68 39.20
C TYR G 59 -1.18 40.73 38.35
N LYS G 60 -1.10 41.93 38.91
CA LYS G 60 -0.22 42.96 38.39
C LYS G 60 1.17 42.70 38.96
N PRO G 61 2.22 42.60 38.12
CA PRO G 61 3.53 42.23 38.62
C PRO G 61 4.06 43.18 39.67
N ALA G 62 3.75 44.49 39.53
CA ALA G 62 4.13 45.48 40.52
C ALA G 62 3.52 45.14 41.88
N LEU G 63 2.23 44.74 41.86
CA LEU G 63 1.48 44.46 43.08
C LEU G 63 1.32 42.96 43.32
N LYS G 64 2.06 42.11 42.58
CA LYS G 64 1.86 40.67 42.67
C LYS G 64 2.15 40.15 44.08
N SER G 65 3.20 40.67 44.73
CA SER G 65 3.58 40.18 46.05
C SER G 65 2.58 40.57 47.14
N ARG G 66 1.66 41.49 46.82
CA ARG G 66 0.71 41.98 47.82
C ARG G 66 -0.72 41.55 47.52
N LEU G 67 -1.05 41.28 46.26
CA LEU G 67 -2.42 40.92 45.88
C LEU G 67 -2.59 39.41 45.95
N THR G 68 -3.77 39.00 46.45
CA THR G 68 -4.16 37.61 46.56
C THR G 68 -5.65 37.51 46.27
N ILE G 69 -6.00 36.93 45.13
CA ILE G 69 -7.39 36.78 44.73
C ILE G 69 -7.80 35.33 44.94
N SER G 70 -8.94 35.13 45.62
CA SER G 70 -9.45 33.80 45.92
C SER G 70 -10.93 33.74 45.53
N LYS G 71 -11.39 32.53 45.20
CA LYS G 71 -12.73 32.33 44.68
C LYS G 71 -13.44 31.28 45.52
N ASP G 72 -14.62 31.63 46.04
CA ASP G 72 -15.43 30.72 46.82
C ASP G 72 -16.80 30.62 46.17
N THR G 73 -17.00 29.55 45.39
CA THR G 73 -18.22 29.38 44.61
C THR G 73 -19.39 28.89 45.46
N SER G 74 -19.10 28.35 46.67
CA SER G 74 -20.15 27.97 47.60
C SER G 74 -20.99 29.19 47.99
N LYS G 75 -20.32 30.32 48.28
CA LYS G 75 -21.00 31.57 48.53
C LYS G 75 -21.10 32.43 47.27
N ASN G 76 -20.56 31.96 46.15
CA ASN G 76 -20.63 32.69 44.88
C ASN G 76 -19.96 34.05 45.00
N GLN G 77 -18.73 34.08 45.54
CA GLN G 77 -18.02 35.32 45.78
C GLN G 77 -16.54 35.19 45.43
N VAL G 78 -15.90 36.36 45.24
CA VAL G 78 -14.47 36.46 45.07
C VAL G 78 -13.91 37.40 46.12
N VAL G 79 -12.87 36.97 46.82
CA VAL G 79 -12.22 37.77 47.82
C VAL G 79 -10.90 38.28 47.28
N LEU G 80 -10.72 39.60 47.29
CA LEU G 80 -9.45 40.21 46.94
C LEU G 80 -8.77 40.68 48.22
N THR G 81 -7.52 40.27 48.40
CA THR G 81 -6.76 40.62 49.59
C THR G 81 -5.51 41.36 49.18
N MET G 82 -5.19 42.45 49.89
CA MET G 82 -4.02 43.24 49.56
C MET G 82 -3.40 43.72 50.85
N THR G 83 -2.20 43.23 51.15
CA THR G 83 -1.56 43.50 52.43
C THR G 83 -0.84 44.85 52.39
N ASN G 84 -0.15 45.16 53.50
CA ASN G 84 0.68 46.35 53.71
C ASN G 84 0.14 47.56 52.95
N MET G 85 -1.10 47.94 53.27
CA MET G 85 -1.73 49.07 52.63
C MET G 85 -0.95 50.36 52.92
N ASP G 86 -0.93 51.24 51.91
CA ASP G 86 -0.23 52.51 51.94
C ASP G 86 -1.22 53.60 51.57
N PRO G 87 -1.04 54.85 52.04
CA PRO G 87 -1.96 55.91 51.67
C PRO G 87 -2.15 56.13 50.17
N VAL G 88 -1.17 55.71 49.36
CA VAL G 88 -1.30 55.76 47.91
C VAL G 88 -2.37 54.79 47.42
N ASP G 89 -2.71 53.77 48.22
CA ASP G 89 -3.66 52.75 47.82
C ASP G 89 -5.11 53.22 47.92
N THR G 90 -5.34 54.41 48.46
CA THR G 90 -6.68 54.96 48.53
C THR G 90 -7.25 55.07 47.12
N ALA G 91 -8.32 54.31 46.86
CA ALA G 91 -8.87 54.24 45.52
C ALA G 91 -10.27 53.65 45.57
N THR G 92 -10.96 53.75 44.44
CA THR G 92 -12.22 53.06 44.26
C THR G 92 -11.98 51.76 43.53
N TYR G 93 -12.40 50.65 44.12
CA TYR G 93 -12.18 49.32 43.58
C TYR G 93 -13.44 48.82 42.88
N TYR G 94 -13.26 48.23 41.73
CA TYR G 94 -14.33 47.76 40.89
C TYR G 94 -14.13 46.28 40.60
N CYS G 95 -15.22 45.53 40.68
CA CYS G 95 -15.25 44.12 40.33
C CYS G 95 -15.91 43.99 38.97
N ALA G 96 -15.25 43.29 38.05
CA ALA G 96 -15.74 43.21 36.69
C ALA G 96 -15.79 41.75 36.28
N ARG G 97 -16.59 41.50 35.25
CA ARG G 97 -16.73 40.17 34.69
C ARG G 97 -16.13 40.17 33.32
N ILE G 98 -15.37 39.11 33.01
CA ILE G 98 -14.60 39.01 31.78
C ILE G 98 -15.19 37.94 30.88
N TYR G 99 -15.56 38.33 29.68
CA TYR G 99 -16.09 37.39 28.72
C TYR G 99 -15.02 36.88 27.73
N TYR G 100 -13.72 37.04 28.05
CA TYR G 100 -12.71 36.42 27.24
C TYR G 100 -12.97 34.93 27.07
N GLY G 101 -13.66 34.33 28.05
CA GLY G 101 -14.07 32.94 27.91
C GLY G 101 -14.94 32.76 26.69
N TYR G 102 -15.84 33.74 26.46
CA TYR G 102 -16.89 33.57 25.46
C TYR G 102 -16.83 34.63 24.37
N ARG G 103 -16.54 35.88 24.75
CA ARG G 103 -16.54 36.95 23.78
C ARG G 103 -15.20 37.67 23.77
N PRO G 104 -14.80 38.27 22.65
CA PRO G 104 -13.51 38.91 22.57
C PRO G 104 -13.39 40.23 23.31
N TYR G 105 -14.34 40.53 24.16
CA TYR G 105 -14.29 41.76 24.96
C TYR G 105 -14.38 41.44 26.44
N ALA G 106 -13.47 42.00 27.21
CA ALA G 106 -13.49 41.79 28.64
C ALA G 106 -14.25 42.91 29.37
N MET G 107 -14.57 42.67 30.63
CA MET G 107 -14.99 43.71 31.56
C MET G 107 -16.23 44.44 31.03
N ASP G 108 -17.29 43.66 30.88
CA ASP G 108 -18.57 44.16 30.42
C ASP G 108 -19.40 44.66 31.59
N TYR G 109 -19.43 43.90 32.69
CA TYR G 109 -20.33 44.19 33.77
C TYR G 109 -19.53 44.57 35.00
N TRP G 110 -19.56 45.86 35.35
CA TRP G 110 -18.83 46.35 36.49
C TRP G 110 -19.78 46.59 37.65
N GLY G 111 -19.23 46.43 38.86
CA GLY G 111 -19.96 46.84 40.03
C GLY G 111 -19.91 48.36 40.23
N GLN G 112 -20.68 48.84 41.19
CA GLN G 112 -20.69 50.25 41.50
C GLN G 112 -19.34 50.70 42.02
N GLY G 113 -18.58 49.77 42.58
CA GLY G 113 -17.29 50.08 43.15
C GLY G 113 -17.39 50.47 44.62
N THR G 114 -16.32 50.21 45.36
CA THR G 114 -16.24 50.59 46.75
C THR G 114 -15.03 51.49 46.93
N LEU G 115 -15.21 52.62 47.60
CA LEU G 115 -14.12 53.55 47.80
C LEU G 115 -13.46 53.26 49.15
N VAL G 116 -12.13 53.10 49.12
CA VAL G 116 -11.36 52.81 50.30
C VAL G 116 -10.30 53.89 50.47
N THR G 117 -10.22 54.43 51.69
CA THR G 117 -9.19 55.39 52.06
C THR G 117 -8.25 54.72 53.05
N VAL G 118 -6.95 54.81 52.77
CA VAL G 118 -5.93 54.27 53.64
C VAL G 118 -5.42 55.39 54.55
N SER G 119 -5.92 55.42 55.79
CA SER G 119 -5.55 56.43 56.75
C SER G 119 -5.82 55.89 58.15
N SER G 120 -5.03 56.40 59.12
CA SER G 120 -5.17 56.02 60.52
C SER G 120 -6.24 56.85 61.24
N ILE H 1 46.46 -22.42 15.20
CA ILE H 1 47.25 -22.18 14.01
C ILE H 1 48.74 -22.31 14.28
N VAL H 2 49.42 -23.17 13.53
CA VAL H 2 50.86 -23.34 13.70
C VAL H 2 51.57 -23.11 12.38
N MET H 3 52.49 -22.14 12.35
CA MET H 3 53.19 -21.83 11.12
C MET H 3 54.46 -22.64 10.98
N THR H 4 54.53 -23.46 9.93
CA THR H 4 55.72 -24.26 9.70
C THR H 4 56.46 -23.76 8.47
N GLN H 5 57.55 -23.05 8.67
CA GLN H 5 58.30 -22.47 7.56
C GLN H 5 59.50 -23.34 7.23
N THR H 6 59.60 -23.81 6.00
CA THR H 6 60.71 -24.66 5.59
C THR H 6 61.32 -24.18 4.29
N PRO H 7 62.60 -24.49 4.06
CA PRO H 7 63.48 -25.25 4.96
C PRO H 7 64.14 -24.34 5.98
N LEU H 8 64.54 -24.87 7.12
CA LEU H 8 65.10 -24.01 8.16
C LEU H 8 66.36 -23.29 7.69
N SER H 9 67.09 -23.87 6.74
CA SER H 9 68.26 -23.23 6.15
C SER H 9 68.17 -23.33 4.63
N LEU H 10 68.34 -22.20 3.95
CA LEU H 10 68.23 -22.14 2.50
C LEU H 10 69.45 -21.47 1.92
N PRO H 11 70.54 -22.21 1.62
CA PRO H 11 71.66 -21.63 0.87
C PRO H 11 71.34 -21.54 -0.62
N VAL H 12 71.48 -20.34 -1.16
CA VAL H 12 71.19 -20.07 -2.56
C VAL H 12 72.30 -19.24 -3.17
N THR H 13 72.73 -19.61 -4.38
CA THR H 13 73.71 -18.82 -5.12
C THR H 13 73.08 -17.50 -5.53
N PRO H 14 73.85 -16.40 -5.56
CA PRO H 14 73.26 -15.11 -5.90
C PRO H 14 72.86 -15.08 -7.37
N GLY H 15 71.69 -14.52 -7.65
CA GLY H 15 71.15 -14.49 -9.00
C GLY H 15 70.18 -15.63 -9.30
N GLU H 16 70.26 -16.70 -8.50
CA GLU H 16 69.34 -17.81 -8.63
C GLU H 16 68.11 -17.56 -7.76
N PRO H 17 66.90 -17.79 -8.28
CA PRO H 17 65.69 -17.57 -7.50
C PRO H 17 65.54 -18.62 -6.40
N ALA H 18 64.84 -18.22 -5.34
CA ALA H 18 64.65 -19.07 -4.17
C ALA H 18 63.17 -19.07 -3.78
N SER H 19 62.76 -20.15 -3.11
CA SER H 19 61.42 -20.28 -2.58
C SER H 19 61.49 -20.71 -1.12
N ILE H 20 60.64 -20.10 -0.28
CA ILE H 20 60.48 -20.46 1.12
C ILE H 20 59.02 -20.82 1.35
N SER H 21 58.79 -21.98 1.96
CA SER H 21 57.45 -22.49 2.18
C SER H 21 57.06 -22.38 3.65
N CYS H 22 55.81 -21.97 3.88
CA CYS H 22 55.30 -21.86 5.23
C CYS H 22 53.92 -22.49 5.26
N ARG H 23 53.66 -23.33 6.26
CA ARG H 23 52.37 -24.02 6.31
C ARG H 23 51.70 -23.88 7.67
N SER H 24 50.38 -23.76 7.67
CA SER H 24 49.64 -23.59 8.93
C SER H 24 48.74 -24.77 9.23
N SER H 25 48.55 -25.07 10.51
CA SER H 25 47.68 -26.16 10.90
C SER H 25 46.28 -26.02 10.29
N GLN H 26 45.72 -24.81 10.30
CA GLN H 26 44.36 -24.57 9.80
C GLN H 26 44.42 -23.38 8.84
N SER H 27 43.33 -23.18 8.11
CA SER H 27 43.30 -22.14 7.10
C SER H 27 43.48 -20.77 7.75
N ILE H 28 44.31 -19.92 7.13
CA ILE H 28 44.57 -18.57 7.63
C ILE H 28 43.58 -17.58 7.02
N VAL H 29 42.64 -18.06 6.20
CA VAL H 29 41.61 -17.18 5.70
C VAL H 29 40.80 -16.65 6.88
N HIS H 30 40.63 -15.34 6.92
CA HIS H 30 39.90 -14.67 7.97
C HIS H 30 38.43 -14.53 7.58
N SER H 31 37.62 -14.16 8.56
CA SER H 31 36.20 -13.94 8.36
C SER H 31 35.95 -12.85 7.32
N ASN H 32 36.92 -11.95 7.14
CA ASN H 32 36.80 -10.91 6.13
C ASN H 32 36.84 -11.48 4.73
N GLY H 33 37.38 -12.71 4.59
CA GLY H 33 37.72 -13.23 3.28
C GLY H 33 39.13 -12.87 2.82
N ASN H 34 39.93 -12.28 3.72
CA ASN H 34 41.29 -11.88 3.42
C ASN H 34 42.27 -12.65 4.29
N THR H 35 43.36 -13.14 3.70
CA THR H 35 44.36 -13.87 4.50
C THR H 35 45.39 -12.88 5.03
N TYR H 36 45.57 -12.84 6.33
CA TYR H 36 46.55 -11.94 6.93
C TYR H 36 47.85 -12.72 7.21
N LEU H 37 48.56 -13.05 6.12
CA LEU H 37 49.89 -13.62 6.25
C LEU H 37 50.94 -12.58 5.91
N GLU H 38 51.94 -12.45 6.79
CA GLU H 38 52.97 -11.44 6.65
C GLU H 38 54.34 -12.11 6.71
N TRP H 39 55.21 -11.78 5.77
CA TRP H 39 56.58 -12.23 5.82
C TRP H 39 57.48 -11.15 6.41
N TYR H 40 58.40 -11.56 7.26
CA TYR H 40 59.32 -10.67 7.88
C TYR H 40 60.75 -11.13 7.60
N LEU H 41 61.68 -10.19 7.57
CA LEU H 41 63.10 -10.48 7.40
C LEU H 41 63.87 -9.82 8.51
N GLN H 42 64.36 -10.63 9.44
CA GLN H 42 65.25 -10.12 10.46
C GLN H 42 66.69 -10.28 9.98
N LYS H 43 67.37 -9.15 9.78
CA LYS H 43 68.77 -9.13 9.42
C LYS H 43 69.62 -9.11 10.69
N PRO H 44 70.86 -9.64 10.63
CA PRO H 44 71.65 -9.78 11.84
C PRO H 44 71.81 -8.47 12.63
N GLY H 45 71.45 -8.54 13.92
CA GLY H 45 71.51 -7.39 14.82
C GLY H 45 70.62 -6.24 14.37
N GLN H 46 69.44 -6.60 13.83
CA GLN H 46 68.48 -5.62 13.36
C GLN H 46 67.08 -6.09 13.73
N SER H 47 66.17 -5.14 13.91
CA SER H 47 64.77 -5.43 14.18
C SER H 47 64.14 -6.04 12.93
N PRO H 48 63.20 -6.99 13.07
CA PRO H 48 62.55 -7.57 11.89
C PRO H 48 61.74 -6.53 11.12
N GLN H 49 61.71 -6.71 9.82
CA GLN H 49 61.09 -5.74 8.95
C GLN H 49 60.07 -6.47 8.08
N LEU H 50 58.90 -5.86 7.90
CA LEU H 50 57.86 -6.50 7.16
C LEU H 50 58.22 -6.48 5.68
N LEU H 51 58.18 -7.66 5.06
CA LEU H 51 58.52 -7.81 3.64
C LEU H 51 57.26 -7.93 2.79
N ILE H 52 56.46 -8.95 3.09
CA ILE H 52 55.25 -9.22 2.36
C ILE H 52 54.10 -9.22 3.37
N TYR H 53 52.96 -8.65 2.98
CA TYR H 53 51.75 -8.66 3.78
C TYR H 53 50.57 -9.04 2.89
N LYS H 54 49.57 -9.67 3.49
CA LYS H 54 48.40 -10.19 2.81
C LYS H 54 48.79 -11.10 1.65
N VAL H 55 49.81 -11.94 1.89
CA VAL H 55 50.26 -12.95 0.95
C VAL H 55 50.90 -12.36 -0.30
N SER H 56 50.12 -11.61 -1.08
CA SER H 56 50.54 -11.17 -2.40
C SER H 56 50.63 -9.64 -2.49
N ASN H 57 50.95 -8.98 -1.38
CA ASN H 57 51.16 -7.55 -1.39
C ASN H 57 52.51 -7.26 -0.73
N ARG H 58 53.23 -6.32 -1.34
CA ARG H 58 54.59 -6.03 -0.94
C ARG H 58 54.61 -4.72 -0.15
N PHE H 59 55.29 -4.76 0.99
CA PHE H 59 55.39 -3.58 1.83
C PHE H 59 56.25 -2.52 1.16
N SER H 60 55.91 -1.25 1.42
CA SER H 60 56.65 -0.13 0.87
C SER H 60 58.09 -0.15 1.38
N GLY H 61 59.02 0.11 0.46
CA GLY H 61 60.44 0.05 0.77
C GLY H 61 61.07 -1.33 0.51
N VAL H 62 60.31 -2.22 -0.13
CA VAL H 62 60.79 -3.55 -0.45
C VAL H 62 60.91 -3.66 -1.96
N PRO H 63 62.06 -4.15 -2.49
CA PRO H 63 62.23 -4.21 -3.93
C PRO H 63 61.37 -5.30 -4.56
N ASP H 64 61.19 -5.18 -5.87
CA ASP H 64 60.26 -6.00 -6.64
C ASP H 64 60.72 -7.46 -6.71
N ARG H 65 61.90 -7.74 -6.17
CA ARG H 65 62.42 -9.10 -6.19
C ARG H 65 61.50 -10.04 -5.41
N PHE H 66 61.02 -9.61 -4.23
CA PHE H 66 60.25 -10.47 -3.35
C PHE H 66 58.80 -10.51 -3.83
N SER H 67 58.23 -11.71 -3.78
CA SER H 67 56.81 -11.89 -4.10
C SER H 67 56.29 -13.07 -3.28
N GLY H 68 55.13 -12.90 -2.67
CA GLY H 68 54.51 -13.99 -1.96
C GLY H 68 53.32 -14.55 -2.74
N SER H 69 52.99 -15.81 -2.44
CA SER H 69 51.84 -16.46 -3.03
C SER H 69 51.38 -17.56 -2.09
N GLY H 70 50.30 -18.22 -2.50
CA GLY H 70 49.76 -19.33 -1.74
C GLY H 70 48.33 -19.06 -1.30
N SER H 71 47.77 -20.05 -0.61
CA SER H 71 46.40 -19.97 -0.13
C SER H 71 46.18 -21.03 0.93
N GLY H 72 45.04 -20.92 1.61
CA GLY H 72 44.64 -21.93 2.57
C GLY H 72 45.63 -22.04 3.72
N THR H 73 46.43 -23.10 3.72
CA THR H 73 47.41 -23.29 4.78
C THR H 73 48.83 -23.23 4.26
N ASP H 74 48.99 -23.30 2.94
CA ASP H 74 50.33 -23.30 2.35
C ASP H 74 50.67 -21.97 1.72
N PHE H 75 51.86 -21.45 2.00
CA PHE H 75 52.27 -20.16 1.45
C PHE H 75 53.73 -20.17 1.06
N THR H 76 54.09 -19.43 0.01
CA THR H 76 55.45 -19.47 -0.49
C THR H 76 55.93 -18.07 -0.79
N LEU H 77 57.02 -17.68 -0.12
CA LEU H 77 57.78 -16.50 -0.51
C LEU H 77 58.74 -16.89 -1.62
N LYS H 78 58.99 -15.96 -2.53
CA LYS H 78 59.79 -16.25 -3.71
C LYS H 78 60.62 -15.03 -4.06
N ILE H 79 61.93 -15.24 -4.16
CA ILE H 79 62.85 -14.19 -4.56
C ILE H 79 63.36 -14.53 -5.95
N SER H 80 63.00 -13.69 -6.94
CA SER H 80 63.36 -13.94 -8.33
C SER H 80 64.87 -13.77 -8.53
N ARG H 81 65.47 -12.77 -7.87
CA ARG H 81 66.88 -12.47 -8.02
C ARG H 81 67.52 -12.31 -6.65
N VAL H 82 68.01 -13.42 -6.09
CA VAL H 82 68.65 -13.38 -4.79
C VAL H 82 69.95 -12.59 -4.88
N GLU H 83 70.12 -11.65 -3.95
CA GLU H 83 71.30 -10.82 -3.87
C GLU H 83 71.92 -10.94 -2.50
N ALA H 84 73.03 -10.22 -2.29
CA ALA H 84 73.80 -10.32 -1.06
C ALA H 84 73.00 -9.77 0.13
N GLU H 85 72.25 -8.69 -0.10
CA GLU H 85 71.56 -8.04 1.01
C GLU H 85 70.40 -8.89 1.54
N ASP H 86 69.98 -9.91 0.78
CA ASP H 86 68.84 -10.72 1.19
C ASP H 86 69.19 -11.68 2.32
N VAL H 87 70.45 -11.76 2.71
CA VAL H 87 70.85 -12.61 3.80
C VAL H 87 70.13 -12.19 5.07
N GLY H 88 69.71 -13.19 5.85
CA GLY H 88 68.97 -12.96 7.07
C GLY H 88 67.97 -14.09 7.31
N VAL H 89 67.19 -13.96 8.36
CA VAL H 89 66.20 -14.97 8.70
C VAL H 89 64.82 -14.50 8.27
N TYR H 90 64.11 -15.37 7.56
CA TYR H 90 62.77 -15.06 7.10
C TYR H 90 61.75 -15.73 8.01
N TYR H 91 60.63 -15.05 8.28
CA TYR H 91 59.60 -15.47 9.22
C TYR H 91 58.24 -15.32 8.54
N CYS H 92 57.37 -16.29 8.72
CA CYS H 92 56.00 -16.19 8.26
C CYS H 92 55.11 -16.07 9.49
N PHE H 93 54.21 -15.08 9.47
CA PHE H 93 53.41 -14.71 10.62
C PHE H 93 51.95 -14.60 10.20
N GLN H 94 51.07 -15.24 10.98
CA GLN H 94 49.63 -15.20 10.71
C GLN H 94 49.00 -14.26 11.72
N GLY H 95 48.18 -13.34 11.18
CA GLY H 95 47.52 -12.36 12.02
C GLY H 95 46.02 -12.52 11.99
N SER H 96 45.53 -13.50 11.22
CA SER H 96 44.10 -13.65 11.02
C SER H 96 43.42 -14.03 12.33
N HIS H 97 43.91 -15.05 13.02
CA HIS H 97 43.23 -15.59 14.18
C HIS H 97 44.12 -15.50 15.40
N VAL H 98 43.55 -14.98 16.50
CA VAL H 98 44.23 -15.02 17.77
C VAL H 98 44.20 -16.45 18.30
N PRO H 99 45.34 -16.98 18.81
CA PRO H 99 46.63 -16.29 18.94
C PRO H 99 47.47 -16.28 17.67
N TRP H 100 48.28 -15.23 17.53
CA TRP H 100 49.18 -15.10 16.40
C TRP H 100 50.50 -15.82 16.70
N SER H 101 51.20 -16.17 15.62
CA SER H 101 52.44 -16.89 15.77
C SER H 101 53.31 -16.66 14.53
N PHE H 102 54.61 -16.93 14.71
CA PHE H 102 55.53 -16.93 13.60
C PHE H 102 55.89 -18.36 13.19
N GLY H 103 56.50 -18.49 12.02
CA GLY H 103 57.15 -19.69 11.59
C GLY H 103 58.46 -19.94 12.34
N GLN H 104 59.11 -21.05 12.01
CA GLN H 104 60.35 -21.42 12.68
C GLN H 104 61.51 -20.57 12.15
N GLY H 105 61.34 -19.96 10.97
CA GLY H 105 62.40 -19.11 10.42
C GLY H 105 63.31 -19.86 9.47
N THR H 106 63.61 -19.24 8.32
CA THR H 106 64.47 -19.81 7.31
C THR H 106 65.65 -18.89 7.08
N LYS H 107 66.86 -19.40 7.30
CA LYS H 107 68.06 -18.61 7.12
C LYS H 107 68.46 -18.64 5.65
N LEU H 108 68.54 -17.47 5.02
CA LEU H 108 68.92 -17.37 3.61
C LEU H 108 70.43 -17.16 3.53
N GLU H 109 71.11 -18.15 2.94
CA GLU H 109 72.56 -18.14 2.83
C GLU H 109 72.95 -17.98 1.37
N ILE H 110 74.09 -17.32 1.16
CA ILE H 110 74.58 -17.03 -0.18
C ILE H 110 75.72 -18.01 -0.50
N LYS H 111 75.60 -18.69 -1.64
CA LYS H 111 76.62 -19.60 -2.11
C LYS H 111 77.51 -18.87 -3.11
N ILE I 1 3.48 45.32 27.88
CA ILE I 1 2.74 46.28 27.08
C ILE I 1 2.37 47.51 27.89
N VAL I 2 2.92 48.66 27.52
CA VAL I 2 2.60 49.90 28.23
C VAL I 2 1.70 50.78 27.36
N MET I 3 0.55 51.16 27.90
CA MET I 3 -0.40 51.97 27.13
C MET I 3 -0.32 53.43 27.52
N THR I 4 0.04 54.28 26.56
CA THR I 4 0.09 55.71 26.83
C THR I 4 -0.98 56.40 25.99
N GLN I 5 -1.97 56.99 26.66
CA GLN I 5 -3.07 57.62 25.92
C GLN I 5 -2.81 59.09 25.66
N THR I 6 -3.01 59.51 24.41
CA THR I 6 -2.80 60.90 24.04
C THR I 6 -4.02 61.47 23.33
N PRO I 7 -4.46 62.66 23.73
CA PRO I 7 -3.79 63.44 24.77
C PRO I 7 -4.34 63.09 26.14
N LEU I 8 -3.93 63.81 27.18
CA LEU I 8 -4.48 63.59 28.50
C LEU I 8 -5.77 64.36 28.63
N SER I 9 -5.90 65.44 27.88
CA SER I 9 -7.16 66.18 27.89
C SER I 9 -7.46 66.64 26.47
N LEU I 10 -8.69 66.39 25.99
CA LEU I 10 -9.08 66.74 24.63
C LEU I 10 -10.37 67.56 24.65
N PRO I 11 -10.28 68.89 24.69
CA PRO I 11 -11.47 69.73 24.56
C PRO I 11 -11.93 69.83 23.11
N VAL I 12 -13.19 69.44 22.88
CA VAL I 12 -13.77 69.43 21.54
C VAL I 12 -15.14 70.07 21.59
N THR I 13 -15.39 70.97 20.64
CA THR I 13 -16.68 71.61 20.52
C THR I 13 -17.72 70.60 20.07
N PRO I 14 -19.00 70.73 20.49
CA PRO I 14 -19.99 69.73 20.11
C PRO I 14 -20.29 69.81 18.62
N GLY I 15 -20.33 68.64 17.97
CA GLY I 15 -20.57 68.56 16.54
C GLY I 15 -19.30 68.29 15.73
N GLU I 16 -18.15 68.74 16.25
CA GLU I 16 -16.88 68.48 15.59
C GLU I 16 -16.38 67.09 15.96
N PRO I 17 -15.62 66.43 15.08
CA PRO I 17 -15.07 65.12 15.40
C PRO I 17 -13.91 65.22 16.37
N ALA I 18 -13.64 64.12 17.07
CA ALA I 18 -12.54 64.03 18.03
C ALA I 18 -11.76 62.76 17.77
N SER I 19 -10.45 62.84 17.98
CA SER I 19 -9.55 61.70 17.81
C SER I 19 -8.72 61.51 19.07
N ILE I 20 -8.65 60.27 19.55
CA ILE I 20 -7.85 59.92 20.72
C ILE I 20 -6.90 58.81 20.31
N SER I 21 -5.62 58.99 20.61
CA SER I 21 -4.59 58.02 20.24
C SER I 21 -3.90 57.46 21.49
N CYS I 22 -3.62 56.17 21.49
CA CYS I 22 -2.85 55.62 22.60
C CYS I 22 -1.94 54.55 22.03
N ARG I 23 -0.71 54.48 22.52
CA ARG I 23 0.25 53.53 21.95
C ARG I 23 0.70 52.48 22.94
N SER I 24 1.15 51.34 22.43
CA SER I 24 1.61 50.26 23.29
C SER I 24 3.10 50.03 23.12
N SER I 25 3.81 49.89 24.23
CA SER I 25 5.24 49.68 24.16
C SER I 25 5.62 48.60 23.14
N GLN I 26 4.85 47.52 23.09
CA GLN I 26 5.08 46.42 22.16
C GLN I 26 3.77 46.11 21.46
N SER I 27 3.82 45.22 20.46
CA SER I 27 2.61 44.92 19.69
C SER I 27 1.58 44.24 20.59
N ILE I 28 0.31 44.64 20.42
CA ILE I 28 -0.79 44.04 21.13
C ILE I 28 -1.43 42.93 20.29
N VAL I 29 -0.86 42.60 19.14
CA VAL I 29 -1.32 41.45 18.39
C VAL I 29 -1.10 40.20 19.22
N HIS I 30 -2.15 39.39 19.34
CA HIS I 30 -2.11 38.17 20.12
C HIS I 30 -1.84 36.97 19.21
N SER I 31 -1.47 35.87 19.86
CA SER I 31 -1.18 34.62 19.17
C SER I 31 -2.41 34.15 18.38
N ASN I 32 -3.62 34.56 18.81
CA ASN I 32 -4.82 34.22 18.08
C ASN I 32 -4.79 34.81 16.66
N GLY I 33 -4.00 35.88 16.46
CA GLY I 33 -4.14 36.72 15.27
C GLY I 33 -5.18 37.83 15.43
N ASN I 34 -5.71 38.01 16.64
CA ASN I 34 -6.68 39.04 16.96
C ASN I 34 -6.08 40.01 17.97
N THR I 35 -6.29 41.31 17.79
CA THR I 35 -5.79 42.28 18.76
C THR I 35 -6.87 42.57 19.79
N TYR I 36 -6.55 42.41 21.06
CA TYR I 36 -7.51 42.64 22.12
C TYR I 36 -7.29 44.03 22.74
N LEU I 37 -7.79 45.05 22.01
CA LEU I 37 -7.82 46.38 22.57
C LEU I 37 -9.27 46.83 22.81
N GLU I 38 -9.54 47.36 24.00
CA GLU I 38 -10.87 47.77 24.38
C GLU I 38 -10.83 49.23 24.83
N TRP I 39 -11.81 50.01 24.40
CA TRP I 39 -11.98 51.37 24.88
C TRP I 39 -13.09 51.45 25.91
N TYR I 40 -12.85 52.19 26.97
CA TYR I 40 -13.76 52.31 28.08
C TYR I 40 -14.02 53.78 28.37
N LEU I 41 -15.22 54.05 28.89
CA LEU I 41 -15.68 55.41 29.16
C LEU I 41 -16.17 55.45 30.58
N GLN I 42 -15.46 56.19 31.42
CA GLN I 42 -15.93 56.39 32.78
C GLN I 42 -16.53 57.80 32.87
N LYS I 43 -17.82 57.85 33.25
CA LYS I 43 -18.51 59.11 33.46
C LYS I 43 -18.36 59.49 34.93
N PRO I 44 -18.52 60.79 35.26
CA PRO I 44 -18.48 61.20 36.66
C PRO I 44 -19.45 60.42 37.54
N GLY I 45 -18.88 59.77 38.58
CA GLY I 45 -19.62 58.97 39.53
C GLY I 45 -20.34 57.80 38.87
N GLN I 46 -19.63 57.11 37.96
CA GLN I 46 -20.18 55.96 37.26
C GLN I 46 -19.07 54.93 37.06
N SER I 47 -19.47 53.66 36.97
CA SER I 47 -18.54 52.60 36.61
C SER I 47 -18.23 52.70 35.13
N PRO I 48 -16.99 52.36 34.71
CA PRO I 48 -16.66 52.41 33.28
C PRO I 48 -17.46 51.40 32.48
N GLN I 49 -17.71 51.74 31.23
CA GLN I 49 -18.42 50.85 30.33
C GLN I 49 -17.62 50.70 29.05
N LEU I 50 -17.64 49.51 28.48
CA LEU I 50 -16.84 49.25 27.30
C LEU I 50 -17.48 49.95 26.12
N LEU I 51 -16.66 50.65 25.33
CA LEU I 51 -17.14 51.33 24.12
C LEU I 51 -16.77 50.54 22.88
N ILE I 52 -15.47 50.29 22.68
CA ILE I 52 -14.98 49.65 21.49
C ILE I 52 -14.11 48.48 21.92
N TYR I 53 -14.32 47.32 21.31
CA TYR I 53 -13.54 46.12 21.59
C TYR I 53 -12.97 45.56 20.30
N LYS I 54 -11.84 44.86 20.42
CA LYS I 54 -11.10 44.34 19.27
C LYS I 54 -10.81 45.44 18.25
N VAL I 55 -10.44 46.62 18.78
CA VAL I 55 -9.98 47.76 17.99
C VAL I 55 -11.11 48.36 17.16
N SER I 56 -11.71 47.59 16.27
CA SER I 56 -12.66 48.11 15.30
C SER I 56 -14.06 47.50 15.44
N ASN I 57 -14.45 47.12 16.65
CA ASN I 57 -15.77 46.59 16.91
C ASN I 57 -16.40 47.34 18.07
N ARG I 58 -17.69 47.64 17.91
CA ARG I 58 -18.41 48.45 18.88
C ARG I 58 -19.29 47.54 19.72
N PHE I 59 -19.20 47.71 21.04
CA PHE I 59 -20.04 46.94 21.95
C PHE I 59 -21.47 47.43 21.87
N SER I 60 -22.41 46.51 22.09
CA SER I 60 -23.84 46.83 22.07
C SER I 60 -24.17 47.87 23.14
N GLY I 61 -25.00 48.84 22.76
CA GLY I 61 -25.32 49.96 23.62
C GLY I 61 -24.47 51.19 23.32
N VAL I 62 -23.65 51.15 22.25
CA VAL I 62 -22.77 52.25 21.92
C VAL I 62 -23.19 52.82 20.57
N PRO I 63 -23.37 54.14 20.43
CA PRO I 63 -23.84 54.71 19.17
C PRO I 63 -22.79 54.64 18.07
N ASP I 64 -23.25 54.82 16.83
CA ASP I 64 -22.41 54.67 15.66
C ASP I 64 -21.39 55.80 15.58
N ARG I 65 -21.54 56.80 16.43
CA ARG I 65 -20.62 57.92 16.45
C ARG I 65 -19.19 57.47 16.77
N PHE I 66 -19.04 56.53 17.72
CA PHE I 66 -17.73 56.01 18.07
C PHE I 66 -17.26 55.03 17.00
N SER I 67 -15.95 55.06 16.71
CA SER I 67 -15.36 54.13 15.77
C SER I 67 -13.89 53.98 16.11
N GLY I 68 -13.39 52.76 16.16
CA GLY I 68 -12.00 52.56 16.48
C GLY I 68 -11.21 52.14 15.24
N SER I 69 -9.89 52.36 15.32
CA SER I 69 -9.00 51.97 14.25
C SER I 69 -7.60 51.85 14.81
N GLY I 70 -6.71 51.36 13.95
CA GLY I 70 -5.31 51.25 14.30
C GLY I 70 -4.84 49.81 14.22
N SER I 71 -3.54 49.64 14.48
CA SER I 71 -2.90 48.34 14.40
C SER I 71 -1.52 48.44 15.03
N GLY I 72 -0.89 47.28 15.20
CA GLY I 72 0.45 47.22 15.74
C GLY I 72 0.50 47.79 17.15
N THR I 73 1.10 48.98 17.28
CA THR I 73 1.17 49.66 18.56
C THR I 73 0.46 51.01 18.57
N ASP I 74 -0.19 51.39 17.47
CA ASP I 74 -0.84 52.68 17.36
C ASP I 74 -2.35 52.46 17.21
N PHE I 75 -3.14 53.02 18.15
CA PHE I 75 -4.57 52.86 18.07
C PHE I 75 -5.28 54.19 18.31
N THR I 76 -6.42 54.36 17.64
CA THR I 76 -7.12 55.63 17.64
C THR I 76 -8.62 55.40 17.71
N LEU I 77 -9.22 55.93 18.78
CA LEU I 77 -10.66 56.09 18.84
C LEU I 77 -11.03 57.37 18.13
N LYS I 78 -12.21 57.39 17.52
CA LYS I 78 -12.62 58.52 16.69
C LYS I 78 -14.12 58.69 16.80
N ILE I 79 -14.55 59.88 17.21
CA ILE I 79 -15.96 60.22 17.28
C ILE I 79 -16.25 61.19 16.14
N SER I 80 -17.08 60.75 15.19
CA SER I 80 -17.40 61.55 14.01
C SER I 80 -18.16 62.82 14.40
N ARG I 81 -19.13 62.68 15.33
CA ARG I 81 -19.96 63.80 15.76
C ARG I 81 -20.04 63.77 17.28
N VAL I 82 -19.12 64.51 17.93
CA VAL I 82 -19.12 64.57 19.38
C VAL I 82 -20.39 65.27 19.87
N GLU I 83 -20.99 64.66 20.91
CA GLU I 83 -22.17 65.23 21.54
C GLU I 83 -21.85 65.55 23.00
N ALA I 84 -22.83 66.17 23.68
CA ALA I 84 -22.67 66.55 25.08
C ALA I 84 -22.55 65.31 25.95
N GLU I 85 -23.23 64.21 25.57
CA GLU I 85 -23.22 63.01 26.38
C GLU I 85 -21.86 62.32 26.40
N ASP I 86 -20.96 62.68 25.48
CA ASP I 86 -19.67 62.03 25.40
C ASP I 86 -18.70 62.52 26.47
N VAL I 87 -19.14 63.43 27.34
CA VAL I 87 -18.28 63.88 28.41
C VAL I 87 -17.91 62.71 29.31
N GLY I 88 -16.61 62.62 29.61
CA GLY I 88 -16.09 61.59 30.50
C GLY I 88 -14.61 61.33 30.22
N VAL I 89 -14.07 60.33 30.90
CA VAL I 89 -12.68 59.94 30.74
C VAL I 89 -12.62 58.66 29.92
N TYR I 90 -11.73 58.64 28.93
CA TYR I 90 -11.62 57.54 27.99
C TYR I 90 -10.32 56.78 28.25
N TYR I 91 -10.39 55.45 28.15
CA TYR I 91 -9.32 54.54 28.53
C TYR I 91 -9.13 53.52 27.41
N CYS I 92 -7.89 53.20 27.08
CA CYS I 92 -7.62 52.09 26.18
C CYS I 92 -6.91 51.01 26.99
N PHE I 93 -7.36 49.77 26.79
CA PHE I 93 -7.00 48.66 27.63
C PHE I 93 -6.60 47.49 26.74
N GLN I 94 -5.45 46.89 27.07
CA GLN I 94 -4.92 45.77 26.29
C GLN I 94 -5.20 44.51 27.08
N GLY I 95 -5.83 43.53 26.40
CA GLY I 95 -6.17 42.29 27.05
C GLY I 95 -5.42 41.12 26.45
N SER I 96 -4.66 41.38 25.38
CA SER I 96 -3.98 40.32 24.67
C SER I 96 -2.96 39.61 25.60
N HIS I 97 -2.06 40.37 26.20
CA HIS I 97 -0.94 39.79 26.90
C HIS I 97 -0.96 40.19 28.38
N VAL I 98 -0.86 39.18 29.25
CA VAL I 98 -0.73 39.42 30.66
C VAL I 98 0.64 40.01 30.94
N PRO I 99 0.74 41.06 31.80
CA PRO I 99 -0.38 41.68 32.52
C PRO I 99 -1.12 42.73 31.69
N TRP I 100 -2.39 42.92 32.05
CA TRP I 100 -3.24 43.90 31.40
C TRP I 100 -3.07 45.26 32.06
N SER I 101 -3.39 46.31 31.29
CA SER I 101 -3.25 47.65 31.79
C SER I 101 -4.17 48.56 30.98
N PHE I 102 -4.50 49.71 31.59
CA PHE I 102 -5.22 50.75 30.89
C PHE I 102 -4.25 51.87 30.50
N GLY I 103 -4.67 52.68 29.52
CA GLY I 103 -4.01 53.92 29.22
C GLY I 103 -4.23 54.97 30.31
N GLN I 104 -3.52 56.08 30.20
CA GLN I 104 -3.65 57.12 31.21
C GLN I 104 -4.98 57.85 31.11
N GLY I 105 -5.69 57.68 29.98
CA GLY I 105 -7.03 58.24 29.86
C GLY I 105 -7.03 59.66 29.32
N THR I 106 -8.10 60.04 28.65
CA THR I 106 -8.28 61.40 28.18
C THR I 106 -9.65 61.91 28.60
N LYS I 107 -9.69 63.11 29.17
CA LYS I 107 -10.93 63.71 29.61
C LYS I 107 -11.48 64.56 28.47
N LEU I 108 -12.67 64.23 27.97
CA LEU I 108 -13.28 65.01 26.91
C LEU I 108 -14.04 66.20 27.49
N GLU I 109 -13.74 67.39 26.95
CA GLU I 109 -14.37 68.62 27.35
C GLU I 109 -15.12 69.20 26.16
N ILE I 110 -16.30 69.75 26.44
CA ILE I 110 -17.14 70.34 25.40
C ILE I 110 -16.97 71.86 25.44
N LYS I 111 -16.52 72.43 24.32
CA LYS I 111 -16.31 73.87 24.21
C LYS I 111 -17.57 74.54 23.68
#